data_2EWY
#
_entry.id   2EWY
#
_cell.length_a   228.407
_cell.length_b   228.407
_cell.length_c   108.964
_cell.angle_alpha   90.00
_cell.angle_beta   90.00
_cell.angle_gamma   120.00
#
_symmetry.space_group_name_H-M   'H 3'
#
loop_
_entity.id
_entity.type
_entity.pdbx_description
1 polymer 'Beta-secretase 2'
2 non-polymer N-{(1S,2R)-1-BENZYL-2-HYDROXY-3-[(3-METHYLBENZYL)AMINO]PROPYL}DIBENZO[B,F]OXEPINE-10-CARBOXAMIDE
3 water water
#
_entity_poly.entity_id   1
_entity_poly.type   'polypeptide(L)'
_entity_poly.pdbx_seq_one_letter_code
;LAMVDNLQGDSGRGYYLEMLIGTPPQKLQILVDTGSSNFAVAGTPHSYIDTYFDTERSSTYRSKGFDVTVKYTQGSWTGF
VGEDLVTIPKGFNTSFLVNIATIFESENFFLPGIKWNGILGLAYATLAKPSSSLETFFDSLVTQANIPNVFSMQMCGAGL
PVAGSGTNGGSLVLGGIEPSLYKGDIWYTPIKEEWYYQIEILKLEIGGQSLNLDCREYNADKAIVDSGTTLLRLPQKVFD
AVVEAVARASLIPEFSDGFWTGSQLACWTNSETPWSYFPKISIYLRDENSSRSFRITILPQLYIQPMMGAGLNYECYRFG
ISPSTNALVIGATVMEGFYVIFDRAQKRVGFAASPCAEIAGAAVSEISGPFSTEDVASNCVPA
;
_entity_poly.pdbx_strand_id   A,B,C,D
#
loop_
_chem_comp.id
_chem_comp.type
_chem_comp.name
_chem_comp.formula
DBO non-polymer N-{(1S,2R)-1-BENZYL-2-HYDROXY-3-[(3-METHYLBENZYL)AMINO]PROPYL}DIBENZO[B,F]OXEPINE-10-CARBOXAMIDE 'C33 H32 N2 O3'
#
# COMPACT_ATOMS: atom_id res chain seq x y z
N LEU A 1 12.60 43.32 21.87
CA LEU A 1 13.19 42.25 21.00
C LEU A 1 13.97 41.21 21.83
N ALA A 2 13.27 40.59 22.78
CA ALA A 2 13.83 39.52 23.61
C ALA A 2 12.96 38.33 23.19
N MET A 3 13.04 38.05 21.89
CA MET A 3 12.31 36.98 21.23
C MET A 3 13.31 35.87 20.96
N VAL A 4 14.46 35.98 21.61
CA VAL A 4 15.52 35.00 21.46
C VAL A 4 15.04 33.63 21.94
N ASP A 5 15.46 32.57 21.25
CA ASP A 5 15.07 31.21 21.62
C ASP A 5 13.55 31.03 21.54
N ASN A 6 12.88 31.85 20.75
CA ASN A 6 11.44 31.76 20.60
C ASN A 6 11.01 30.72 19.58
N LEU A 7 11.96 29.98 19.03
CA LEU A 7 11.65 28.95 18.04
C LEU A 7 12.12 27.57 18.48
N GLN A 8 11.33 26.54 18.21
CA GLN A 8 11.71 25.17 18.54
C GLN A 8 11.78 24.43 17.21
N GLY A 9 12.55 23.34 17.15
CA GLY A 9 12.63 22.60 15.91
C GLY A 9 14.03 22.34 15.38
N ASP A 10 14.11 21.83 14.15
CA ASP A 10 15.38 21.53 13.53
C ASP A 10 15.25 21.41 12.01
N SER A 11 16.39 21.27 11.35
CA SER A 11 16.47 21.14 9.90
C SER A 11 15.54 20.04 9.39
N GLY A 12 15.31 19.04 10.23
CA GLY A 12 14.45 17.91 9.85
C GLY A 12 13.01 18.20 9.48
N ARG A 13 12.23 18.71 10.42
CA ARG A 13 10.84 18.98 10.09
C ARG A 13 10.45 20.46 10.20
N GLY A 14 11.44 21.33 10.36
CA GLY A 14 11.16 22.76 10.41
C GLY A 14 11.20 23.40 11.78
N TYR A 15 11.22 24.73 11.78
CA TYR A 15 11.25 25.50 13.02
C TYR A 15 9.89 26.12 13.27
N TYR A 16 9.41 26.01 14.50
CA TYR A 16 8.10 26.56 14.80
C TYR A 16 8.02 27.51 15.98
N LEU A 17 7.13 28.47 15.81
CA LEU A 17 6.88 29.51 16.79
C LEU A 17 5.57 29.18 17.49
N GLU A 18 5.47 29.48 18.78
CA GLU A 18 4.24 29.21 19.50
C GLU A 18 3.38 30.46 19.55
N MET A 19 2.13 30.37 19.09
CA MET A 19 1.24 31.51 19.19
C MET A 19 -0.12 31.09 19.77
N LEU A 20 -0.78 32.04 20.44
CA LEU A 20 -2.09 31.79 21.06
C LEU A 20 -3.16 32.38 20.15
N ILE A 21 -4.18 31.58 19.86
CA ILE A 21 -5.22 32.05 18.96
C ILE A 21 -6.63 32.09 19.54
N GLY A 22 -7.36 33.15 19.20
CA GLY A 22 -8.74 33.30 19.63
C GLY A 22 -9.01 33.68 21.06
N THR A 23 -10.29 33.70 21.40
CA THR A 23 -10.76 34.04 22.74
C THR A 23 -11.77 33.04 23.27
N PRO A 24 -11.43 32.32 24.35
CA PRO A 24 -10.16 32.37 25.08
C PRO A 24 -9.03 31.91 24.16
N PRO A 25 -7.79 31.94 24.65
CA PRO A 25 -6.66 31.52 23.82
C PRO A 25 -6.50 30.02 23.63
N GLN A 26 -6.13 29.63 22.41
CA GLN A 26 -5.88 28.24 22.06
C GLN A 26 -4.41 28.22 21.63
N LYS A 27 -3.61 27.39 22.30
CA LYS A 27 -2.18 27.27 22.04
C LYS A 27 -1.87 26.47 20.78
N LEU A 28 -1.17 27.08 19.83
CA LEU A 28 -0.82 26.39 18.59
C LEU A 28 0.68 26.49 18.32
N GLN A 29 1.19 25.56 17.52
CA GLN A 29 2.60 25.56 17.18
C GLN A 29 2.77 25.83 15.67
N ILE A 30 3.15 27.06 15.32
CA ILE A 30 3.28 27.42 13.91
C ILE A 30 4.65 27.27 13.27
N LEU A 31 4.66 26.70 12.08
CA LEU A 31 5.89 26.51 11.34
C LEU A 31 6.24 27.80 10.62
N VAL A 32 7.43 28.32 10.85
CA VAL A 32 7.84 29.56 10.21
C VAL A 32 8.30 29.34 8.76
N ASP A 33 7.55 29.89 7.81
CA ASP A 33 7.87 29.71 6.40
C ASP A 33 8.06 30.98 5.61
N THR A 34 9.31 31.32 5.29
CA THR A 34 9.56 32.53 4.52
C THR A 34 9.31 32.29 3.05
N GLY A 35 8.90 31.06 2.72
CA GLY A 35 8.65 30.73 1.33
C GLY A 35 7.21 30.79 0.87
N SER A 36 6.34 31.40 1.65
CA SER A 36 4.94 31.51 1.23
C SER A 36 4.27 32.61 2.02
N SER A 37 3.00 32.88 1.74
CA SER A 37 2.33 33.97 2.42
C SER A 37 0.95 33.75 3.03
N ASN A 38 0.70 32.59 3.60
CA ASN A 38 -0.60 32.36 4.22
C ASN A 38 -0.47 31.85 5.65
N PHE A 39 -1.41 32.26 6.50
CA PHE A 39 -1.42 31.82 7.88
C PHE A 39 -2.48 30.74 7.87
N ALA A 40 -2.13 29.54 8.29
CA ALA A 40 -3.10 28.46 8.32
C ALA A 40 -2.78 27.50 9.44
N VAL A 41 -3.84 26.98 10.05
CA VAL A 41 -3.70 26.04 11.15
C VAL A 41 -4.65 24.87 10.96
N ALA A 42 -4.38 23.78 11.66
CA ALA A 42 -5.23 22.62 11.54
C ALA A 42 -6.63 23.01 11.98
N GLY A 43 -7.62 22.67 11.16
CA GLY A 43 -8.99 22.99 11.49
C GLY A 43 -9.78 21.79 11.94
N THR A 44 -9.14 20.63 11.89
CA THR A 44 -9.77 19.37 12.30
C THR A 44 -8.65 18.48 12.81
N PRO A 45 -9.00 17.36 13.46
CA PRO A 45 -7.93 16.48 13.96
C PRO A 45 -7.23 15.90 12.74
N HIS A 46 -6.00 15.43 12.90
CA HIS A 46 -5.28 14.85 11.77
C HIS A 46 -4.14 13.92 12.13
N SER A 47 -3.93 12.95 11.25
CA SER A 47 -2.92 11.92 11.44
C SER A 47 -1.68 12.23 12.26
N TYR A 48 -1.06 13.40 12.09
CA TYR A 48 0.17 13.63 12.87
C TYR A 48 0.20 14.80 13.84
N ILE A 49 -0.96 15.36 14.13
CA ILE A 49 -1.05 16.49 15.05
C ILE A 49 -1.91 16.07 16.25
N ASP A 50 -1.64 16.68 17.41
CA ASP A 50 -2.39 16.32 18.61
C ASP A 50 -3.32 17.45 19.06
N THR A 51 -3.51 18.44 18.19
CA THR A 51 -4.38 19.58 18.50
C THR A 51 -4.65 20.37 17.23
N TYR A 52 -5.69 21.20 17.27
CA TYR A 52 -6.04 22.02 16.12
C TYR A 52 -6.84 23.21 16.63
N PHE A 53 -7.01 24.22 15.79
CA PHE A 53 -7.77 25.38 16.21
C PHE A 53 -9.24 25.16 15.95
N ASP A 54 -10.06 25.28 16.99
CA ASP A 54 -11.49 25.07 16.83
C ASP A 54 -12.20 26.42 16.73
N THR A 55 -12.57 26.85 15.53
CA THR A 55 -13.23 28.14 15.41
C THR A 55 -14.47 28.31 16.26
N GLU A 56 -15.23 27.23 16.47
CA GLU A 56 -16.45 27.37 17.27
C GLU A 56 -16.24 27.74 18.74
N ARG A 57 -15.02 27.65 19.25
CA ARG A 57 -14.78 28.00 20.64
C ARG A 57 -14.14 29.36 20.85
N SER A 58 -14.05 30.17 19.79
CA SER A 58 -13.45 31.50 19.90
C SER A 58 -14.48 32.59 19.63
N SER A 59 -14.81 33.36 20.66
CA SER A 59 -15.81 34.42 20.51
C SER A 59 -15.33 35.57 19.64
N THR A 60 -14.04 35.60 19.34
CA THR A 60 -13.48 36.67 18.53
C THR A 60 -13.28 36.30 17.05
N TYR A 61 -13.63 35.08 16.69
CA TYR A 61 -13.48 34.63 15.31
C TYR A 61 -14.62 35.13 14.45
N ARG A 62 -14.30 35.64 13.27
CA ARG A 62 -15.33 36.11 12.35
C ARG A 62 -15.04 35.37 11.05
N SER A 63 -16.07 34.83 10.40
CA SER A 63 -15.83 34.11 9.15
C SER A 63 -15.78 35.10 8.00
N LYS A 64 -14.84 34.92 7.10
CA LYS A 64 -14.72 35.84 5.98
C LYS A 64 -15.59 35.41 4.80
N GLY A 65 -16.19 34.23 4.91
CA GLY A 65 -17.10 33.77 3.88
C GLY A 65 -16.64 32.90 2.73
N PHE A 66 -15.35 32.59 2.64
CA PHE A 66 -14.88 31.77 1.54
C PHE A 66 -13.74 30.84 1.91
N ASP A 67 -13.54 29.84 1.05
CA ASP A 67 -12.49 28.87 1.23
C ASP A 67 -11.27 29.29 0.39
N VAL A 68 -10.10 28.75 0.74
CA VAL A 68 -8.88 29.07 0.01
C VAL A 68 -8.05 27.81 -0.02
N THR A 69 -7.26 27.66 -1.08
CA THR A 69 -6.43 26.47 -1.19
C THR A 69 -5.03 26.82 -1.70
N VAL A 70 -4.03 26.37 -0.97
CA VAL A 70 -2.65 26.63 -1.34
C VAL A 70 -1.88 25.38 -1.70
N LYS A 71 -1.12 25.43 -2.79
CA LYS A 71 -0.30 24.28 -3.14
C LYS A 71 1.17 24.66 -3.14
N TYR A 72 1.91 24.03 -2.25
CA TYR A 72 3.33 24.29 -2.13
C TYR A 72 4.07 23.39 -3.11
N THR A 73 5.40 23.38 -3.02
CA THR A 73 6.21 22.55 -3.90
C THR A 73 5.67 21.14 -3.81
N GLN A 74 5.34 20.73 -2.60
CA GLN A 74 4.77 19.42 -2.43
C GLN A 74 3.93 19.44 -1.17
N GLY A 75 2.64 19.17 -1.37
CA GLY A 75 1.67 19.18 -0.29
C GLY A 75 0.73 20.33 -0.57
N SER A 76 -0.44 20.31 0.07
CA SER A 76 -1.41 21.36 -0.12
C SER A 76 -2.49 21.22 0.93
N TRP A 77 -3.25 22.28 1.13
CA TRP A 77 -4.35 22.24 2.07
C TRP A 77 -5.46 23.15 1.60
N THR A 78 -6.63 22.99 2.18
CA THR A 78 -7.78 23.80 1.82
C THR A 78 -8.44 24.18 3.13
N GLY A 79 -8.81 25.44 3.28
CA GLY A 79 -9.45 25.81 4.51
C GLY A 79 -10.36 27.00 4.39
N PHE A 80 -11.06 27.30 5.48
CA PHE A 80 -11.96 28.44 5.49
C PHE A 80 -11.15 29.66 5.87
N VAL A 81 -11.38 30.77 5.18
CA VAL A 81 -10.68 31.99 5.49
C VAL A 81 -11.48 32.77 6.53
N GLY A 82 -10.79 33.26 7.55
CA GLY A 82 -11.45 34.03 8.59
C GLY A 82 -10.50 34.99 9.28
N GLU A 83 -10.95 35.61 10.36
CA GLU A 83 -10.13 36.55 11.12
C GLU A 83 -10.17 36.17 12.59
N ASP A 84 -9.16 36.58 13.32
CA ASP A 84 -9.16 36.35 14.75
C ASP A 84 -7.96 37.00 15.37
N LEU A 85 -8.02 37.15 16.68
CA LEU A 85 -6.94 37.76 17.43
C LEU A 85 -5.84 36.76 17.70
N VAL A 86 -4.61 37.24 17.61
CA VAL A 86 -3.45 36.40 17.82
C VAL A 86 -2.56 37.07 18.83
N THR A 87 -1.87 36.25 19.61
CA THR A 87 -0.95 36.75 20.60
C THR A 87 0.31 35.92 20.48
N ILE A 88 1.45 36.56 20.30
CA ILE A 88 2.70 35.81 20.23
C ILE A 88 3.32 35.99 21.61
N PRO A 89 3.13 35.00 22.48
CA PRO A 89 3.63 34.97 23.86
C PRO A 89 4.91 35.75 24.08
N LYS A 90 6.01 35.19 23.58
CA LYS A 90 7.31 35.81 23.72
C LYS A 90 7.51 36.82 22.61
N GLY A 91 7.34 38.11 22.93
CA GLY A 91 7.52 39.15 21.93
C GLY A 91 6.50 40.26 21.99
N PHE A 92 5.27 39.95 21.59
CA PHE A 92 4.19 40.93 21.62
C PHE A 92 3.09 40.33 22.46
N ASN A 93 2.76 40.98 23.57
CA ASN A 93 1.72 40.46 24.44
C ASN A 93 0.42 41.24 24.28
N THR A 94 0.32 41.98 23.18
CA THR A 94 -0.86 42.77 22.86
C THR A 94 -1.44 42.28 21.53
N SER A 95 -2.40 41.37 21.63
CA SER A 95 -3.05 40.72 20.50
C SER A 95 -3.42 41.60 19.30
N PHE A 96 -3.31 41.01 18.12
CA PHE A 96 -3.66 41.73 16.90
C PHE A 96 -4.50 40.87 15.97
N LEU A 97 -5.26 41.55 15.13
CA LEU A 97 -6.17 40.91 14.21
C LEU A 97 -5.52 40.48 12.92
N VAL A 98 -5.58 39.17 12.64
CA VAL A 98 -4.97 38.65 11.42
C VAL A 98 -5.91 37.71 10.65
N ASN A 99 -5.70 37.58 9.34
CA ASN A 99 -6.51 36.66 8.55
C ASN A 99 -6.03 35.30 8.97
N ILE A 100 -6.86 34.27 8.78
CA ILE A 100 -6.45 32.95 9.19
C ILE A 100 -7.19 31.85 8.43
N ALA A 101 -6.43 30.92 7.86
CA ALA A 101 -6.96 29.80 7.11
C ALA A 101 -7.07 28.61 8.03
N THR A 102 -8.24 27.98 8.04
CA THR A 102 -8.49 26.82 8.89
C THR A 102 -8.54 25.59 7.99
N ILE A 103 -7.50 24.79 8.05
CA ILE A 103 -7.40 23.61 7.20
C ILE A 103 -8.40 22.52 7.47
N PHE A 104 -9.26 22.23 6.50
CA PHE A 104 -10.23 21.18 6.68
C PHE A 104 -9.95 20.02 5.71
N GLU A 105 -8.90 20.18 4.91
CA GLU A 105 -8.47 19.17 3.94
C GLU A 105 -7.01 19.44 3.57
N SER A 106 -6.16 18.45 3.72
CA SER A 106 -4.77 18.63 3.37
C SER A 106 -4.33 17.34 2.72
N GLU A 107 -3.22 17.39 1.98
CA GLU A 107 -2.66 16.22 1.33
C GLU A 107 -1.13 16.43 1.37
N ASN A 108 -0.43 15.46 1.94
CA ASN A 108 1.02 15.54 2.08
C ASN A 108 1.49 16.84 2.72
N PHE A 109 0.70 17.37 3.66
CA PHE A 109 1.07 18.60 4.33
C PHE A 109 1.64 18.26 5.71
N PHE A 110 0.87 17.58 6.53
CA PHE A 110 1.37 17.20 7.84
C PHE A 110 2.08 15.86 7.70
N LEU A 111 3.36 15.81 8.02
CA LEU A 111 4.13 14.57 7.92
C LEU A 111 4.31 13.99 9.31
N PRO A 112 4.85 12.77 9.40
CA PRO A 112 5.09 12.08 10.67
C PRO A 112 6.15 12.76 11.51
N GLY A 113 5.90 12.89 12.80
CA GLY A 113 6.88 13.49 13.69
C GLY A 113 6.97 15.00 13.79
N ILE A 114 6.17 15.75 13.04
CA ILE A 114 6.25 17.19 13.14
C ILE A 114 5.63 17.56 14.47
N LYS A 115 6.05 18.68 15.03
CA LYS A 115 5.47 19.09 16.31
C LYS A 115 4.59 20.32 16.11
N TRP A 116 4.52 20.80 14.88
CA TRP A 116 3.69 21.96 14.57
C TRP A 116 2.36 21.54 13.96
N ASN A 117 1.44 22.50 13.83
CA ASN A 117 0.14 22.21 13.26
C ASN A 117 -0.41 23.40 12.49
N GLY A 118 0.49 24.27 12.07
CA GLY A 118 0.06 25.44 11.33
C GLY A 118 1.30 25.99 10.67
N ILE A 119 1.11 26.81 9.64
CA ILE A 119 2.25 27.39 8.94
C ILE A 119 2.08 28.89 8.82
N LEU A 120 3.15 29.63 9.05
CA LEU A 120 3.14 31.09 8.99
C LEU A 120 3.92 31.60 7.78
N GLY A 121 3.23 32.07 6.75
CA GLY A 121 3.93 32.56 5.59
C GLY A 121 4.42 33.98 5.78
N LEU A 122 5.73 34.19 5.69
CA LEU A 122 6.30 35.54 5.87
C LEU A 122 6.76 36.17 4.57
N ALA A 123 6.27 35.67 3.44
CA ALA A 123 6.65 36.19 2.14
C ALA A 123 5.81 37.41 1.79
N TYR A 124 5.85 37.81 0.53
CA TYR A 124 5.10 38.99 0.09
C TYR A 124 3.65 38.75 -0.24
N ALA A 125 2.88 39.82 -0.26
CA ALA A 125 1.46 39.74 -0.55
C ALA A 125 1.18 39.08 -1.89
N THR A 126 1.99 39.40 -2.90
CA THR A 126 1.78 38.83 -4.22
C THR A 126 1.54 37.33 -4.16
N LEU A 127 2.34 36.63 -3.36
CA LEU A 127 2.22 35.19 -3.23
C LEU A 127 0.98 34.68 -2.50
N ALA A 128 0.31 35.57 -1.78
CA ALA A 128 -0.87 35.18 -1.03
C ALA A 128 -2.01 34.69 -1.89
N LYS A 129 -2.67 33.64 -1.41
CA LYS A 129 -3.83 33.04 -2.06
C LYS A 129 -4.97 33.30 -1.09
N PRO A 130 -6.18 33.54 -1.59
CA PRO A 130 -6.56 33.58 -3.00
C PRO A 130 -5.90 34.68 -3.80
N SER A 131 -5.54 35.78 -3.15
CA SER A 131 -4.93 36.88 -3.89
C SER A 131 -4.17 37.87 -3.03
N SER A 132 -3.43 38.74 -3.70
CA SER A 132 -2.62 39.73 -3.01
C SER A 132 -3.47 40.62 -2.12
N SER A 133 -4.77 40.34 -2.00
CA SER A 133 -5.60 41.18 -1.16
C SER A 133 -5.91 40.61 0.21
N LEU A 134 -5.48 39.37 0.47
CA LEU A 134 -5.69 38.76 1.78
C LEU A 134 -4.43 39.10 2.58
N GLU A 135 -4.41 40.30 3.16
CA GLU A 135 -3.27 40.78 3.91
C GLU A 135 -2.45 39.77 4.70
N THR A 136 -1.14 39.83 4.49
CA THR A 136 -0.16 38.97 5.14
C THR A 136 -0.15 39.07 6.66
N PHE A 137 0.16 37.97 7.33
CA PHE A 137 0.24 37.97 8.80
C PHE A 137 1.14 39.13 9.17
N PHE A 138 2.36 39.10 8.66
CA PHE A 138 3.31 40.15 8.97
C PHE A 138 2.78 41.54 8.66
N ASP A 139 2.20 41.73 7.46
CA ASP A 139 1.65 43.03 7.08
C ASP A 139 0.77 43.57 8.21
N SER A 140 -0.02 42.68 8.79
CA SER A 140 -0.89 43.10 9.87
C SER A 140 -0.04 43.48 11.05
N LEU A 141 0.78 42.55 11.50
CA LEU A 141 1.66 42.76 12.65
C LEU A 141 2.37 44.09 12.55
N VAL A 142 2.89 44.39 11.36
CA VAL A 142 3.58 45.65 11.20
C VAL A 142 2.67 46.82 11.54
N THR A 143 1.53 46.90 10.87
CA THR A 143 0.62 48.01 11.13
C THR A 143 0.14 48.12 12.56
N GLN A 144 -0.40 47.03 13.08
CA GLN A 144 -0.93 47.02 14.42
C GLN A 144 0.10 47.14 15.54
N ALA A 145 1.26 46.52 15.39
CA ALA A 145 2.28 46.61 16.42
C ALA A 145 3.14 47.84 16.17
N ASN A 146 2.89 48.50 15.05
CA ASN A 146 3.64 49.68 14.66
C ASN A 146 5.15 49.46 14.84
N ILE A 147 5.66 48.39 14.25
CA ILE A 147 7.08 48.05 14.32
C ILE A 147 7.68 48.24 12.93
N PRO A 148 9.02 48.18 12.82
CA PRO A 148 9.71 48.34 11.53
C PRO A 148 9.37 47.18 10.61
N ASN A 149 9.27 47.45 9.32
CA ASN A 149 8.92 46.43 8.35
C ASN A 149 10.15 45.54 8.08
N VAL A 150 10.56 44.84 9.14
CA VAL A 150 11.74 43.98 9.10
C VAL A 150 11.57 42.78 10.02
N PHE A 151 12.32 41.72 9.76
CA PHE A 151 12.29 40.55 10.63
C PHE A 151 13.50 39.71 10.28
N SER A 152 14.12 39.10 11.28
CA SER A 152 15.30 38.28 11.04
C SER A 152 15.12 36.90 11.66
N MET A 153 15.84 35.92 11.14
CA MET A 153 15.71 34.58 11.66
C MET A 153 17.04 33.88 11.85
N GLN A 154 17.10 33.04 12.88
CA GLN A 154 18.32 32.31 13.18
C GLN A 154 17.96 30.89 13.60
N MET A 155 18.40 29.92 12.82
CA MET A 155 18.11 28.53 13.15
C MET A 155 19.35 27.86 13.72
N CYS A 156 19.17 27.10 14.80
CA CYS A 156 20.28 26.39 15.42
C CYS A 156 19.96 24.91 15.43
N GLY A 157 20.87 24.09 14.92
CA GLY A 157 20.64 22.67 14.88
C GLY A 157 21.78 22.01 14.11
N ALA A 158 22.30 20.91 14.63
CA ALA A 158 23.41 20.24 13.99
C ALA A 158 23.78 18.94 14.70
N ASN A 168 18.10 22.25 20.90
CA ASN A 168 18.11 23.70 20.68
C ASN A 168 17.20 24.07 19.51
N GLY A 169 16.82 25.33 19.43
CA GLY A 169 15.93 25.76 18.36
C GLY A 169 16.40 26.96 17.56
N GLY A 170 15.71 28.08 17.71
CA GLY A 170 16.08 29.27 16.96
C GLY A 170 15.38 30.53 17.41
N SER A 171 15.46 31.58 16.61
CA SER A 171 14.83 32.84 16.98
C SER A 171 14.20 33.54 15.81
N LEU A 172 12.96 33.97 15.98
CA LEU A 172 12.28 34.72 14.93
C LEU A 172 12.09 36.11 15.49
N VAL A 173 13.06 36.99 15.25
CA VAL A 173 12.96 38.36 15.73
C VAL A 173 12.11 39.18 14.78
N LEU A 174 10.87 39.46 15.19
CA LEU A 174 9.93 40.19 14.34
C LEU A 174 10.01 41.70 14.48
N GLY A 175 10.51 42.37 13.44
CA GLY A 175 10.59 43.82 13.49
C GLY A 175 11.95 44.42 13.80
N GLY A 176 13.02 43.64 13.66
CA GLY A 176 14.34 44.18 13.95
C GLY A 176 15.45 43.17 13.87
N ILE A 177 16.63 43.58 14.33
CA ILE A 177 17.80 42.71 14.32
C ILE A 177 18.37 42.59 15.71
N GLU A 178 18.51 41.37 16.22
CA GLU A 178 19.06 41.19 17.56
C GLU A 178 20.56 40.99 17.48
N PRO A 179 21.34 42.02 17.82
CA PRO A 179 22.80 41.96 17.77
C PRO A 179 23.48 40.87 18.58
N SER A 180 22.80 40.32 19.58
CA SER A 180 23.44 39.27 20.37
C SER A 180 23.45 37.94 19.64
N LEU A 181 22.77 37.89 18.49
CA LEU A 181 22.67 36.68 17.70
C LEU A 181 23.72 36.54 16.62
N TYR A 182 24.58 37.52 16.46
CA TYR A 182 25.58 37.40 15.41
C TYR A 182 26.85 38.19 15.68
N LYS A 183 27.97 37.60 15.32
CA LYS A 183 29.24 38.27 15.51
C LYS A 183 29.75 38.54 14.10
N GLY A 184 30.53 39.59 13.94
CA GLY A 184 31.06 39.90 12.63
C GLY A 184 30.16 40.87 11.90
N ASP A 185 30.51 41.15 10.64
CA ASP A 185 29.73 42.06 9.82
C ASP A 185 28.56 41.31 9.22
N ILE A 186 27.55 42.06 8.81
CA ILE A 186 26.37 41.47 8.19
C ILE A 186 26.28 42.01 6.77
N TRP A 187 26.37 41.10 5.79
CA TRP A 187 26.32 41.50 4.39
C TRP A 187 24.91 41.47 3.86
N TYR A 188 24.61 42.41 2.97
CA TYR A 188 23.29 42.50 2.39
C TYR A 188 23.29 42.30 0.89
N THR A 189 22.23 41.68 0.38
CA THR A 189 22.07 41.48 -1.03
C THR A 189 20.68 41.99 -1.34
N PRO A 190 20.53 42.68 -2.47
CA PRO A 190 19.25 43.24 -2.88
C PRO A 190 18.20 42.19 -3.22
N ILE A 191 16.96 42.47 -2.88
CA ILE A 191 15.87 41.57 -3.20
C ILE A 191 15.44 41.91 -4.62
N LYS A 192 15.63 40.98 -5.55
CA LYS A 192 15.29 41.23 -6.94
C LYS A 192 13.80 41.41 -7.24
N GLU A 193 12.99 40.42 -6.87
CA GLU A 193 11.54 40.52 -7.12
C GLU A 193 10.84 40.30 -5.78
N GLU A 194 9.84 41.13 -5.47
CA GLU A 194 9.14 40.98 -4.20
C GLU A 194 7.92 40.06 -4.24
N TRP A 195 8.20 38.76 -4.13
CA TRP A 195 7.18 37.71 -4.09
C TRP A 195 7.80 36.71 -3.11
N TYR A 196 8.77 35.95 -3.59
CA TYR A 196 9.53 35.06 -2.73
C TYR A 196 10.66 36.02 -2.40
N TYR A 197 11.53 35.66 -1.46
CA TYR A 197 12.64 36.56 -1.21
C TYR A 197 13.68 36.18 -2.22
N GLN A 198 13.61 36.78 -3.41
CA GLN A 198 14.54 36.47 -4.48
C GLN A 198 15.80 37.32 -4.51
N ILE A 199 16.93 36.66 -4.68
CA ILE A 199 18.20 37.35 -4.75
C ILE A 199 18.99 36.78 -5.92
N GLU A 200 20.05 37.46 -6.35
CA GLU A 200 20.80 36.92 -7.49
C GLU A 200 22.10 36.28 -7.08
N ILE A 201 22.25 35.03 -7.47
CA ILE A 201 23.45 34.26 -7.17
C ILE A 201 24.45 34.48 -8.32
N LEU A 202 25.73 34.61 -7.99
CA LEU A 202 26.70 34.81 -9.05
C LEU A 202 27.48 33.57 -9.37
N LYS A 203 28.24 33.08 -8.39
CA LYS A 203 29.04 31.87 -8.57
C LYS A 203 28.63 30.86 -7.54
N LEU A 204 29.12 29.65 -7.71
CA LEU A 204 28.85 28.55 -6.81
C LEU A 204 30.16 27.79 -6.74
N GLU A 205 30.92 28.00 -5.67
CA GLU A 205 32.21 27.35 -5.53
C GLU A 205 32.11 26.05 -4.74
N ILE A 206 33.00 25.12 -5.05
CA ILE A 206 33.03 23.84 -4.38
C ILE A 206 34.46 23.37 -4.17
N GLY A 207 34.88 23.38 -2.92
CA GLY A 207 36.25 22.99 -2.63
C GLY A 207 37.13 24.05 -3.27
N GLY A 208 36.61 25.27 -3.34
CA GLY A 208 37.36 26.37 -3.93
C GLY A 208 37.26 26.41 -5.44
N GLN A 209 36.79 25.31 -6.03
CA GLN A 209 36.66 25.24 -7.48
C GLN A 209 35.29 25.76 -7.89
N SER A 210 35.24 26.82 -8.68
CA SER A 210 33.97 27.38 -9.11
C SER A 210 33.36 26.39 -10.08
N LEU A 211 32.05 26.44 -10.29
CA LEU A 211 31.41 25.51 -11.19
C LEU A 211 31.57 25.85 -12.65
N ASN A 212 31.87 27.10 -12.94
CA ASN A 212 32.02 27.54 -14.32
C ASN A 212 30.78 27.17 -15.14
N LEU A 213 29.71 27.90 -14.88
CA LEU A 213 28.44 27.72 -15.57
C LEU A 213 27.86 29.08 -15.81
N ASP A 214 27.12 29.24 -16.91
CA ASP A 214 26.50 30.53 -17.19
C ASP A 214 25.75 30.92 -15.92
N CYS A 215 26.21 31.97 -15.25
CA CYS A 215 25.59 32.40 -14.01
C CYS A 215 24.08 32.49 -14.07
N ARG A 216 23.53 32.61 -15.28
CA ARG A 216 22.07 32.67 -15.41
C ARG A 216 21.48 31.32 -14.99
N GLU A 217 22.29 30.27 -15.09
CA GLU A 217 21.89 28.91 -14.71
C GLU A 217 21.39 28.90 -13.27
N TYR A 218 22.17 29.50 -12.38
CA TYR A 218 21.83 29.54 -10.96
C TYR A 218 20.61 30.38 -10.71
N ASN A 219 20.30 31.31 -11.59
CA ASN A 219 19.14 32.17 -11.37
C ASN A 219 17.96 31.86 -12.26
N ALA A 220 17.93 30.67 -12.82
CA ALA A 220 16.82 30.31 -13.67
C ALA A 220 15.97 29.24 -12.98
N ASP A 221 14.71 29.57 -12.74
CA ASP A 221 14.20 30.89 -13.12
C ASP A 221 14.12 31.79 -11.90
N LYS A 222 14.66 31.32 -10.77
CA LYS A 222 14.66 32.08 -9.52
C LYS A 222 15.50 31.42 -8.42
N ALA A 223 16.09 32.26 -7.57
CA ALA A 223 16.86 31.77 -6.42
C ALA A 223 16.26 32.48 -5.20
N ILE A 224 15.61 31.73 -4.33
CA ILE A 224 14.98 32.32 -3.16
C ILE A 224 15.53 31.85 -1.83
N VAL A 225 15.38 32.68 -0.80
CA VAL A 225 15.81 32.30 0.54
C VAL A 225 14.51 31.74 1.13
N ASP A 226 14.51 30.49 1.57
CA ASP A 226 13.26 29.90 2.04
C ASP A 226 13.31 28.95 3.25
N SER A 227 13.09 29.50 4.44
CA SER A 227 13.10 28.72 5.69
C SER A 227 12.09 27.56 5.64
N GLY A 228 11.07 27.73 4.80
CA GLY A 228 10.05 26.71 4.66
C GLY A 228 10.49 25.52 3.84
N THR A 229 11.73 25.51 3.39
CA THR A 229 12.25 24.39 2.61
C THR A 229 13.46 23.80 3.29
N THR A 230 13.35 22.54 3.66
CA THR A 230 14.38 21.81 4.36
C THR A 230 15.78 21.78 3.75
N LEU A 231 15.86 21.42 2.47
CA LEU A 231 17.14 21.29 1.80
C LEU A 231 17.58 22.44 0.93
N LEU A 232 18.82 22.36 0.44
CA LEU A 232 19.37 23.36 -0.46
C LEU A 232 19.05 22.74 -1.79
N ARG A 233 18.06 23.29 -2.48
CA ARG A 233 17.64 22.77 -3.77
C ARG A 233 18.29 23.53 -4.91
N LEU A 234 18.88 22.80 -5.84
CA LEU A 234 19.52 23.44 -6.97
C LEU A 234 18.91 22.88 -8.25
N PRO A 235 18.69 23.75 -9.25
CA PRO A 235 18.12 23.27 -10.51
C PRO A 235 19.03 22.19 -11.08
N GLN A 236 18.40 21.11 -11.55
CA GLN A 236 19.08 19.93 -12.10
C GLN A 236 20.50 20.09 -12.61
N LYS A 237 20.67 20.74 -13.76
CA LYS A 237 21.99 20.90 -14.34
C LYS A 237 23.04 21.27 -13.29
N VAL A 238 22.67 22.17 -12.36
CA VAL A 238 23.59 22.59 -11.31
C VAL A 238 23.80 21.47 -10.30
N PHE A 239 22.70 20.87 -9.88
CA PHE A 239 22.77 19.78 -8.93
C PHE A 239 23.81 18.78 -9.40
N ASP A 240 23.67 18.35 -10.66
CA ASP A 240 24.61 17.39 -11.21
C ASP A 240 26.04 17.90 -11.07
N ALA A 241 26.29 19.09 -11.58
CA ALA A 241 27.63 19.65 -11.49
C ALA A 241 28.14 19.55 -10.06
N VAL A 242 27.31 19.96 -9.11
CA VAL A 242 27.71 19.91 -7.72
C VAL A 242 28.01 18.50 -7.26
N VAL A 243 27.05 17.59 -7.42
CA VAL A 243 27.26 16.22 -7.02
C VAL A 243 28.57 15.69 -7.58
N GLU A 244 28.73 15.79 -8.90
CA GLU A 244 29.96 15.33 -9.53
C GLU A 244 31.14 15.89 -8.74
N ALA A 245 31.10 17.20 -8.51
CA ALA A 245 32.16 17.87 -7.78
C ALA A 245 32.37 17.27 -6.40
N VAL A 246 31.34 17.29 -5.56
CA VAL A 246 31.46 16.77 -4.21
C VAL A 246 32.02 15.37 -4.23
N ALA A 247 31.65 14.61 -5.26
CA ALA A 247 32.14 13.25 -5.39
C ALA A 247 33.64 13.24 -5.68
N ARG A 248 34.03 13.80 -6.82
CA ARG A 248 35.45 13.86 -7.20
C ARG A 248 36.38 14.20 -6.04
N ALA A 249 35.96 15.15 -5.20
CA ALA A 249 36.75 15.60 -4.05
C ALA A 249 36.79 14.63 -2.88
N SER A 250 36.57 13.34 -3.15
CA SER A 250 36.59 12.30 -2.12
C SER A 250 35.98 11.03 -2.69
N LEU A 251 36.42 10.66 -3.88
CA LEU A 251 35.91 9.46 -4.55
C LEU A 251 36.18 8.23 -3.68
N ILE A 252 37.06 8.39 -2.69
CA ILE A 252 37.44 7.30 -1.80
C ILE A 252 36.24 6.62 -1.15
N PRO A 253 35.46 7.39 -0.35
CA PRO A 253 34.28 6.80 0.32
C PRO A 253 33.22 6.30 -0.66
N GLU A 254 32.41 5.33 -0.20
CA GLU A 254 31.36 4.78 -1.05
C GLU A 254 29.96 5.18 -0.60
N PHE A 255 29.46 6.24 -1.24
CA PHE A 255 28.13 6.78 -1.02
C PHE A 255 27.48 6.62 -2.41
N SER A 256 26.58 5.63 -2.53
CA SER A 256 25.89 5.30 -3.78
C SER A 256 24.99 6.41 -4.29
N ASP A 257 24.83 6.47 -5.61
CA ASP A 257 23.99 7.48 -6.23
C ASP A 257 22.62 7.60 -5.58
N GLY A 258 22.21 6.58 -4.84
CA GLY A 258 20.93 6.64 -4.16
C GLY A 258 20.99 7.67 -3.05
N PHE A 259 22.16 7.77 -2.44
CA PHE A 259 22.42 8.71 -1.36
C PHE A 259 22.19 10.13 -1.84
N TRP A 260 22.71 10.43 -3.03
CA TRP A 260 22.57 11.76 -3.63
C TRP A 260 21.11 12.10 -3.93
N THR A 261 20.37 11.10 -4.37
CA THR A 261 18.96 11.27 -4.72
C THR A 261 18.15 11.51 -3.46
N GLY A 262 18.67 11.05 -2.32
CA GLY A 262 17.96 11.22 -1.08
C GLY A 262 17.09 10.00 -0.78
N SER A 263 17.13 9.03 -1.69
CA SER A 263 16.36 7.81 -1.52
C SER A 263 16.88 7.04 -0.31
N GLN A 264 18.19 7.11 -0.09
CA GLN A 264 18.79 6.39 1.02
C GLN A 264 19.62 7.25 1.95
N LEU A 265 20.05 6.65 3.06
CA LEU A 265 20.89 7.32 4.05
C LEU A 265 22.09 6.43 4.21
N ALA A 266 23.26 7.00 4.45
CA ALA A 266 24.46 6.21 4.64
C ALA A 266 24.74 6.09 6.13
N CYS A 267 25.03 4.88 6.62
CA CYS A 267 25.32 4.75 8.05
C CYS A 267 26.78 4.46 8.33
N TRP A 268 27.33 5.16 9.32
CA TRP A 268 28.72 4.99 9.69
C TRP A 268 28.83 4.12 10.93
N THR A 269 29.75 3.17 10.89
CA THR A 269 29.97 2.23 11.99
C THR A 269 31.13 2.63 12.90
N ASN A 270 31.80 3.72 12.57
CA ASN A 270 32.94 4.17 13.37
C ASN A 270 32.66 5.46 14.12
N SER A 271 33.42 5.70 15.18
CA SER A 271 33.26 6.90 16.00
C SER A 271 33.71 8.19 15.28
N GLU A 272 34.50 8.03 14.22
CA GLU A 272 35.00 9.17 13.47
C GLU A 272 33.97 9.60 12.45
N THR A 273 33.68 10.90 12.39
CA THR A 273 32.72 11.43 11.43
C THR A 273 33.39 11.50 10.07
N PRO A 274 32.61 11.30 9.01
CA PRO A 274 33.08 11.34 7.63
C PRO A 274 33.13 12.75 7.07
N TRP A 275 33.18 13.75 7.94
CA TRP A 275 33.19 15.12 7.44
C TRP A 275 34.47 15.60 6.81
N SER A 276 35.60 15.30 7.43
CA SER A 276 36.89 15.73 6.91
C SER A 276 37.14 15.34 5.44
N TYR A 277 36.29 14.47 4.89
CA TYR A 277 36.47 14.02 3.52
C TYR A 277 35.70 14.75 2.43
N PHE A 278 34.78 15.63 2.84
CA PHE A 278 33.99 16.41 1.90
C PHE A 278 34.50 17.84 1.79
N PRO A 279 34.23 18.49 0.67
CA PRO A 279 34.63 19.87 0.38
C PRO A 279 33.66 20.89 0.93
N LYS A 280 34.07 22.16 1.00
CA LYS A 280 33.19 23.23 1.47
C LYS A 280 32.35 23.62 0.27
N ILE A 281 31.20 24.24 0.50
CA ILE A 281 30.36 24.68 -0.60
C ILE A 281 30.09 26.15 -0.40
N SER A 282 30.35 26.96 -1.43
CA SER A 282 30.13 28.39 -1.31
C SER A 282 29.23 28.98 -2.38
N ILE A 283 28.45 29.97 -1.97
CA ILE A 283 27.54 30.67 -2.86
C ILE A 283 27.88 32.14 -2.87
N TYR A 284 28.10 32.71 -4.06
CA TYR A 284 28.41 34.13 -4.15
C TYR A 284 27.16 34.95 -4.47
N LEU A 285 26.91 35.98 -3.66
CA LEU A 285 25.75 36.85 -3.88
C LEU A 285 26.24 38.27 -4.17
N ARG A 286 25.57 38.95 -5.09
CA ARG A 286 25.98 40.31 -5.44
C ARG A 286 25.73 41.23 -4.26
N ASP A 287 26.70 42.09 -3.94
CA ASP A 287 26.50 43.00 -2.83
C ASP A 287 25.64 44.16 -3.30
N GLU A 288 25.16 45.00 -2.40
CA GLU A 288 24.33 46.14 -2.82
C GLU A 288 25.12 47.03 -3.78
N ASN A 289 26.45 46.91 -3.71
CA ASN A 289 27.36 47.67 -4.55
C ASN A 289 27.81 46.80 -5.74
N SER A 290 26.99 46.78 -6.78
CA SER A 290 27.24 46.00 -7.99
C SER A 290 28.67 45.46 -8.20
N SER A 291 29.64 46.35 -8.20
CA SER A 291 31.02 45.97 -8.41
C SER A 291 31.59 44.89 -7.48
N ARG A 292 30.97 44.71 -6.31
CA ARG A 292 31.44 43.72 -5.36
C ARG A 292 30.41 42.65 -5.09
N SER A 293 30.82 41.60 -4.39
CA SER A 293 29.97 40.49 -4.03
C SER A 293 30.57 39.94 -2.76
N PHE A 294 29.82 39.14 -2.03
CA PHE A 294 30.33 38.54 -0.82
C PHE A 294 29.97 37.08 -0.94
N ARG A 295 30.50 36.22 -0.09
CA ARG A 295 30.15 34.82 -0.23
C ARG A 295 29.87 34.14 1.08
N ILE A 296 28.80 33.32 1.10
CA ILE A 296 28.41 32.54 2.27
C ILE A 296 28.91 31.12 2.04
N THR A 297 29.29 30.44 3.11
CA THR A 297 29.82 29.10 2.98
C THR A 297 29.39 28.15 4.07
N ILE A 298 29.13 26.92 3.69
CA ILE A 298 28.73 25.92 4.66
C ILE A 298 29.73 24.78 4.60
N LEU A 299 30.17 24.29 5.75
CA LEU A 299 31.09 23.16 5.75
C LEU A 299 30.22 21.90 5.67
N PRO A 300 30.82 20.73 5.41
CA PRO A 300 30.03 19.49 5.32
C PRO A 300 29.14 19.15 6.51
N GLN A 301 29.44 19.66 7.70
CA GLN A 301 28.60 19.35 8.82
C GLN A 301 27.18 19.83 8.54
N LEU A 302 27.04 20.80 7.65
CA LEU A 302 25.72 21.31 7.36
C LEU A 302 25.02 20.63 6.20
N TYR A 303 25.75 19.94 5.33
CA TYR A 303 25.10 19.29 4.20
C TYR A 303 25.24 17.77 4.13
N ILE A 304 25.93 17.20 5.11
CA ILE A 304 26.06 15.76 5.24
C ILE A 304 25.49 15.66 6.65
N GLN A 305 24.17 15.82 6.73
CA GLN A 305 23.42 15.84 7.98
C GLN A 305 23.19 14.48 8.61
N PRO A 306 23.49 14.34 9.90
CA PRO A 306 23.35 13.11 10.68
C PRO A 306 21.95 12.83 11.24
N MET A 307 21.65 11.53 11.37
CA MET A 307 20.38 11.04 11.89
C MET A 307 20.69 10.06 13.03
N MET A 308 19.71 9.86 13.92
CA MET A 308 19.84 8.96 15.06
C MET A 308 20.52 7.67 14.66
N GLY A 309 21.47 7.23 15.49
CA GLY A 309 22.22 6.02 15.24
C GLY A 309 21.46 4.75 14.97
N ALA A 310 20.98 4.10 16.04
CA ALA A 310 20.23 2.84 15.92
C ALA A 310 21.09 1.66 15.44
N GLY A 311 21.01 0.56 16.18
CA GLY A 311 21.77 -0.62 15.83
C GLY A 311 23.20 -0.54 16.29
N LEU A 312 24.09 -1.00 15.42
CA LEU A 312 25.52 -1.01 15.71
C LEU A 312 26.17 0.19 15.04
N ASN A 313 25.33 1.10 14.53
CA ASN A 313 25.79 2.31 13.84
C ASN A 313 25.83 3.51 14.77
N TYR A 314 26.83 4.37 14.62
CA TYR A 314 26.88 5.55 15.46
C TYR A 314 25.80 6.48 14.97
N GLU A 315 25.67 6.59 13.65
CA GLU A 315 24.65 7.41 13.04
C GLU A 315 24.59 7.21 11.54
N CYS A 316 23.55 7.76 10.93
CA CYS A 316 23.39 7.67 9.50
C CYS A 316 23.29 9.09 8.99
N TYR A 317 23.66 9.32 7.75
CA TYR A 317 23.62 10.67 7.22
C TYR A 317 22.83 10.78 5.96
N ARG A 318 22.14 11.91 5.80
CA ARG A 318 21.37 12.17 4.58
C ARG A 318 22.08 13.29 3.83
N PHE A 319 21.88 13.37 2.52
CA PHE A 319 22.50 14.41 1.72
C PHE A 319 21.63 15.66 1.84
N GLY A 320 22.21 16.77 2.27
CA GLY A 320 21.44 17.98 2.44
C GLY A 320 21.18 18.78 1.17
N ILE A 321 21.41 18.17 0.02
CA ILE A 321 21.19 18.87 -1.23
C ILE A 321 20.26 18.08 -2.14
N SER A 322 19.29 18.78 -2.70
CA SER A 322 18.29 18.16 -3.56
C SER A 322 18.20 18.88 -4.90
N PRO A 323 17.87 18.14 -5.97
CA PRO A 323 17.73 18.68 -7.32
C PRO A 323 16.34 19.28 -7.52
N SER A 324 16.27 20.41 -8.21
CA SER A 324 14.99 21.07 -8.48
C SER A 324 14.73 21.14 -9.95
N THR A 325 13.46 21.33 -10.31
CA THR A 325 13.06 21.44 -11.71
C THR A 325 13.25 22.87 -12.20
N ASN A 326 12.64 23.82 -11.49
CA ASN A 326 12.75 25.23 -11.84
C ASN A 326 12.84 26.09 -10.61
N ALA A 327 14.05 26.33 -10.11
CA ALA A 327 14.29 27.17 -8.93
C ALA A 327 15.48 26.74 -8.09
N LEU A 328 16.17 27.73 -7.53
CA LEU A 328 17.30 27.48 -6.67
C LEU A 328 16.82 27.91 -5.30
N VAL A 329 16.57 26.95 -4.42
CA VAL A 329 16.06 27.26 -3.10
C VAL A 329 17.06 27.12 -1.97
N ILE A 330 17.44 28.26 -1.40
CA ILE A 330 18.37 28.28 -0.31
C ILE A 330 17.54 28.01 0.92
N GLY A 331 17.42 26.73 1.28
CA GLY A 331 16.64 26.35 2.44
C GLY A 331 17.39 26.21 3.74
N ALA A 332 16.81 25.45 4.66
CA ALA A 332 17.37 25.19 5.98
C ALA A 332 18.83 24.77 5.99
N THR A 333 19.18 23.77 5.19
CA THR A 333 20.56 23.33 5.24
C THR A 333 21.54 24.48 5.07
N VAL A 334 21.14 25.54 4.39
CA VAL A 334 22.07 26.67 4.26
C VAL A 334 21.81 27.73 5.30
N MET A 335 20.54 28.04 5.56
CA MET A 335 20.23 29.05 6.54
C MET A 335 20.66 28.65 7.94
N GLU A 336 20.77 27.34 8.18
CA GLU A 336 21.14 26.86 9.50
C GLU A 336 22.50 27.36 9.89
N GLY A 337 23.24 27.92 8.93
CA GLY A 337 24.56 28.40 9.22
C GLY A 337 24.67 29.90 9.38
N PHE A 338 23.60 30.63 9.14
CA PHE A 338 23.67 32.07 9.27
C PHE A 338 22.49 32.69 9.96
N TYR A 339 22.59 34.00 10.15
CA TYR A 339 21.54 34.80 10.76
C TYR A 339 21.02 35.55 9.57
N VAL A 340 19.82 35.22 9.12
CA VAL A 340 19.25 35.89 7.97
C VAL A 340 18.33 37.05 8.31
N ILE A 341 18.58 38.18 7.66
CA ILE A 341 17.80 39.38 7.91
C ILE A 341 16.94 39.73 6.72
N PHE A 342 15.63 39.65 6.88
CA PHE A 342 14.70 39.98 5.80
C PHE A 342 14.29 41.43 5.95
N ASP A 343 15.09 42.30 5.34
CA ASP A 343 14.89 43.75 5.40
C ASP A 343 13.93 44.17 4.30
N ARG A 344 12.66 43.85 4.48
CA ARG A 344 11.66 44.19 3.49
C ARG A 344 11.60 45.69 3.21
N ALA A 345 11.87 46.49 4.25
CA ALA A 345 11.85 47.94 4.11
C ALA A 345 12.86 48.48 3.10
N GLN A 346 14.10 48.04 3.22
CA GLN A 346 15.17 48.49 2.32
C GLN A 346 15.44 47.51 1.18
N LYS A 347 14.43 46.70 0.86
CA LYS A 347 14.50 45.74 -0.23
C LYS A 347 15.82 44.99 -0.28
N ARG A 348 16.18 44.32 0.80
CA ARG A 348 17.44 43.60 0.81
C ARG A 348 17.42 42.49 1.84
N VAL A 349 18.29 41.53 1.66
CA VAL A 349 18.40 40.40 2.56
C VAL A 349 19.83 40.35 3.06
N GLY A 350 20.01 40.27 4.38
CA GLY A 350 21.37 40.22 4.88
C GLY A 350 21.71 38.92 5.57
N PHE A 351 22.98 38.56 5.53
CA PHE A 351 23.44 37.33 6.18
C PHE A 351 24.57 37.67 7.12
N ALA A 352 24.69 36.88 8.18
CA ALA A 352 25.75 37.07 9.15
C ALA A 352 26.12 35.73 9.75
N ALA A 353 27.41 35.56 10.01
CA ALA A 353 27.92 34.33 10.59
C ALA A 353 27.13 34.05 11.86
N SER A 354 26.51 32.88 11.94
CA SER A 354 25.71 32.51 13.10
C SER A 354 26.51 31.72 14.15
N PRO A 355 26.72 32.31 15.33
CA PRO A 355 27.47 31.72 16.44
C PRO A 355 26.97 30.33 16.82
N CYS A 356 25.68 30.20 17.08
CA CYS A 356 25.09 28.93 17.49
C CYS A 356 25.38 27.81 16.48
N ALA A 357 25.85 28.19 15.30
CA ALA A 357 26.15 27.22 14.25
C ALA A 357 27.56 26.67 14.43
N GLU A 358 27.81 26.14 15.62
CA GLU A 358 29.11 25.57 15.95
C GLU A 358 28.97 24.07 16.23
N ILE A 359 30.07 23.35 16.10
CA ILE A 359 30.12 21.91 16.35
C ILE A 359 31.47 21.60 16.99
N ALA A 360 31.47 21.43 18.31
CA ALA A 360 32.69 21.15 19.06
C ALA A 360 33.55 22.40 19.12
N GLY A 361 32.89 23.54 19.28
CA GLY A 361 33.59 24.81 19.36
C GLY A 361 34.17 25.23 18.02
N ALA A 362 33.71 24.59 16.96
CA ALA A 362 34.19 24.87 15.61
C ALA A 362 33.12 25.44 14.71
N ALA A 363 33.46 26.54 14.04
CA ALA A 363 32.55 27.20 13.11
C ALA A 363 32.19 26.24 12.00
N VAL A 364 30.92 26.24 11.62
CA VAL A 364 30.47 25.33 10.60
C VAL A 364 30.04 26.09 9.35
N SER A 365 30.15 27.40 9.41
CA SER A 365 29.78 28.25 8.29
C SER A 365 30.69 29.45 8.26
N GLU A 366 30.90 30.00 7.07
CA GLU A 366 31.76 31.16 6.93
C GLU A 366 31.12 32.19 6.01
N ILE A 367 31.56 33.43 6.15
CA ILE A 367 31.07 34.49 5.31
C ILE A 367 32.21 35.47 5.19
N SER A 368 32.45 35.97 3.98
CA SER A 368 33.52 36.92 3.77
C SER A 368 33.32 37.71 2.49
N GLY A 369 34.01 38.84 2.42
CA GLY A 369 33.91 39.68 1.26
C GLY A 369 34.60 41.01 1.50
N PRO A 370 34.54 41.90 0.51
CA PRO A 370 33.86 41.70 -0.76
C PRO A 370 34.84 41.21 -1.82
N PHE A 371 34.33 40.51 -2.83
CA PHE A 371 35.14 39.99 -3.92
C PHE A 371 34.79 40.80 -5.16
N SER A 372 35.67 40.86 -6.15
CA SER A 372 35.35 41.63 -7.36
C SER A 372 34.35 40.91 -8.26
N THR A 373 33.32 41.63 -8.71
CA THR A 373 32.31 41.04 -9.60
C THR A 373 32.66 41.52 -10.99
N GLU A 374 33.25 42.70 -11.06
CA GLU A 374 33.65 43.31 -12.31
C GLU A 374 34.70 42.43 -12.98
N ASP A 375 34.21 41.46 -13.76
CA ASP A 375 35.05 40.51 -14.48
C ASP A 375 34.14 39.46 -15.08
N VAL A 376 33.10 39.11 -14.32
CA VAL A 376 32.11 38.12 -14.72
C VAL A 376 30.70 38.52 -14.26
N ALA A 377 29.72 38.32 -15.15
CA ALA A 377 28.30 38.60 -14.89
C ALA A 377 27.73 39.87 -15.50
N SER A 378 27.08 40.68 -14.67
CA SER A 378 26.42 41.95 -15.03
C SER A 378 25.02 41.88 -14.43
N ASN A 379 24.30 40.84 -14.80
CA ASN A 379 22.95 40.59 -14.31
C ASN A 379 22.66 39.13 -14.60
N CYS A 380 22.68 38.31 -13.57
CA CYS A 380 22.48 36.87 -13.74
C CYS A 380 21.03 36.39 -13.67
N VAL A 381 20.08 37.32 -13.62
CA VAL A 381 18.66 36.97 -13.55
C VAL A 381 18.03 37.12 -14.94
N PRO A 382 17.91 36.01 -15.69
CA PRO A 382 17.33 36.05 -17.03
C PRO A 382 15.94 36.65 -17.05
N ALA A 383 15.65 37.41 -18.11
CA ALA A 383 14.34 38.04 -18.27
C ALA A 383 13.56 37.31 -19.39
N LEU B 1 5.25 -8.62 42.15
CA LEU B 1 5.58 -8.58 40.69
C LEU B 1 4.75 -7.51 39.95
N ALA B 2 4.91 -6.26 40.39
CA ALA B 2 4.27 -5.11 39.76
C ALA B 2 5.49 -4.32 39.26
N MET B 3 6.26 -5.00 38.42
CA MET B 3 7.47 -4.50 37.81
C MET B 3 7.14 -4.17 36.37
N VAL B 4 5.85 -4.11 36.09
CA VAL B 4 5.37 -3.79 34.76
C VAL B 4 5.81 -2.38 34.36
N ASP B 5 6.16 -2.21 33.08
CA ASP B 5 6.61 -0.90 32.58
C ASP B 5 7.87 -0.42 33.30
N ASN B 6 8.63 -1.37 33.85
CA ASN B 6 9.85 -1.03 34.55
C ASN B 6 11.05 -0.84 33.62
N LEU B 7 10.82 -0.96 32.31
CA LEU B 7 11.90 -0.80 31.34
C LEU B 7 11.62 0.34 30.37
N GLN B 8 12.67 1.09 30.01
CA GLN B 8 12.53 2.17 29.03
C GLN B 8 13.44 1.80 27.87
N GLY B 9 13.15 2.32 26.68
CA GLY B 9 14.00 2.01 25.54
C GLY B 9 13.29 1.48 24.31
N ASP B 10 14.07 1.00 23.34
CA ASP B 10 13.52 0.47 22.11
C ASP B 10 14.52 -0.42 21.39
N SER B 11 14.06 -1.06 20.31
CA SER B 11 14.87 -1.94 19.49
C SER B 11 16.17 -1.26 19.06
N GLY B 12 16.13 0.06 18.92
CA GLY B 12 17.28 0.81 18.49
C GLY B 12 18.55 0.76 19.33
N ARG B 13 18.48 1.21 20.57
CA ARG B 13 19.68 1.17 21.41
C ARG B 13 19.53 0.30 22.66
N GLY B 14 18.45 -0.47 22.73
CA GLY B 14 18.27 -1.36 23.87
C GLY B 14 17.29 -0.92 24.93
N TYR B 15 16.92 -1.86 25.80
CA TYR B 15 15.99 -1.58 26.88
C TYR B 15 16.74 -1.50 28.20
N TYR B 16 16.43 -0.49 28.98
CA TYR B 16 17.12 -0.34 30.25
C TYR B 16 16.27 -0.20 31.49
N LEU B 17 16.80 -0.75 32.56
CA LEU B 17 16.18 -0.78 33.86
C LEU B 17 16.87 0.25 34.73
N GLU B 18 16.12 0.93 35.61
CA GLU B 18 16.73 1.91 36.47
C GLU B 18 17.05 1.29 37.83
N MET B 19 18.30 1.38 38.26
CA MET B 19 18.64 0.87 39.59
C MET B 19 19.47 1.90 40.37
N LEU B 20 19.35 1.86 41.69
CA LEU B 20 20.06 2.77 42.58
C LEU B 20 21.27 2.05 43.15
N ILE B 21 22.44 2.67 43.07
CA ILE B 21 23.64 2.03 43.56
C ILE B 21 24.39 2.73 44.67
N GLY B 22 24.87 1.95 45.64
CA GLY B 22 25.66 2.50 46.73
C GLY B 22 24.94 3.25 47.82
N THR B 23 25.74 3.80 48.74
CA THR B 23 25.24 4.56 49.87
C THR B 23 25.97 5.88 50.04
N PRO B 24 25.27 7.02 49.88
CA PRO B 24 23.85 7.12 49.53
C PRO B 24 23.62 6.55 48.15
N PRO B 25 22.38 6.53 47.68
CA PRO B 25 22.09 5.98 46.35
C PRO B 25 22.46 6.87 45.17
N GLN B 26 22.98 6.25 44.13
CA GLN B 26 23.33 6.91 42.89
C GLN B 26 22.45 6.27 41.82
N LYS B 27 21.67 7.10 41.13
CA LYS B 27 20.74 6.63 40.12
C LYS B 27 21.43 6.28 38.80
N LEU B 28 21.28 5.03 38.35
CA LEU B 28 21.89 4.61 37.08
C LEU B 28 20.87 3.97 36.15
N GLN B 29 21.17 3.97 34.86
CA GLN B 29 20.27 3.37 33.89
C GLN B 29 20.95 2.15 33.26
N ILE B 30 20.54 0.95 33.69
CA ILE B 30 21.16 -0.28 33.18
C ILE B 30 20.51 -0.95 31.98
N LEU B 31 21.33 -1.34 31.02
CA LEU B 31 20.86 -2.01 29.83
C LEU B 31 20.68 -3.49 30.15
N VAL B 32 19.48 -4.01 29.91
CA VAL B 32 19.21 -5.42 30.19
C VAL B 32 19.75 -6.34 29.10
N ASP B 33 20.73 -7.16 29.44
CA ASP B 33 21.34 -8.04 28.45
C ASP B 33 21.33 -9.52 28.80
N THR B 34 20.46 -10.29 28.16
CA THR B 34 20.40 -11.72 28.45
C THR B 34 21.51 -12.46 27.73
N GLY B 35 22.32 -11.71 27.00
CA GLY B 35 23.41 -12.33 26.26
C GLY B 35 24.77 -12.30 26.90
N SER B 36 24.86 -11.99 28.19
CA SER B 36 26.14 -11.97 28.86
C SER B 36 25.92 -12.04 30.36
N SER B 37 27.00 -12.09 31.14
CA SER B 37 26.85 -12.24 32.57
C SER B 37 27.62 -11.33 33.50
N ASN B 38 27.79 -10.06 33.15
CA ASN B 38 28.48 -9.15 34.05
C ASN B 38 27.70 -7.88 34.32
N PHE B 39 27.83 -7.36 35.53
CA PHE B 39 27.16 -6.14 35.90
C PHE B 39 28.26 -5.11 35.80
N ALA B 40 28.04 -4.08 35.01
CA ALA B 40 29.07 -3.05 34.87
C ALA B 40 28.43 -1.71 34.58
N VAL B 41 29.02 -0.67 35.14
CA VAL B 41 28.51 0.67 34.96
C VAL B 41 29.66 1.62 34.64
N ALA B 42 29.33 2.78 34.09
CA ALA B 42 30.36 3.75 33.76
C ALA B 42 31.09 4.13 35.04
N GLY B 43 32.41 4.08 34.99
CA GLY B 43 33.20 4.42 36.15
C GLY B 43 33.86 5.78 36.02
N THR B 44 33.70 6.39 34.86
CA THR B 44 34.27 7.71 34.58
C THR B 44 33.34 8.38 33.59
N PRO B 45 33.51 9.69 33.35
CA PRO B 45 32.63 10.36 32.40
C PRO B 45 32.94 9.79 31.02
N HIS B 46 32.00 9.90 30.09
CA HIS B 46 32.26 9.37 28.74
C HIS B 46 31.40 9.97 27.64
N SER B 47 32.00 10.02 26.46
CA SER B 47 31.37 10.59 25.29
C SER B 47 29.86 10.60 25.17
N TYR B 48 29.17 9.51 25.50
CA TYR B 48 27.72 9.53 25.32
C TYR B 48 26.83 9.36 26.55
N ILE B 49 27.41 9.46 27.74
CA ILE B 49 26.66 9.30 28.97
C ILE B 49 26.73 10.60 29.75
N ASP B 50 25.71 10.88 30.57
CA ASP B 50 25.70 12.11 31.34
C ASP B 50 25.86 11.86 32.83
N THR B 51 26.27 10.64 33.18
CA THR B 51 26.46 10.27 34.58
C THR B 51 27.20 8.94 34.66
N TYR B 52 27.76 8.65 35.82
CA TYR B 52 28.49 7.41 36.02
C TYR B 52 28.51 7.12 37.50
N PHE B 53 28.87 5.90 37.87
CA PHE B 53 28.91 5.55 39.28
C PHE B 53 30.27 5.91 39.86
N ASP B 54 30.27 6.73 40.91
CA ASP B 54 31.53 7.16 41.52
C ASP B 54 31.79 6.32 42.77
N THR B 55 32.66 5.32 42.69
CA THR B 55 32.90 4.50 43.88
C THR B 55 33.33 5.28 45.12
N GLU B 56 34.07 6.36 44.94
CA GLU B 56 34.52 7.11 46.10
C GLU B 56 33.42 7.77 46.94
N ARG B 57 32.20 7.85 46.42
CA ARG B 57 31.12 8.47 47.18
C ARG B 57 30.15 7.47 47.82
N SER B 58 30.49 6.19 47.78
CA SER B 58 29.63 5.17 48.38
C SER B 58 30.29 4.49 49.56
N SER B 59 29.76 4.72 50.76
CA SER B 59 30.34 4.13 51.96
C SER B 59 30.18 2.62 52.04
N THR B 60 29.34 2.07 51.16
CA THR B 60 29.11 0.63 51.17
C THR B 60 29.88 -0.14 50.10
N TYR B 61 30.69 0.58 49.32
CA TYR B 61 31.49 -0.06 48.27
C TYR B 61 32.74 -0.69 48.86
N ARG B 62 33.04 -1.92 48.46
CA ARG B 62 34.25 -2.59 48.91
C ARG B 62 34.96 -2.99 47.63
N SER B 63 36.27 -2.78 47.55
CA SER B 63 37.01 -3.16 46.34
C SER B 63 37.37 -4.63 46.43
N LYS B 64 37.20 -5.36 45.32
CA LYS B 64 37.52 -6.77 45.33
C LYS B 64 39.00 -7.02 44.98
N GLY B 65 39.70 -5.95 44.60
CA GLY B 65 41.11 -6.08 44.32
C GLY B 65 41.65 -6.35 42.93
N PHE B 66 40.79 -6.53 41.95
CA PHE B 66 41.26 -6.80 40.60
C PHE B 66 40.41 -6.20 39.50
N ASP B 67 40.99 -6.13 38.32
CA ASP B 67 40.33 -5.59 37.15
C ASP B 67 39.76 -6.75 36.33
N VAL B 68 38.79 -6.46 35.47
CA VAL B 68 38.18 -7.47 34.63
C VAL B 68 37.89 -6.83 33.29
N THR B 69 37.93 -7.62 32.24
CA THR B 69 37.64 -7.09 30.92
C THR B 69 36.76 -8.02 30.10
N VAL B 70 35.68 -7.48 29.57
CA VAL B 70 34.76 -8.27 28.77
C VAL B 70 34.69 -7.83 27.32
N LYS B 71 34.72 -8.78 26.41
CA LYS B 71 34.59 -8.42 25.00
C LYS B 71 33.35 -9.07 24.41
N TYR B 72 32.43 -8.23 23.98
CA TYR B 72 31.19 -8.70 23.40
C TYR B 72 31.41 -8.90 21.90
N THR B 73 30.33 -9.19 21.17
CA THR B 73 30.42 -9.40 19.74
C THR B 73 31.15 -8.22 19.17
N GLN B 74 30.81 -7.03 19.65
CA GLN B 74 31.49 -5.84 19.20
C GLN B 74 31.41 -4.82 20.30
N GLY B 75 32.60 -4.43 20.76
CA GLY B 75 32.72 -3.46 21.84
C GLY B 75 33.33 -4.21 23.02
N SER B 76 33.86 -3.46 23.98
CA SER B 76 34.46 -4.08 25.15
C SER B 76 34.72 -3.01 26.17
N TRP B 77 34.92 -3.43 27.42
CA TRP B 77 35.23 -2.48 28.48
C TRP B 77 36.14 -3.16 29.49
N THR B 78 36.75 -2.35 30.34
CA THR B 78 37.64 -2.85 31.35
C THR B 78 37.30 -2.08 32.62
N GLY B 79 37.19 -2.77 33.74
CA GLY B 79 36.87 -2.06 34.94
C GLY B 79 37.34 -2.74 36.20
N PHE B 80 37.18 -2.04 37.32
CA PHE B 80 37.57 -2.60 38.59
C PHE B 80 36.40 -3.42 39.13
N VAL B 81 36.71 -4.60 39.67
CA VAL B 81 35.66 -5.43 40.22
C VAL B 81 35.49 -5.08 41.69
N GLY B 82 34.23 -4.93 42.11
CA GLY B 82 33.95 -4.61 43.50
C GLY B 82 32.57 -5.08 43.91
N GLU B 83 32.13 -4.69 45.10
CA GLU B 83 30.82 -5.05 45.62
C GLU B 83 30.10 -3.81 46.09
N ASP B 84 28.78 -3.88 46.13
CA ASP B 84 28.03 -2.77 46.66
C ASP B 84 26.57 -3.12 46.70
N LEU B 85 25.81 -2.34 47.46
CA LEU B 85 24.40 -2.57 47.60
C LEU B 85 23.64 -1.97 46.43
N VAL B 86 22.62 -2.69 45.99
CA VAL B 86 21.82 -2.25 44.88
C VAL B 86 20.37 -2.29 45.28
N THR B 87 19.58 -1.38 44.72
CA THR B 87 18.17 -1.32 44.99
C THR B 87 17.49 -1.13 43.66
N ILE B 88 16.53 -2.00 43.34
CA ILE B 88 15.81 -1.85 42.09
C ILE B 88 14.49 -1.22 42.51
N PRO B 89 14.38 0.10 42.38
CA PRO B 89 13.21 0.90 42.74
C PRO B 89 11.89 0.16 42.62
N LYS B 90 11.46 -0.05 41.38
CA LYS B 90 10.22 -0.74 41.10
C LYS B 90 10.44 -2.23 41.13
N GLY B 91 10.06 -2.88 42.23
CA GLY B 91 10.23 -4.32 42.34
C GLY B 91 10.70 -4.80 43.70
N PHE B 92 11.96 -4.53 44.01
CA PHE B 92 12.53 -4.91 45.28
C PHE B 92 13.06 -3.65 45.92
N ASN B 93 12.50 -3.28 47.07
CA ASN B 93 12.94 -2.07 47.75
C ASN B 93 13.84 -2.39 48.94
N THR B 94 14.36 -3.61 48.96
CA THR B 94 15.26 -4.07 50.01
C THR B 94 16.59 -4.46 49.38
N SER B 95 17.51 -3.50 49.38
CA SER B 95 18.84 -3.63 48.79
C SER B 95 19.59 -4.93 49.01
N PHE B 96 20.35 -5.34 48.00
CA PHE B 96 21.14 -6.55 48.08
C PHE B 96 22.54 -6.34 47.56
N LEU B 97 23.45 -7.19 48.05
CA LEU B 97 24.84 -7.11 47.71
C LEU B 97 25.20 -7.82 46.43
N VAL B 98 25.74 -7.08 45.47
CA VAL B 98 26.11 -7.67 44.18
C VAL B 98 27.52 -7.28 43.73
N ASN B 99 28.14 -8.11 42.89
CA ASN B 99 29.47 -7.77 42.38
C ASN B 99 29.21 -6.66 41.38
N ILE B 100 30.22 -5.85 41.10
CA ILE B 100 30.01 -4.75 40.18
C ILE B 100 31.31 -4.30 39.52
N ALA B 101 31.28 -4.22 38.19
CA ALA B 101 32.41 -3.80 37.39
C ALA B 101 32.27 -2.31 37.11
N THR B 102 33.33 -1.56 37.37
CA THR B 102 33.33 -0.12 37.16
C THR B 102 34.21 0.17 35.95
N ILE B 103 33.57 0.50 34.83
CA ILE B 103 34.28 0.74 33.59
C ILE B 103 35.19 1.95 33.58
N PHE B 104 36.48 1.73 33.42
CA PHE B 104 37.41 2.84 33.35
C PHE B 104 38.04 2.94 31.96
N GLU B 105 37.66 2.03 31.08
CA GLU B 105 38.14 1.98 29.71
C GLU B 105 37.15 1.17 28.87
N SER B 106 36.67 1.74 27.79
CA SER B 106 35.74 1.03 26.94
C SER B 106 36.11 1.39 25.52
N GLU B 107 35.66 0.58 24.57
CA GLU B 107 35.91 0.81 23.15
C GLU B 107 34.65 0.31 22.44
N ASN B 108 34.01 1.19 21.66
CA ASN B 108 32.79 0.84 20.94
C ASN B 108 31.72 0.23 21.84
N PHE B 109 31.66 0.68 23.09
CA PHE B 109 30.67 0.16 24.01
C PHE B 109 29.51 1.16 24.12
N PHE B 110 29.81 2.39 24.51
CA PHE B 110 28.76 3.39 24.59
C PHE B 110 28.65 4.06 23.23
N LEU B 111 27.48 3.97 22.62
CA LEU B 111 27.26 4.57 21.30
C LEU B 111 26.47 5.85 21.47
N PRO B 112 26.31 6.64 20.40
CA PRO B 112 25.57 7.90 20.42
C PRO B 112 24.09 7.69 20.66
N GLY B 113 23.50 8.52 21.49
CA GLY B 113 22.08 8.43 21.75
C GLY B 113 21.56 7.42 22.75
N ILE B 114 22.42 6.61 23.36
CA ILE B 114 21.93 5.63 24.32
C ILE B 114 21.55 6.40 25.56
N LYS B 115 20.60 5.89 26.33
CA LYS B 115 20.22 6.60 27.53
C LYS B 115 20.70 5.83 28.76
N TRP B 116 21.34 4.70 28.54
CA TRP B 116 21.86 3.89 29.63
C TRP B 116 23.35 4.12 29.83
N ASN B 117 23.90 3.61 30.92
CA ASN B 117 25.31 3.77 31.21
C ASN B 117 25.88 2.58 31.95
N GLY B 118 25.20 1.44 31.81
CA GLY B 118 25.65 0.24 32.47
C GLY B 118 24.93 -0.90 31.82
N ILE B 119 25.46 -2.11 31.97
CA ILE B 119 24.84 -3.27 31.37
C ILE B 119 24.66 -4.37 32.41
N LEU B 120 23.50 -5.01 32.39
CA LEU B 120 23.18 -6.08 33.33
C LEU B 120 23.13 -7.44 32.65
N GLY B 121 24.13 -8.27 32.86
CA GLY B 121 24.14 -9.57 32.22
C GLY B 121 23.28 -10.57 32.97
N LEU B 122 22.27 -11.12 32.32
CA LEU B 122 21.38 -12.08 32.97
C LEU B 122 21.60 -13.52 32.50
N ALA B 123 22.77 -13.78 31.90
CA ALA B 123 23.09 -15.11 31.42
C ALA B 123 23.63 -15.97 32.54
N TYR B 124 24.22 -17.11 32.18
CA TYR B 124 24.75 -18.04 33.18
C TYR B 124 26.14 -17.70 33.70
N ALA B 125 26.47 -18.27 34.85
CA ALA B 125 27.76 -18.04 35.47
C ALA B 125 28.92 -18.39 34.56
N THR B 126 28.79 -19.49 33.82
CA THR B 126 29.85 -19.92 32.93
C THR B 126 30.40 -18.75 32.11
N LEU B 127 29.49 -17.94 31.56
CA LEU B 127 29.89 -16.80 30.74
C LEU B 127 30.55 -15.65 31.47
N ALA B 128 30.44 -15.62 32.78
CA ALA B 128 31.01 -14.54 33.56
C ALA B 128 32.53 -14.48 33.49
N LYS B 129 33.03 -13.24 33.40
CA LYS B 129 34.45 -12.95 33.36
C LYS B 129 34.70 -12.19 34.65
N PRO B 130 35.87 -12.37 35.27
CA PRO B 130 36.97 -13.23 34.83
C PRO B 130 36.64 -14.72 34.81
N SER B 131 35.70 -15.14 35.63
CA SER B 131 35.37 -16.57 35.65
C SER B 131 34.04 -16.90 36.29
N SER B 132 33.61 -18.14 36.12
CA SER B 132 32.34 -18.60 36.64
C SER B 132 32.25 -18.41 38.15
N SER B 133 33.26 -17.80 38.77
CA SER B 133 33.21 -17.63 40.21
C SER B 133 32.81 -16.23 40.66
N LEU B 134 32.64 -15.31 39.72
CA LEU B 134 32.20 -13.96 40.06
C LEU B 134 30.68 -13.99 39.93
N GLU B 135 30.01 -14.44 41.00
CA GLU B 135 28.57 -14.59 41.03
C GLU B 135 27.75 -13.56 40.26
N THR B 136 26.84 -14.08 39.44
CA THR B 136 25.92 -13.31 38.61
C THR B 136 25.01 -12.38 39.41
N PHE B 137 24.67 -11.24 38.81
CA PHE B 137 23.76 -10.29 39.48
C PHE B 137 22.55 -11.09 39.91
N PHE B 138 21.90 -11.73 38.93
CA PHE B 138 20.72 -12.51 39.23
C PHE B 138 20.96 -13.56 40.31
N ASP B 139 22.05 -14.32 40.19
CA ASP B 139 22.36 -15.35 41.20
C ASP B 139 22.25 -14.76 42.59
N SER B 140 22.76 -13.54 42.75
CA SER B 140 22.69 -12.89 44.04
C SER B 140 21.25 -12.60 44.36
N LEU B 141 20.59 -11.85 43.48
CA LEU B 141 19.20 -11.48 43.68
C LEU B 141 18.37 -12.66 44.09
N VAL B 142 18.58 -13.79 43.43
CA VAL B 142 17.81 -14.96 43.79
C VAL B 142 18.02 -15.33 45.23
N THR B 143 19.27 -15.53 45.64
CA THR B 143 19.54 -15.91 47.03
C THR B 143 19.05 -14.91 48.06
N GLN B 144 19.46 -13.66 47.89
CA GLN B 144 19.08 -12.62 48.83
C GLN B 144 17.62 -12.24 48.86
N ALA B 145 16.96 -12.21 47.70
CA ALA B 145 15.55 -11.85 47.67
C ALA B 145 14.72 -13.11 47.86
N ASN B 146 15.39 -14.25 47.92
CA ASN B 146 14.73 -15.53 48.08
C ASN B 146 13.51 -15.64 47.15
N ILE B 147 13.74 -15.41 45.87
CA ILE B 147 12.68 -15.51 44.86
C ILE B 147 12.98 -16.70 43.97
N PRO B 148 12.01 -17.09 43.11
CA PRO B 148 12.17 -18.23 42.20
C PRO B 148 13.27 -17.94 41.18
N ASN B 149 14.03 -18.97 40.81
CA ASN B 149 15.11 -18.79 39.85
C ASN B 149 14.54 -18.66 38.45
N VAL B 150 13.80 -17.58 38.25
CA VAL B 150 13.13 -17.31 36.98
C VAL B 150 13.03 -15.81 36.72
N PHE B 151 12.89 -15.43 35.46
CA PHE B 151 12.70 -14.03 35.12
C PHE B 151 12.17 -13.98 33.69
N SER B 152 11.28 -13.05 33.41
CA SER B 152 10.71 -12.94 32.07
C SER B 152 10.85 -11.52 31.57
N MET B 153 10.84 -11.36 30.25
CA MET B 153 11.00 -10.03 29.68
C MET B 153 10.03 -9.76 28.54
N GLN B 154 9.60 -8.50 28.45
CA GLN B 154 8.67 -8.11 27.40
C GLN B 154 9.07 -6.75 26.87
N MET B 155 9.43 -6.69 25.60
CA MET B 155 9.82 -5.42 24.99
C MET B 155 8.71 -4.88 24.12
N CYS B 156 8.41 -3.59 24.23
CA CYS B 156 7.37 -2.97 23.42
C CYS B 156 7.99 -1.84 22.63
N GLY B 157 7.80 -1.84 21.32
CA GLY B 157 8.37 -0.81 20.48
C GLY B 157 8.09 -1.15 19.03
N ALA B 158 7.68 -0.16 18.25
CA ALA B 158 7.36 -0.41 16.85
C ALA B 158 6.99 0.89 16.12
N ASN B 168 6.97 4.13 24.55
CA ASN B 168 6.72 2.96 25.41
C ASN B 168 8.01 2.17 25.61
N GLY B 169 8.02 1.32 26.63
CA GLY B 169 9.21 0.54 26.91
C GLY B 169 9.00 -0.95 27.06
N GLY B 170 9.17 -1.46 28.27
CA GLY B 170 9.00 -2.89 28.48
C GLY B 170 8.97 -3.29 29.94
N SER B 171 9.09 -4.58 30.21
CA SER B 171 9.04 -5.06 31.58
C SER B 171 10.03 -6.17 31.85
N LEU B 172 10.78 -6.03 32.93
CA LEU B 172 11.73 -7.08 33.31
C LEU B 172 11.20 -7.63 34.61
N VAL B 173 10.35 -8.66 34.53
CA VAL B 173 9.79 -9.28 35.72
C VAL B 173 10.80 -10.27 36.30
N LEU B 174 11.45 -9.88 37.39
CA LEU B 174 12.47 -10.71 38.01
C LEU B 174 11.95 -11.69 39.04
N GLY B 175 11.99 -12.97 38.70
CA GLY B 175 11.53 -13.99 39.64
C GLY B 175 10.14 -14.57 39.39
N GLY B 176 9.59 -14.38 38.19
CA GLY B 176 8.27 -14.91 37.94
C GLY B 176 7.70 -14.54 36.58
N ILE B 177 6.42 -14.83 36.40
CA ILE B 177 5.75 -14.54 35.14
C ILE B 177 4.53 -13.68 35.40
N GLU B 178 4.44 -12.52 34.75
CA GLU B 178 3.28 -11.66 34.95
C GLU B 178 2.22 -11.96 33.92
N PRO B 179 1.15 -12.66 34.32
CA PRO B 179 0.06 -13.03 33.42
C PRO B 179 -0.65 -11.89 32.68
N SER B 180 -0.56 -10.67 33.18
CA SER B 180 -1.23 -9.57 32.50
C SER B 180 -0.47 -9.13 31.27
N LEU B 181 0.72 -9.68 31.08
CA LEU B 181 1.57 -9.32 29.95
C LEU B 181 1.41 -10.21 28.73
N TYR B 182 0.59 -11.23 28.81
CA TYR B 182 0.45 -12.10 27.66
C TYR B 182 -0.89 -12.81 27.59
N LYS B 183 -1.41 -12.92 26.37
CA LYS B 183 -2.67 -13.60 26.17
C LYS B 183 -2.32 -14.84 25.39
N GLY B 184 -3.10 -15.90 25.55
CA GLY B 184 -2.83 -17.12 24.84
C GLY B 184 -1.96 -18.06 25.64
N ASP B 185 -1.58 -19.17 25.03
CA ASP B 185 -0.74 -20.16 25.69
C ASP B 185 0.71 -19.73 25.57
N ILE B 186 1.53 -20.26 26.46
CA ILE B 186 2.96 -19.95 26.45
C ILE B 186 3.71 -21.25 26.18
N TRP B 187 4.43 -21.27 25.07
CA TRP B 187 5.18 -22.46 24.68
C TRP B 187 6.59 -22.44 25.23
N TYR B 188 7.09 -23.60 25.59
CA TYR B 188 8.44 -23.71 26.13
C TYR B 188 9.35 -24.56 25.27
N THR B 189 10.62 -24.18 25.24
CA THR B 189 11.61 -24.94 24.52
C THR B 189 12.75 -25.14 25.52
N PRO B 190 13.33 -26.33 25.51
CA PRO B 190 14.41 -26.65 26.43
C PRO B 190 15.69 -25.89 26.18
N ILE B 191 16.39 -25.52 27.25
CA ILE B 191 17.65 -24.82 27.12
C ILE B 191 18.71 -25.89 26.91
N LYS B 192 19.34 -25.90 25.74
CA LYS B 192 20.35 -26.90 25.44
C LYS B 192 21.62 -26.84 26.27
N GLU B 193 22.30 -25.69 26.26
CA GLU B 193 23.53 -25.55 27.04
C GLU B 193 23.37 -24.33 27.94
N GLU B 194 23.75 -24.44 29.21
CA GLU B 194 23.59 -23.33 30.13
C GLU B 194 24.80 -22.38 30.20
N TRP B 195 24.85 -21.47 29.24
CA TRP B 195 25.89 -20.44 29.14
C TRP B 195 25.10 -19.25 28.59
N TYR B 196 24.81 -19.28 27.30
CA TYR B 196 23.96 -18.28 26.67
C TYR B 196 22.65 -19.03 26.82
N TYR B 197 21.53 -18.39 26.54
CA TYR B 197 20.29 -19.15 26.61
C TYR B 197 20.17 -19.81 25.27
N GLN B 198 20.75 -21.00 25.15
CA GLN B 198 20.73 -21.74 23.89
C GLN B 198 19.55 -22.68 23.72
N ILE B 199 18.94 -22.63 22.54
CA ILE B 199 17.82 -23.48 22.24
C ILE B 199 18.04 -24.07 20.85
N GLU B 200 17.29 -25.11 20.47
CA GLU B 200 17.50 -25.67 19.15
C GLU B 200 16.41 -25.29 18.17
N ILE B 201 16.85 -24.71 17.06
CA ILE B 201 15.95 -24.29 16.01
C ILE B 201 15.78 -25.45 15.03
N LEU B 202 14.57 -25.66 14.53
CA LEU B 202 14.38 -26.76 13.61
C LEU B 202 14.26 -26.30 12.18
N LYS B 203 13.24 -25.50 11.88
CA LYS B 203 13.04 -24.98 10.53
C LYS B 203 13.03 -23.48 10.59
N LEU B 204 13.05 -22.87 9.42
CA LEU B 204 13.02 -21.43 9.30
C LEU B 204 12.15 -21.19 8.06
N GLU B 205 10.89 -20.83 8.27
CA GLU B 205 9.98 -20.61 7.16
C GLU B 205 9.94 -19.16 6.73
N ILE B 206 9.67 -18.94 5.46
CA ILE B 206 9.59 -17.60 4.92
C ILE B 206 8.47 -17.50 3.88
N GLY B 207 7.42 -16.79 4.24
CA GLY B 207 6.31 -16.69 3.33
C GLY B 207 5.71 -18.08 3.22
N GLY B 208 5.85 -18.84 4.30
CA GLY B 208 5.32 -20.21 4.32
C GLY B 208 6.27 -21.20 3.67
N GLN B 209 7.26 -20.71 2.94
CA GLN B 209 8.20 -21.58 2.27
C GLN B 209 9.37 -21.85 3.21
N SER B 210 9.59 -23.12 3.56
CA SER B 210 10.69 -23.46 4.46
C SER B 210 11.97 -23.25 3.68
N LEU B 211 13.08 -23.09 4.37
CA LEU B 211 14.35 -22.86 3.69
C LEU B 211 14.98 -24.10 3.14
N ASN B 212 14.59 -25.26 3.66
CA ASN B 212 15.16 -26.52 3.19
C ASN B 212 16.68 -26.47 3.27
N LEU B 213 17.18 -26.54 4.50
CA LEU B 213 18.61 -26.54 4.77
C LEU B 213 18.85 -27.50 5.90
N ASP B 214 20.00 -28.15 5.91
CA ASP B 214 20.32 -29.08 6.97
C ASP B 214 20.08 -28.32 8.28
N CYS B 215 19.05 -28.74 9.04
CA CYS B 215 18.71 -28.05 10.27
C CYS B 215 19.89 -27.77 11.18
N ARG B 216 21.00 -28.50 10.99
CA ARG B 216 22.18 -28.26 11.81
C ARG B 216 22.74 -26.87 11.45
N GLU B 217 22.44 -26.41 10.24
CA GLU B 217 22.88 -25.11 9.76
C GLU B 217 22.44 -24.00 10.72
N TYR B 218 21.17 -24.05 11.10
CA TYR B 218 20.60 -23.06 12.00
C TYR B 218 21.19 -23.15 13.39
N ASN B 219 21.69 -24.32 13.76
CA ASN B 219 22.24 -24.47 15.09
C ASN B 219 23.75 -24.54 15.14
N ALA B 220 24.40 -24.06 14.10
CA ALA B 220 25.85 -24.08 14.09
C ALA B 220 26.38 -22.65 14.21
N ASP B 221 27.14 -22.40 15.27
CA ASP B 221 27.41 -23.44 16.26
C ASP B 221 26.54 -23.25 17.48
N LYS B 222 25.59 -22.31 17.39
CA LYS B 222 24.67 -22.03 18.50
C LYS B 222 23.56 -21.04 18.11
N ALA B 223 22.40 -21.22 18.73
CA ALA B 223 21.26 -20.33 18.51
C ALA B 223 20.83 -19.86 19.91
N ILE B 224 21.03 -18.57 20.20
CA ILE B 224 20.69 -18.06 21.53
C ILE B 224 19.62 -16.99 21.53
N VAL B 225 18.93 -16.85 22.65
CA VAL B 225 17.92 -15.81 22.80
C VAL B 225 18.72 -14.69 23.45
N ASP B 226 18.80 -13.53 22.83
CA ASP B 226 19.65 -12.47 23.40
C ASP B 226 19.15 -11.01 23.30
N SER B 227 18.49 -10.54 24.37
CA SER B 227 17.96 -9.19 24.45
C SER B 227 19.07 -8.15 24.23
N GLY B 228 20.29 -8.55 24.53
CA GLY B 228 21.43 -7.66 24.38
C GLY B 228 21.88 -7.48 22.95
N THR B 229 21.17 -8.10 22.00
CA THR B 229 21.52 -7.96 20.59
C THR B 229 20.33 -7.42 19.82
N THR B 230 20.53 -6.24 19.24
CA THR B 230 19.52 -5.54 18.49
C THR B 230 18.79 -6.29 17.37
N LEU B 231 19.56 -6.89 16.47
CA LEU B 231 18.99 -7.59 15.33
C LEU B 231 18.86 -9.08 15.43
N LEU B 232 18.20 -9.67 14.43
CA LEU B 232 18.03 -11.11 14.34
C LEU B 232 19.21 -11.48 13.47
N ARG B 233 20.23 -12.06 14.09
CA ARG B 233 21.44 -12.43 13.36
C ARG B 233 21.40 -13.90 12.96
N LEU B 234 21.66 -14.15 11.68
CA LEU B 234 21.66 -15.51 11.19
C LEU B 234 23.00 -15.81 10.56
N PRO B 235 23.53 -17.03 10.79
CA PRO B 235 24.83 -17.37 10.19
C PRO B 235 24.73 -17.24 8.67
N GLN B 236 25.76 -16.62 8.10
CA GLN B 236 25.86 -16.33 6.67
C GLN B 236 25.01 -17.14 5.70
N LYS B 237 25.38 -18.41 5.49
CA LYS B 237 24.65 -19.24 4.55
C LYS B 237 23.13 -19.09 4.71
N VAL B 238 22.65 -19.00 5.95
CA VAL B 238 21.23 -18.85 6.21
C VAL B 238 20.77 -17.45 5.84
N PHE B 239 21.53 -16.47 6.27
CA PHE B 239 21.22 -15.08 5.96
C PHE B 239 20.94 -14.96 4.47
N ASP B 240 21.86 -15.46 3.67
CA ASP B 240 21.72 -15.39 2.22
C ASP B 240 20.40 -16.02 1.81
N ALA B 241 20.18 -17.27 2.20
CA ALA B 241 18.95 -17.95 1.85
C ALA B 241 17.76 -17.07 2.17
N VAL B 242 17.75 -16.51 3.38
CA VAL B 242 16.65 -15.65 3.79
C VAL B 242 16.51 -14.44 2.89
N VAL B 243 17.58 -13.67 2.75
CA VAL B 243 17.53 -12.48 1.91
C VAL B 243 16.99 -12.83 0.54
N GLU B 244 17.59 -13.81 -0.11
CA GLU B 244 17.12 -14.22 -1.42
C GLU B 244 15.60 -14.41 -1.35
N ALA B 245 15.17 -15.15 -0.36
CA ALA B 245 13.76 -15.42 -0.16
C ALA B 245 12.94 -14.15 -0.03
N VAL B 246 13.26 -13.34 0.99
CA VAL B 246 12.53 -12.11 1.22
C VAL B 246 12.46 -11.28 -0.05
N ALA B 247 13.54 -11.33 -0.84
CA ALA B 247 13.58 -10.58 -2.08
C ALA B 247 12.59 -11.16 -3.07
N ARG B 248 12.79 -12.41 -3.47
CA ARG B 248 11.91 -13.07 -4.44
C ARG B 248 10.43 -12.79 -4.19
N ALA B 249 10.03 -12.79 -2.93
CA ALA B 249 8.64 -12.55 -2.55
C ALA B 249 8.17 -11.09 -2.65
N SER B 250 8.84 -10.32 -3.49
CA SER B 250 8.49 -8.92 -3.70
C SER B 250 9.62 -8.23 -4.47
N LEU B 251 10.06 -8.88 -5.54
CA LEU B 251 11.15 -8.35 -6.36
C LEU B 251 10.76 -6.97 -6.92
N ILE B 252 9.46 -6.67 -6.84
CA ILE B 252 8.92 -5.41 -7.36
C ILE B 252 9.65 -4.18 -6.80
N PRO B 253 9.60 -3.99 -5.46
CA PRO B 253 10.28 -2.84 -4.86
C PRO B 253 11.79 -2.84 -5.04
N GLU B 254 12.41 -1.66 -5.01
CA GLU B 254 13.85 -1.56 -5.16
C GLU B 254 14.58 -1.18 -3.88
N PHE B 255 15.06 -2.21 -3.20
CA PHE B 255 15.83 -2.10 -1.97
C PHE B 255 17.18 -2.75 -2.36
N SER B 256 18.19 -1.89 -2.56
CA SER B 256 19.54 -2.30 -2.97
C SER B 256 20.25 -3.19 -1.97
N ASP B 257 21.11 -4.07 -2.47
CA ASP B 257 21.85 -4.97 -1.60
C ASP B 257 22.52 -4.27 -0.43
N GLY B 258 22.66 -2.95 -0.52
CA GLY B 258 23.26 -2.21 0.59
C GLY B 258 22.30 -2.22 1.76
N PHE B 259 21.02 -2.18 1.45
CA PHE B 259 19.95 -2.20 2.44
C PHE B 259 20.04 -3.46 3.28
N TRP B 260 20.25 -4.60 2.62
CA TRP B 260 20.36 -5.89 3.29
C TRP B 260 21.58 -5.95 4.21
N THR B 261 22.67 -5.35 3.76
CA THR B 261 23.91 -5.32 4.52
C THR B 261 23.75 -4.45 5.76
N GLY B 262 22.82 -3.51 5.69
CA GLY B 262 22.60 -2.62 6.81
C GLY B 262 23.42 -1.35 6.64
N SER B 263 24.15 -1.27 5.54
CA SER B 263 24.97 -0.11 5.25
C SER B 263 24.07 1.10 5.03
N GLN B 264 22.90 0.87 4.41
CA GLN B 264 22.00 1.96 4.13
C GLN B 264 20.59 1.74 4.66
N LEU B 265 19.77 2.78 4.56
CA LEU B 265 18.37 2.75 4.98
C LEU B 265 17.57 3.17 3.78
N ALA B 266 16.38 2.63 3.61
CA ALA B 266 15.55 3.00 2.48
C ALA B 266 14.50 3.99 2.95
N CYS B 267 14.31 5.09 2.22
CA CYS B 267 13.29 6.05 2.65
C CYS B 267 12.06 6.07 1.74
N TRP B 268 10.90 6.09 2.37
CA TRP B 268 9.64 6.08 1.63
C TRP B 268 9.07 7.49 1.58
N THR B 269 8.62 7.89 0.40
CA THR B 269 8.05 9.23 0.18
C THR B 269 6.53 9.25 0.22
N ASN B 270 5.92 8.09 0.39
CA ASN B 270 4.46 8.01 0.41
C ASN B 270 3.91 7.67 1.79
N SER B 271 2.64 8.00 2.02
CA SER B 271 1.99 7.74 3.29
C SER B 271 1.73 6.25 3.54
N GLU B 272 1.77 5.46 2.48
CA GLU B 272 1.52 4.03 2.59
C GLU B 272 2.80 3.31 2.98
N THR B 273 2.72 2.44 3.98
CA THR B 273 3.88 1.68 4.42
C THR B 273 4.14 0.55 3.43
N PRO B 274 5.40 0.18 3.25
CA PRO B 274 5.83 -0.88 2.33
C PRO B 274 5.75 -2.25 2.98
N TRP B 275 4.95 -2.40 4.02
CA TRP B 275 4.88 -3.68 4.70
C TRP B 275 4.13 -4.77 3.97
N SER B 276 2.97 -4.44 3.42
CA SER B 276 2.16 -5.42 2.71
C SER B 276 2.91 -6.19 1.61
N TYR B 277 4.12 -5.72 1.27
CA TYR B 277 4.89 -6.35 0.19
C TYR B 277 5.92 -7.40 0.62
N PHE B 278 6.17 -7.50 1.91
CA PHE B 278 7.12 -8.46 2.45
C PHE B 278 6.42 -9.67 3.04
N PRO B 279 7.11 -10.82 3.09
CA PRO B 279 6.61 -12.07 3.63
C PRO B 279 6.79 -12.17 5.15
N LYS B 280 6.10 -13.12 5.78
CA LYS B 280 6.24 -13.33 7.22
C LYS B 280 7.48 -14.18 7.38
N ILE B 281 8.07 -14.17 8.57
CA ILE B 281 9.25 -15.00 8.82
C ILE B 281 8.97 -15.83 10.04
N SER B 282 9.15 -17.14 9.93
CA SER B 282 8.89 -18.01 11.06
C SER B 282 10.04 -18.90 11.47
N ILE B 283 10.16 -19.12 12.77
CA ILE B 283 11.21 -19.96 13.33
C ILE B 283 10.58 -21.10 14.11
N TYR B 284 10.94 -22.34 13.79
CA TYR B 284 10.38 -23.48 14.50
C TYR B 284 11.33 -23.94 15.61
N LEU B 285 10.80 -24.07 16.82
CA LEU B 285 11.60 -24.52 17.97
C LEU B 285 11.02 -25.84 18.48
N ARG B 286 11.90 -26.75 18.89
CA ARG B 286 11.44 -28.04 19.39
C ARG B 286 10.71 -27.85 20.71
N ASP B 287 9.56 -28.49 20.87
CA ASP B 287 8.83 -28.35 22.12
C ASP B 287 9.48 -29.26 23.15
N GLU B 288 9.10 -29.12 24.43
CA GLU B 288 9.70 -29.99 25.45
C GLU B 288 9.41 -31.45 25.13
N ASN B 289 8.38 -31.67 24.32
CA ASN B 289 7.96 -33.01 23.89
C ASN B 289 8.51 -33.29 22.49
N SER B 290 9.76 -33.75 22.44
CA SER B 290 10.47 -34.06 21.20
C SER B 290 9.62 -34.19 19.93
N SER B 291 8.64 -35.07 19.96
CA SER B 291 7.78 -35.31 18.81
C SER B 291 7.09 -34.07 18.22
N ARG B 292 6.94 -33.03 19.01
CA ARG B 292 6.27 -31.81 18.54
C ARG B 292 7.20 -30.62 18.56
N SER B 293 6.73 -29.52 17.96
CA SER B 293 7.48 -28.28 17.89
C SER B 293 6.42 -27.22 17.78
N PHE B 294 6.79 -25.97 18.03
CA PHE B 294 5.84 -24.88 17.92
C PHE B 294 6.57 -23.84 17.09
N ARG B 295 5.88 -22.81 16.63
CA ARG B 295 6.61 -21.83 15.84
C ARG B 295 6.24 -20.40 16.18
N ILE B 296 7.25 -19.54 16.25
CA ILE B 296 7.09 -18.11 16.52
C ILE B 296 7.21 -17.40 15.18
N THR B 297 6.47 -16.31 15.02
CA THR B 297 6.48 -15.59 13.77
C THR B 297 6.43 -14.09 13.92
N ILE B 298 7.15 -13.41 13.06
CA ILE B 298 7.17 -11.96 13.09
C ILE B 298 6.71 -11.46 11.73
N LEU B 299 5.83 -10.47 11.70
CA LEU B 299 5.41 -9.91 10.42
C LEU B 299 6.46 -8.86 10.05
N PRO B 300 6.44 -8.36 8.81
CA PRO B 300 7.42 -7.35 8.39
C PRO B 300 7.51 -6.08 9.26
N GLN B 301 6.46 -5.74 9.99
CA GLN B 301 6.55 -4.55 10.80
C GLN B 301 7.68 -4.71 11.81
N LEU B 302 8.06 -5.94 12.10
CA LEU B 302 9.12 -6.14 13.06
C LEU B 302 10.51 -6.26 12.47
N TYR B 303 10.62 -6.54 11.17
CA TYR B 303 11.95 -6.66 10.57
C TYR B 303 12.27 -5.68 9.45
N ILE B 304 11.31 -4.81 9.14
CA ILE B 304 11.51 -3.73 8.17
C ILE B 304 11.16 -2.58 9.11
N GLN B 305 12.09 -2.31 10.01
CA GLN B 305 11.95 -1.30 11.06
C GLN B 305 12.12 0.13 10.58
N PRO B 306 11.16 1.01 10.95
CA PRO B 306 11.15 2.43 10.58
C PRO B 306 11.98 3.36 11.47
N MET B 307 12.47 4.43 10.85
CA MET B 307 13.29 5.46 11.50
C MET B 307 12.64 6.82 11.20
N MET B 308 12.93 7.80 12.07
CA MET B 308 12.40 9.16 11.94
C MET B 308 12.44 9.63 10.50
N GLY B 309 11.34 10.24 10.07
CA GLY B 309 11.21 10.72 8.71
C GLY B 309 12.29 11.64 8.17
N ALA B 310 12.20 12.92 8.53
CA ALA B 310 13.17 13.93 8.07
C ALA B 310 13.09 14.22 6.58
N GLY B 311 13.01 15.50 6.23
CA GLY B 311 12.93 15.91 4.84
C GLY B 311 11.52 15.78 4.29
N LEU B 312 11.45 15.30 3.07
CA LEU B 312 10.19 15.13 2.37
C LEU B 312 9.76 13.66 2.48
N ASN B 313 10.47 12.91 3.31
CA ASN B 313 10.20 11.48 3.52
C ASN B 313 9.34 11.24 4.74
N TYR B 314 8.43 10.28 4.66
CA TYR B 314 7.61 9.99 5.82
C TYR B 314 8.48 9.29 6.83
N GLU B 315 9.31 8.38 6.33
CA GLU B 315 10.25 7.66 7.19
C GLU B 315 11.21 6.82 6.36
N CYS B 316 12.22 6.31 7.04
CA CYS B 316 13.20 5.48 6.38
C CYS B 316 13.20 4.16 7.15
N TYR B 317 13.57 3.07 6.49
CA TYR B 317 13.56 1.78 7.15
C TYR B 317 14.88 1.08 7.08
N ARG B 318 15.21 0.36 8.14
CA ARG B 318 16.44 -0.43 8.19
C ARG B 318 16.03 -1.90 8.15
N PHE B 319 16.93 -2.76 7.69
CA PHE B 319 16.64 -4.19 7.65
C PHE B 319 16.93 -4.77 9.03
N GLY B 320 15.94 -5.41 9.64
CA GLY B 320 16.13 -5.96 10.97
C GLY B 320 16.86 -7.29 11.04
N ILE B 321 17.51 -7.67 9.95
CA ILE B 321 18.23 -8.94 9.94
C ILE B 321 19.67 -8.74 9.52
N SER B 322 20.58 -9.35 10.28
CA SER B 322 21.99 -9.23 10.02
C SER B 322 22.65 -10.59 9.92
N PRO B 323 23.72 -10.71 9.12
CA PRO B 323 24.47 -11.93 8.90
C PRO B 323 25.50 -12.13 10.01
N SER B 324 25.68 -13.36 10.46
CA SER B 324 26.64 -13.67 11.51
C SER B 324 27.68 -14.63 11.00
N THR B 325 28.83 -14.66 11.69
CA THR B 325 29.92 -15.57 11.32
C THR B 325 29.68 -16.94 11.93
N ASN B 326 29.50 -16.99 13.25
CA ASN B 326 29.25 -18.24 13.95
C ASN B 326 28.25 -18.06 15.07
N ALA B 327 26.97 -18.21 14.75
CA ALA B 327 25.88 -18.08 15.74
C ALA B 327 24.58 -17.53 15.18
N LEU B 328 23.48 -18.04 15.70
CA LEU B 328 22.16 -17.58 15.30
C LEU B 328 21.62 -16.85 16.51
N VAL B 329 21.58 -15.53 16.44
CA VAL B 329 21.12 -14.73 17.58
C VAL B 329 19.73 -14.15 17.44
N ILE B 330 18.83 -14.68 18.25
CA ILE B 330 17.45 -14.21 18.26
C ILE B 330 17.46 -12.99 19.14
N GLY B 331 17.67 -11.82 18.53
CA GLY B 331 17.71 -10.59 19.28
C GLY B 331 16.40 -9.83 19.37
N ALA B 332 16.53 -8.53 19.64
CA ALA B 332 15.39 -7.63 19.78
C ALA B 332 14.36 -7.69 18.66
N THR B 333 14.81 -7.61 17.42
CA THR B 333 13.83 -7.64 16.36
C THR B 333 12.87 -8.81 16.48
N VAL B 334 13.29 -9.90 17.09
CA VAL B 334 12.37 -11.01 17.23
C VAL B 334 11.70 -11.01 18.59
N MET B 335 12.45 -10.73 19.63
CA MET B 335 11.86 -10.71 20.96
C MET B 335 10.82 -9.61 21.11
N GLU B 336 10.94 -8.57 20.30
CA GLU B 336 10.01 -7.45 20.40
C GLU B 336 8.59 -7.90 20.14
N GLY B 337 8.44 -9.11 19.62
CA GLY B 337 7.11 -9.60 19.32
C GLY B 337 6.55 -10.59 20.33
N PHE B 338 7.34 -10.97 21.32
CA PHE B 338 6.84 -11.92 22.29
C PHE B 338 7.20 -11.59 23.71
N TYR B 339 6.67 -12.41 24.61
CA TYR B 339 6.93 -12.29 26.03
C TYR B 339 7.83 -13.48 26.27
N VAL B 340 9.10 -13.23 26.53
CA VAL B 340 10.04 -14.32 26.74
C VAL B 340 10.25 -14.67 28.21
N ILE B 341 10.14 -15.95 28.51
CA ILE B 341 10.31 -16.44 29.86
C ILE B 341 11.57 -17.24 30.01
N PHE B 342 12.50 -16.74 30.81
CA PHE B 342 13.77 -17.45 31.04
C PHE B 342 13.62 -18.25 32.31
N ASP B 343 13.13 -19.48 32.14
CA ASP B 343 12.89 -20.41 33.24
C ASP B 343 14.15 -21.19 33.55
N ARG B 344 15.12 -20.51 34.15
CA ARG B 344 16.38 -21.15 34.48
C ARG B 344 16.19 -22.37 35.37
N ALA B 345 15.19 -22.32 36.24
CA ALA B 345 14.92 -23.42 37.16
C ALA B 345 14.58 -24.72 36.45
N GLN B 346 13.65 -24.66 35.49
CA GLN B 346 13.23 -25.86 34.75
C GLN B 346 13.93 -25.98 33.40
N LYS B 347 15.10 -25.37 33.30
CA LYS B 347 15.92 -25.44 32.09
C LYS B 347 15.11 -25.29 30.81
N ARG B 348 14.39 -24.19 30.68
CA ARG B 348 13.60 -24.01 29.47
C ARG B 348 13.30 -22.54 29.24
N VAL B 349 12.98 -22.21 28.01
CA VAL B 349 12.66 -20.84 27.63
C VAL B 349 11.28 -20.85 27.03
N GLY B 350 10.41 -19.98 27.49
CA GLY B 350 9.06 -19.96 26.94
C GLY B 350 8.74 -18.68 26.20
N PHE B 351 7.87 -18.77 25.20
CA PHE B 351 7.46 -17.61 24.44
C PHE B 351 5.95 -17.51 24.46
N ALA B 352 5.45 -16.29 24.37
CA ALA B 352 4.02 -16.06 24.35
C ALA B 352 3.72 -14.81 23.53
N ALA B 353 2.62 -14.85 22.80
CA ALA B 353 2.20 -13.74 21.97
C ALA B 353 2.16 -12.50 22.85
N SER B 354 2.89 -11.47 22.46
CA SER B 354 2.94 -10.22 23.25
C SER B 354 1.91 -9.18 22.76
N PRO B 355 0.91 -8.88 23.59
CA PRO B 355 -0.15 -7.91 23.29
C PRO B 355 0.37 -6.56 22.85
N CYS B 356 1.26 -5.96 23.64
CA CYS B 356 1.80 -4.64 23.32
C CYS B 356 2.46 -4.60 21.94
N ALA B 357 2.67 -5.77 21.34
CA ALA B 357 3.29 -5.86 20.02
C ALA B 357 2.24 -5.71 18.94
N GLU B 358 1.49 -4.62 19.01
CA GLU B 358 0.44 -4.34 18.04
C GLU B 358 0.77 -3.06 17.26
N ILE B 359 0.17 -2.93 16.09
CA ILE B 359 0.37 -1.75 15.23
C ILE B 359 -0.96 -1.47 14.55
N ALA B 360 -1.68 -0.48 15.07
CA ALA B 360 -2.99 -0.10 14.53
C ALA B 360 -4.01 -1.17 14.91
N GLY B 361 -3.89 -1.69 16.13
CA GLY B 361 -4.81 -2.72 16.59
C GLY B 361 -4.59 -4.05 15.89
N ALA B 362 -3.44 -4.18 15.22
CA ALA B 362 -3.13 -5.39 14.49
C ALA B 362 -1.90 -6.11 15.05
N ALA B 363 -2.07 -7.42 15.26
CA ALA B 363 -1.00 -8.26 15.79
C ALA B 363 0.16 -8.23 14.82
N VAL B 364 1.36 -8.15 15.37
CA VAL B 364 2.53 -8.07 14.53
C VAL B 364 3.40 -9.32 14.69
N SER B 365 2.94 -10.23 15.53
CA SER B 365 3.66 -11.47 15.76
C SER B 365 2.65 -12.57 16.02
N GLU B 366 3.04 -13.80 15.70
CA GLU B 366 2.16 -14.94 15.91
C GLU B 366 2.92 -16.09 16.52
N ILE B 367 2.18 -16.99 17.16
CA ILE B 367 2.78 -18.17 17.75
C ILE B 367 1.71 -19.23 17.67
N SER B 368 2.10 -20.44 17.29
CA SER B 368 1.14 -21.53 17.20
C SER B 368 1.83 -22.88 17.23
N GLY B 369 1.05 -23.90 17.55
CA GLY B 369 1.58 -25.24 17.60
C GLY B 369 0.57 -26.20 18.19
N PRO B 370 0.95 -27.46 18.36
CA PRO B 370 2.26 -27.99 18.00
C PRO B 370 2.25 -28.58 16.61
N PHE B 371 3.40 -28.62 15.96
CA PHE B 371 3.53 -29.21 14.63
C PHE B 371 4.32 -30.50 14.77
N SER B 372 4.20 -31.43 13.82
CA SER B 372 4.94 -32.67 13.95
C SER B 372 6.42 -32.51 13.61
N THR B 373 7.30 -33.04 14.47
CA THR B 373 8.73 -32.97 14.23
C THR B 373 9.15 -34.31 13.69
N GLU B 374 8.42 -35.33 14.10
CA GLU B 374 8.69 -36.70 13.68
C GLU B 374 8.49 -36.80 12.16
N ASP B 375 9.56 -36.49 11.43
CA ASP B 375 9.57 -36.53 9.98
C ASP B 375 10.90 -35.95 9.51
N VAL B 376 11.34 -34.93 10.25
CA VAL B 376 12.60 -34.25 9.96
C VAL B 376 13.33 -33.85 11.26
N ALA B 377 14.65 -34.04 11.28
CA ALA B 377 15.53 -33.70 12.40
C ALA B 377 16.00 -34.86 13.27
N SER B 378 15.82 -34.70 14.59
CA SER B 378 16.21 -35.66 15.64
C SER B 378 16.96 -34.86 16.69
N ASN B 379 18.00 -34.18 16.24
CA ASN B 379 18.83 -33.32 17.08
C ASN B 379 19.60 -32.41 16.13
N CYS B 380 19.20 -31.15 16.06
CA CYS B 380 19.83 -30.21 15.16
C CYS B 380 21.02 -29.44 15.71
N VAL B 381 21.49 -29.82 16.90
CA VAL B 381 22.65 -29.17 17.51
C VAL B 381 23.90 -30.02 17.30
N PRO B 382 24.70 -29.71 16.27
CA PRO B 382 25.92 -30.47 16.01
C PRO B 382 26.86 -30.55 17.20
N ALA B 383 27.50 -31.70 17.35
CA ALA B 383 28.45 -31.91 18.44
C ALA B 383 29.88 -31.94 17.88
N LEU C 1 -42.25 10.26 -2.71
CA LEU C 1 -40.81 10.14 -3.13
C LEU C 1 -40.07 9.08 -2.32
N ALA C 2 -40.57 7.84 -2.38
CA ALA C 2 -39.95 6.69 -1.74
C ALA C 2 -39.58 5.82 -2.95
N MET C 3 -38.75 6.43 -3.80
CA MET C 3 -38.26 5.86 -5.04
C MET C 3 -36.81 5.47 -4.78
N VAL C 4 -36.44 5.46 -3.51
CA VAL C 4 -35.10 5.10 -3.11
C VAL C 4 -34.78 3.65 -3.51
N ASP C 5 -33.54 3.40 -3.95
CA ASP C 5 -33.13 2.07 -4.36
C ASP C 5 -33.95 1.57 -5.55
N ASN C 6 -34.52 2.49 -6.32
CA ASN C 6 -35.33 2.13 -7.47
C ASN C 6 -34.49 1.87 -8.72
N LEU C 7 -33.17 1.92 -8.59
CA LEU C 7 -32.28 1.68 -9.72
C LEU C 7 -31.34 0.51 -9.47
N GLN C 8 -31.10 -0.30 -10.49
CA GLN C 8 -30.15 -1.41 -10.38
C GLN C 8 -29.04 -1.14 -11.38
N GLY C 9 -27.85 -1.69 -11.15
CA GLY C 9 -26.77 -1.46 -12.09
C GLY C 9 -25.47 -0.96 -11.49
N ASP C 10 -24.55 -0.56 -12.36
CA ASP C 10 -23.25 -0.08 -11.93
C ASP C 10 -22.56 0.75 -13.02
N SER C 11 -21.44 1.36 -12.65
CA SER C 11 -20.64 2.16 -13.56
C SER C 11 -20.32 1.42 -14.85
N GLY C 12 -20.25 0.09 -14.76
CA GLY C 12 -19.93 -0.74 -15.91
C GLY C 12 -20.85 -0.69 -17.11
N ARG C 13 -22.11 -1.09 -16.94
CA ARG C 13 -23.01 -1.06 -18.08
C ARG C 13 -24.22 -0.14 -17.89
N GLY C 14 -24.19 0.69 -16.84
CA GLY C 14 -25.26 1.63 -16.62
C GLY C 14 -26.27 1.28 -15.55
N TYR C 15 -27.07 2.27 -15.16
CA TYR C 15 -28.10 2.09 -14.15
C TYR C 15 -29.47 2.03 -14.80
N TYR C 16 -30.27 1.07 -14.38
CA TYR C 16 -31.59 0.94 -14.98
C TYR C 16 -32.77 0.90 -14.04
N LEU C 17 -33.85 1.49 -14.52
CA LEU C 17 -35.10 1.59 -13.80
C LEU C 17 -36.06 0.57 -14.39
N GLU C 18 -36.90 -0.03 -13.56
CA GLU C 18 -37.86 -1.01 -14.05
C GLU C 18 -39.20 -0.34 -14.31
N MET C 19 -39.73 -0.46 -15.52
CA MET C 19 -41.05 0.09 -15.79
C MET C 19 -41.94 -0.93 -16.50
N LEU C 20 -43.24 -0.83 -16.30
CA LEU C 20 -44.21 -1.74 -16.91
C LEU C 20 -44.84 -1.04 -18.11
N ILE C 21 -44.87 -1.72 -19.24
CA ILE C 21 -45.42 -1.11 -20.44
C ILE C 21 -46.61 -1.79 -21.08
N GLY C 22 -47.57 -0.99 -21.53
CA GLY C 22 -48.74 -1.52 -22.21
C GLY C 22 -49.82 -2.18 -21.39
N THR C 23 -50.80 -2.73 -22.09
CA THR C 23 -51.93 -3.41 -21.47
C THR C 23 -52.20 -4.76 -22.13
N PRO C 24 -52.04 -5.87 -21.39
CA PRO C 24 -51.60 -5.93 -20.00
C PRO C 24 -50.18 -5.42 -19.89
N PRO C 25 -49.62 -5.35 -18.68
CA PRO C 25 -48.26 -4.86 -18.52
C PRO C 25 -47.14 -5.82 -18.92
N GLN C 26 -46.11 -5.26 -19.54
CA GLN C 26 -44.93 -6.00 -19.96
C GLN C 26 -43.78 -5.36 -19.18
N LYS C 27 -43.07 -6.18 -18.40
CA LYS C 27 -41.96 -5.72 -17.58
C LYS C 27 -40.69 -5.45 -18.38
N LEU C 28 -40.17 -4.24 -18.31
CA LEU C 28 -38.95 -3.89 -19.03
C LEU C 28 -37.93 -3.26 -18.11
N GLN C 29 -36.65 -3.31 -18.50
CA GLN C 29 -35.59 -2.72 -17.70
C GLN C 29 -34.97 -1.55 -18.47
N ILE C 30 -35.31 -0.33 -18.09
CA ILE C 30 -34.80 0.85 -18.79
C ILE C 30 -33.53 1.48 -18.26
N LEU C 31 -32.62 1.80 -19.17
CA LEU C 31 -31.37 2.43 -18.82
C LEU C 31 -31.61 3.93 -18.67
N VAL C 32 -31.27 4.50 -17.52
CA VAL C 32 -31.46 5.93 -17.29
C VAL C 32 -30.37 6.77 -17.95
N ASP C 33 -30.75 7.56 -18.95
CA ASP C 33 -29.78 8.38 -19.67
C ASP C 33 -30.07 9.86 -19.70
N THR C 34 -29.34 10.64 -18.92
CA THR C 34 -29.56 12.09 -18.90
C THR C 34 -28.89 12.73 -20.09
N GLY C 35 -28.25 11.93 -20.92
CA GLY C 35 -27.56 12.46 -22.08
C GLY C 35 -28.31 12.41 -23.40
N SER C 36 -29.60 12.14 -23.37
CA SER C 36 -30.37 12.11 -24.60
C SER C 36 -31.84 12.27 -24.29
N SER C 37 -32.70 12.30 -25.32
CA SER C 37 -34.11 12.50 -25.06
C SER C 37 -35.13 11.61 -25.73
N ASN C 38 -34.85 10.32 -25.85
CA ASN C 38 -35.83 9.43 -26.44
C ASN C 38 -36.10 8.20 -25.58
N PHE C 39 -37.33 7.73 -25.60
CA PHE C 39 -37.71 6.55 -24.86
C PHE C 39 -37.72 5.47 -25.90
N ALA C 40 -36.95 4.42 -25.71
CA ALA C 40 -36.93 3.35 -26.69
C ALA C 40 -36.65 2.02 -26.01
N VAL C 41 -37.30 0.99 -26.51
CA VAL C 41 -37.14 -0.35 -25.95
C VAL C 41 -36.94 -1.36 -27.07
N ALA C 42 -36.43 -2.52 -26.73
CA ALA C 42 -36.21 -3.55 -27.73
C ALA C 42 -37.55 -3.89 -28.36
N GLY C 43 -37.59 -3.90 -29.69
CA GLY C 43 -38.82 -4.23 -30.37
C GLY C 43 -38.80 -5.62 -30.98
N THR C 44 -37.65 -6.28 -30.87
CA THR C 44 -37.46 -7.63 -31.40
C THR C 44 -36.45 -8.31 -30.51
N PRO C 45 -36.27 -9.63 -30.64
CA PRO C 45 -35.29 -10.30 -29.79
C PRO C 45 -33.92 -9.81 -30.23
N HIS C 46 -32.92 -9.92 -29.35
CA HIS C 46 -31.58 -9.47 -29.73
C HIS C 46 -30.44 -10.08 -28.92
N SER C 47 -29.31 -10.21 -29.59
CA SER C 47 -28.13 -10.81 -29.01
C SER C 47 -27.90 -10.75 -27.52
N TYR C 48 -28.13 -9.61 -26.87
CA TYR C 48 -27.84 -9.58 -25.43
C TYR C 48 -29.00 -9.31 -24.47
N ILE C 49 -30.23 -9.38 -24.96
CA ILE C 49 -31.40 -9.14 -24.13
C ILE C 49 -32.24 -10.40 -24.09
N ASP C 50 -32.98 -10.60 -23.01
CA ASP C 50 -33.80 -11.80 -22.88
C ASP C 50 -35.30 -11.49 -22.94
N THR C 51 -35.62 -10.28 -23.38
CA THR C 51 -37.00 -9.85 -23.49
C THR C 51 -37.09 -8.56 -24.29
N TYR C 52 -38.28 -8.23 -24.78
CA TYR C 52 -38.47 -7.01 -25.55
C TYR C 52 -39.94 -6.66 -25.48
N PHE C 53 -40.29 -5.44 -25.86
CA PHE C 53 -41.68 -5.04 -25.83
C PHE C 53 -42.36 -5.44 -27.13
N ASP C 54 -43.44 -6.21 -27.01
CA ASP C 54 -44.17 -6.65 -28.20
C ASP C 54 -45.39 -5.78 -28.42
N THR C 55 -45.34 -4.82 -29.34
CA THR C 55 -46.51 -3.95 -29.53
C THR C 55 -47.80 -4.69 -29.84
N GLU C 56 -47.72 -5.81 -30.53
CA GLU C 56 -48.94 -6.53 -30.86
C GLU C 56 -49.73 -7.10 -29.68
N ARG C 57 -49.12 -7.16 -28.50
CA ARG C 57 -49.82 -7.70 -27.34
C ARG C 57 -50.35 -6.63 -26.38
N SER C 58 -50.29 -5.36 -26.78
CA SER C 58 -50.77 -4.28 -25.92
C SER C 58 -51.98 -3.58 -26.54
N SER C 59 -53.14 -3.74 -25.91
CA SER C 59 -54.36 -3.13 -26.44
C SER C 59 -54.36 -1.60 -26.33
N THR C 60 -53.41 -1.05 -25.59
CA THR C 60 -53.33 0.39 -25.42
C THR C 60 -52.29 1.08 -26.31
N TYR C 61 -51.60 0.30 -27.13
CA TYR C 61 -50.60 0.86 -28.03
C TYR C 61 -51.24 1.45 -29.26
N ARG C 62 -50.81 2.64 -29.64
CA ARG C 62 -51.32 3.28 -30.85
C ARG C 62 -50.07 3.60 -31.67
N SER C 63 -50.10 3.33 -32.97
CA SER C 63 -48.94 3.62 -33.80
C SER C 63 -48.98 5.08 -34.22
N LYS C 64 -47.84 5.76 -34.17
CA LYS C 64 -47.81 7.15 -34.56
C LYS C 64 -47.56 7.33 -36.05
N GLY C 65 -47.29 6.21 -36.73
CA GLY C 65 -47.09 6.27 -38.17
C GLY C 65 -45.74 6.46 -38.81
N PHE C 66 -44.69 6.62 -38.03
CA PHE C 66 -43.37 6.82 -38.61
C PHE C 66 -42.24 6.21 -37.81
N ASP C 67 -41.11 6.05 -38.48
CA ASP C 67 -39.92 5.49 -37.86
C ASP C 67 -39.01 6.64 -37.41
N VAL C 68 -38.09 6.35 -36.50
CA VAL C 68 -37.16 7.36 -36.00
C VAL C 68 -35.85 6.66 -35.76
N THR C 69 -34.76 7.41 -35.91
CA THR C 69 -33.45 6.83 -35.70
C THR C 69 -32.53 7.76 -34.92
N VAL C 70 -31.95 7.25 -33.85
CA VAL C 70 -31.05 8.04 -33.03
C VAL C 70 -29.63 7.54 -33.04
N LYS C 71 -28.66 8.45 -33.17
CA LYS C 71 -27.28 8.03 -33.12
C LYS C 71 -26.57 8.70 -31.96
N TYR C 72 -26.11 7.88 -31.04
CA TYR C 72 -25.42 8.38 -29.86
C TYR C 72 -23.94 8.51 -30.20
N THR C 73 -23.13 8.81 -29.19
CA THR C 73 -21.69 8.95 -29.39
C THR C 73 -21.22 7.71 -30.11
N GLN C 74 -21.72 6.56 -29.68
CA GLN C 74 -21.38 5.32 -30.32
C GLN C 74 -22.51 4.36 -30.12
N GLY C 75 -23.08 3.93 -31.25
CA GLY C 75 -24.20 3.02 -31.25
C GLY C 75 -25.39 3.79 -31.81
N SER C 76 -26.41 3.07 -32.24
CA SER C 76 -27.59 3.71 -32.78
C SER C 76 -28.68 2.67 -32.93
N TRP C 77 -29.91 3.14 -33.06
CA TRP C 77 -31.03 2.23 -33.25
C TRP C 77 -32.08 2.90 -34.12
N THR C 78 -33.00 2.11 -34.63
CA THR C 78 -34.06 2.62 -35.47
C THR C 78 -35.33 1.92 -35.01
N GLY C 79 -36.40 2.66 -34.84
CA GLY C 79 -37.61 2.02 -34.41
C GLY C 79 -38.87 2.73 -34.82
N PHE C 80 -40.01 2.10 -34.55
CA PHE C 80 -41.28 2.70 -34.87
C PHE C 80 -41.70 3.59 -33.72
N VAL C 81 -42.19 4.77 -34.03
CA VAL C 81 -42.64 5.68 -33.00
C VAL C 81 -44.11 5.41 -32.70
N GLY C 82 -44.45 5.33 -31.41
CA GLY C 82 -45.82 5.07 -31.03
C GLY C 82 -46.11 5.62 -29.64
N GLU C 83 -47.28 5.30 -29.10
CA GLU C 83 -47.70 5.75 -27.77
C GLU C 83 -48.16 4.56 -26.97
N ASP C 84 -48.10 4.68 -25.66
CA ASP C 84 -48.63 3.63 -24.82
C ASP C 84 -48.54 4.05 -23.37
N LEU C 85 -49.27 3.34 -22.53
CA LEU C 85 -49.31 3.63 -21.11
C LEU C 85 -48.11 3.01 -20.42
N VAL C 86 -47.58 3.75 -19.46
CA VAL C 86 -46.42 3.30 -18.72
C VAL C 86 -46.72 3.42 -17.26
N THR C 87 -46.14 2.53 -16.48
CA THR C 87 -46.32 2.53 -15.04
C THR C 87 -44.95 2.32 -14.44
N ILE C 88 -44.52 3.21 -13.56
CA ILE C 88 -43.23 3.04 -12.90
C ILE C 88 -43.58 2.49 -11.54
N PRO C 89 -43.50 1.16 -11.38
CA PRO C 89 -43.81 0.43 -10.15
C PRO C 89 -43.56 1.22 -8.87
N LYS C 90 -42.29 1.40 -8.55
CA LYS C 90 -41.89 2.12 -7.36
C LYS C 90 -41.87 3.61 -7.65
N GLY C 91 -42.92 4.32 -7.23
CA GLY C 91 -42.97 5.75 -7.45
C GLY C 91 -44.34 6.28 -7.84
N PHE C 92 -44.75 5.96 -9.07
CA PHE C 92 -46.05 6.38 -9.56
C PHE C 92 -46.78 5.12 -9.99
N ASN C 93 -47.90 4.83 -9.34
CA ASN C 93 -48.65 3.64 -9.67
C ASN C 93 -49.90 3.97 -10.50
N THR C 94 -49.90 5.17 -11.08
CA THR C 94 -51.00 5.63 -11.92
C THR C 94 -50.44 5.94 -13.31
N SER C 95 -50.55 4.94 -14.19
CA SER C 95 -50.05 4.98 -15.56
C SER C 95 -50.27 6.26 -16.34
N PHE C 96 -49.29 6.59 -17.19
CA PHE C 96 -49.39 7.77 -18.02
C PHE C 96 -48.97 7.48 -19.45
N LEU C 97 -49.49 8.30 -20.35
CA LEU C 97 -49.26 8.15 -21.77
C LEU C 97 -47.98 8.79 -22.25
N VAL C 98 -47.09 7.99 -22.82
CA VAL C 98 -45.81 8.51 -23.30
C VAL C 98 -45.48 8.04 -24.72
N ASN C 99 -44.65 8.79 -25.43
CA ASN C 99 -44.25 8.38 -26.79
C ASN C 99 -43.29 7.24 -26.55
N ILE C 100 -43.13 6.37 -27.53
CA ILE C 100 -42.23 5.25 -27.34
C ILE C 100 -41.68 4.70 -28.65
N ALA C 101 -40.36 4.57 -28.71
CA ALA C 101 -39.66 4.06 -29.88
C ALA C 101 -39.43 2.56 -29.69
N THR C 102 -39.80 1.78 -30.69
CA THR C 102 -39.64 0.34 -30.64
C THR C 102 -38.51 -0.04 -31.58
N ILE C 103 -37.37 -0.39 -31.01
CA ILE C 103 -36.18 -0.72 -31.80
C ILE C 103 -36.29 -1.97 -32.64
N PHE C 104 -36.22 -1.81 -33.95
CA PHE C 104 -36.27 -2.97 -34.84
C PHE C 104 -34.93 -3.15 -35.56
N GLU C 105 -33.99 -2.26 -35.27
CA GLU C 105 -32.65 -2.31 -35.85
C GLU C 105 -31.71 -1.48 -34.97
N SER C 106 -30.63 -2.09 -34.53
CA SER C 106 -29.68 -1.37 -33.70
C SER C 106 -28.30 -1.80 -34.15
N GLU C 107 -27.29 -1.01 -33.81
CA GLU C 107 -25.91 -1.33 -34.14
C GLU C 107 -25.09 -0.80 -32.97
N ASN C 108 -24.30 -1.68 -32.34
CA ASN C 108 -23.48 -1.31 -31.18
C ASN C 108 -24.28 -0.62 -30.09
N PHE C 109 -25.54 -1.01 -29.92
CA PHE C 109 -26.37 -0.42 -28.90
C PHE C 109 -26.43 -1.35 -27.69
N PHE C 110 -26.88 -2.59 -27.91
CA PHE C 110 -26.94 -3.53 -26.80
C PHE C 110 -25.60 -4.25 -26.75
N LEU C 111 -24.90 -4.14 -25.64
CA LEU C 111 -23.60 -4.79 -25.48
C LEU C 111 -23.77 -6.02 -24.62
N PRO C 112 -22.72 -6.85 -24.50
CA PRO C 112 -22.74 -8.08 -23.71
C PRO C 112 -22.85 -7.79 -22.23
N GLY C 113 -23.69 -8.57 -21.54
CA GLY C 113 -23.85 -8.41 -20.11
C GLY C 113 -24.76 -7.32 -19.56
N ILE C 114 -25.39 -6.53 -20.42
CA ILE C 114 -26.27 -5.49 -19.91
C ILE C 114 -27.51 -6.19 -19.41
N LYS C 115 -28.18 -5.59 -18.44
CA LYS C 115 -29.39 -6.22 -17.94
C LYS C 115 -30.61 -5.43 -18.36
N TRP C 116 -30.39 -4.34 -19.07
CA TRP C 116 -31.48 -3.50 -19.56
C TRP C 116 -31.80 -3.80 -21.01
N ASN C 117 -32.91 -3.26 -21.51
CA ASN C 117 -33.31 -3.47 -22.88
C ASN C 117 -34.03 -2.26 -23.46
N GLY C 118 -33.80 -1.12 -22.84
CA GLY C 118 -34.44 0.10 -23.30
C GLY C 118 -33.69 1.24 -22.68
N ILE C 119 -33.83 2.43 -23.25
CA ILE C 119 -33.14 3.60 -22.73
C ILE C 119 -34.12 4.74 -22.53
N LEU C 120 -33.99 5.43 -21.40
CA LEU C 120 -34.86 6.55 -21.06
C LEU C 120 -34.11 7.88 -21.13
N GLY C 121 -34.36 8.68 -22.15
CA GLY C 121 -33.67 9.94 -22.27
C GLY C 121 -34.32 11.01 -21.39
N LEU C 122 -33.57 11.57 -20.46
CA LEU C 122 -34.12 12.61 -19.57
C LEU C 122 -33.61 14.01 -19.90
N ALA C 123 -33.08 14.19 -21.11
CA ALA C 123 -32.56 15.48 -21.54
C ALA C 123 -33.69 16.38 -22.03
N TYR C 124 -33.33 17.46 -22.70
CA TYR C 124 -34.32 18.41 -23.20
C TYR C 124 -34.95 18.04 -24.52
N ALA C 125 -36.10 18.65 -24.80
CA ALA C 125 -36.82 18.39 -26.03
C ALA C 125 -35.98 18.64 -27.26
N THR C 126 -35.19 19.72 -27.24
CA THR C 126 -34.36 20.06 -28.39
C THR C 126 -33.63 18.83 -28.92
N LEU C 127 -33.05 18.03 -28.03
CA LEU C 127 -32.31 16.84 -28.43
C LEU C 127 -33.12 15.70 -28.98
N ALA C 128 -34.44 15.74 -28.77
CA ALA C 128 -35.29 14.67 -29.25
C ALA C 128 -35.33 14.54 -30.75
N LYS C 129 -35.33 13.28 -31.20
CA LYS C 129 -35.41 12.93 -32.61
C LYS C 129 -36.74 12.21 -32.74
N PRO C 130 -37.44 12.37 -33.87
CA PRO C 130 -37.04 13.17 -35.04
C PRO C 130 -36.94 14.66 -34.78
N SER C 131 -37.68 15.17 -33.80
CA SER C 131 -37.62 16.60 -33.54
C SER C 131 -38.14 17.02 -32.18
N SER C 132 -37.88 18.27 -31.83
CA SER C 132 -38.30 18.80 -30.55
C SER C 132 -39.80 18.68 -30.34
N SER C 133 -40.51 18.06 -31.27
CA SER C 133 -41.95 17.95 -31.12
C SER C 133 -42.42 16.60 -30.62
N LEU C 134 -41.52 15.64 -30.47
CA LEU C 134 -41.88 14.32 -29.95
C LEU C 134 -41.65 14.41 -28.44
N GLU C 135 -42.64 14.94 -27.73
CA GLU C 135 -42.56 15.15 -26.30
C GLU C 135 -41.77 14.13 -25.49
N THR C 136 -40.88 14.65 -24.65
CA THR C 136 -40.02 13.89 -23.77
C THR C 136 -40.77 13.04 -22.76
N PHE C 137 -40.22 11.87 -22.40
CA PHE C 137 -40.85 11.00 -21.41
C PHE C 137 -41.15 11.88 -20.21
N PHE C 138 -40.11 12.50 -19.67
CA PHE C 138 -40.30 13.34 -18.50
C PHE C 138 -41.34 14.42 -18.71
N ASP C 139 -41.28 15.13 -19.84
CA ASP C 139 -42.25 16.19 -20.12
C ASP C 139 -43.66 15.66 -19.90
N SER C 140 -43.90 14.43 -20.34
CA SER C 140 -45.21 13.85 -20.15
C SER C 140 -45.44 13.63 -18.68
N LEU C 141 -44.54 12.88 -18.05
CA LEU C 141 -44.66 12.57 -16.63
C LEU C 141 -44.96 13.81 -15.83
N VAL C 142 -44.27 14.89 -16.13
CA VAL C 142 -44.52 16.12 -15.40
C VAL C 142 -45.97 16.54 -15.52
N THR C 143 -46.45 16.71 -16.75
CA THR C 143 -47.84 17.12 -16.94
C THR C 143 -48.87 16.20 -16.34
N GLN C 144 -48.78 14.93 -16.69
CA GLN C 144 -49.74 13.95 -16.21
C GLN C 144 -49.67 13.63 -14.72
N ALA C 145 -48.48 13.57 -14.16
CA ALA C 145 -48.35 13.28 -12.74
C ALA C 145 -48.44 14.57 -11.94
N ASN C 146 -48.49 15.69 -12.66
CA ASN C 146 -48.55 17.01 -12.05
C ASN C 146 -47.54 17.12 -10.91
N ILE C 147 -46.28 16.84 -11.22
CA ILE C 147 -45.20 16.93 -10.24
C ILE C 147 -44.28 18.08 -10.65
N PRO C 148 -43.34 18.46 -9.76
CA PRO C 148 -42.40 19.55 -10.05
C PRO C 148 -41.48 19.17 -11.19
N ASN C 149 -41.12 20.14 -12.02
CA ASN C 149 -40.25 19.88 -13.16
C ASN C 149 -38.82 19.71 -12.69
N VAL C 150 -38.61 18.66 -11.90
CA VAL C 150 -37.30 18.36 -11.32
C VAL C 150 -37.11 16.86 -11.17
N PHE C 151 -35.85 16.42 -11.10
CA PHE C 151 -35.56 15.02 -10.86
C PHE C 151 -34.10 14.92 -10.44
N SER C 152 -33.79 14.02 -9.52
CA SER C 152 -32.42 13.88 -9.05
C SER C 152 -31.98 12.43 -9.15
N MET C 153 -30.68 12.22 -9.23
CA MET C 153 -30.18 10.86 -9.37
C MET C 153 -28.99 10.58 -8.46
N GLN C 154 -28.91 9.34 -7.98
CA GLN C 154 -27.82 8.94 -7.12
C GLN C 154 -27.37 7.53 -7.48
N MET C 155 -26.13 7.40 -7.94
CA MET C 155 -25.62 6.10 -8.31
C MET C 155 -24.69 5.57 -7.24
N CYS C 156 -24.83 4.31 -6.88
CA CYS C 156 -23.97 3.69 -5.87
C CYS C 156 -23.27 2.50 -6.49
N GLY C 157 -21.95 2.45 -6.38
CA GLY C 157 -21.20 1.35 -6.97
C GLY C 157 -19.72 1.65 -6.80
N ALA C 158 -18.96 0.64 -6.40
CA ALA C 158 -17.53 0.85 -6.19
C ALA C 158 -16.83 -0.47 -5.82
N ASN C 168 -25.37 -3.32 -5.05
CA ASN C 168 -26.15 -2.12 -4.80
C ASN C 168 -26.41 -1.38 -6.11
N GLY C 169 -27.40 -0.47 -6.09
CA GLY C 169 -27.73 0.25 -7.30
C GLY C 169 -27.80 1.76 -7.14
N GLY C 170 -29.00 2.32 -7.25
CA GLY C 170 -29.14 3.76 -7.13
C GLY C 170 -30.57 4.23 -7.01
N SER C 171 -30.79 5.52 -7.18
CA SER C 171 -32.14 6.06 -7.05
C SER C 171 -32.43 7.14 -8.07
N LEU C 172 -33.57 7.03 -8.74
CA LEU C 172 -33.97 8.04 -9.70
C LEU C 172 -35.21 8.68 -9.10
N VAL C 173 -35.02 9.73 -8.33
CA VAL C 173 -36.14 10.43 -7.70
C VAL C 173 -36.76 11.40 -8.72
N LEU C 174 -37.91 11.02 -9.27
CA LEU C 174 -38.57 11.83 -10.28
C LEU C 174 -39.50 12.90 -9.74
N GLY C 175 -39.12 14.16 -9.86
CA GLY C 175 -39.97 15.24 -9.39
C GLY C 175 -39.61 15.85 -8.04
N GLY C 176 -38.38 15.64 -7.57
CA GLY C 176 -38.01 16.21 -6.29
C GLY C 176 -36.63 15.82 -5.82
N ILE C 177 -36.35 16.15 -4.56
CA ILE C 177 -35.05 15.84 -3.96
C ILE C 177 -35.27 15.03 -2.69
N GLU C 178 -34.66 13.85 -2.59
CA GLU C 178 -34.82 13.04 -1.38
C GLU C 178 -33.69 13.34 -0.41
N PRO C 179 -33.99 14.11 0.65
CA PRO C 179 -33.00 14.48 1.65
C PRO C 179 -32.26 13.35 2.37
N SER C 180 -32.82 12.15 2.36
CA SER C 180 -32.14 11.06 3.05
C SER C 180 -30.97 10.52 2.22
N LEU C 181 -30.85 11.02 0.99
CA LEU C 181 -29.80 10.57 0.08
C LEU C 181 -28.54 11.40 0.11
N TYR C 182 -28.52 12.47 0.89
CA TYR C 182 -27.33 13.29 0.91
C TYR C 182 -27.12 14.05 2.20
N LYS C 183 -25.87 14.13 2.63
CA LYS C 183 -25.56 14.86 3.84
C LYS C 183 -24.75 16.05 3.38
N GLY C 184 -24.82 17.14 4.13
CA GLY C 184 -24.06 18.31 3.75
C GLY C 184 -24.89 19.25 2.89
N ASP C 185 -24.27 20.32 2.42
CA ASP C 185 -24.94 21.30 1.59
C ASP C 185 -24.95 20.80 0.15
N ILE C 186 -25.87 21.32 -0.63
CA ILE C 186 -25.98 20.96 -2.04
C ILE C 186 -25.70 22.20 -2.87
N TRP C 187 -24.65 22.16 -3.67
CA TRP C 187 -24.26 23.28 -4.50
C TRP C 187 -24.91 23.23 -5.86
N TYR C 188 -25.26 24.39 -6.39
CA TYR C 188 -25.89 24.46 -7.70
C TYR C 188 -25.07 25.23 -8.70
N THR C 189 -25.14 24.80 -9.95
CA THR C 189 -24.47 25.48 -11.03
C THR C 189 -25.53 25.68 -12.10
N PRO C 190 -25.52 26.84 -12.73
CA PRO C 190 -26.50 27.16 -13.77
C PRO C 190 -26.37 26.32 -15.02
N ILE C 191 -27.50 25.98 -15.63
CA ILE C 191 -27.49 25.21 -16.86
C ILE C 191 -27.31 26.23 -17.98
N LYS C 192 -26.20 26.16 -18.68
CA LYS C 192 -25.92 27.11 -19.76
C LYS C 192 -26.84 27.02 -20.97
N GLU C 193 -26.93 25.85 -21.59
CA GLU C 193 -27.80 25.69 -22.76
C GLU C 193 -28.74 24.52 -22.48
N GLU C 194 -30.03 24.68 -22.78
CA GLU C 194 -30.98 23.61 -22.49
C GLU C 194 -31.18 22.62 -23.66
N TRP C 195 -30.26 21.65 -23.74
CA TRP C 195 -30.28 20.58 -24.72
C TRP C 195 -29.73 19.40 -23.92
N TYR C 196 -28.41 19.38 -23.72
CA TYR C 196 -27.77 18.39 -22.88
C TYR C 196 -27.79 19.21 -21.59
N TYR C 197 -27.45 18.61 -20.47
CA TYR C 197 -27.42 19.41 -19.26
C TYR C 197 -26.03 20.03 -19.26
N GLN C 198 -25.92 21.19 -19.91
CA GLN C 198 -24.62 21.86 -20.01
C GLN C 198 -24.33 22.85 -18.89
N ILE C 199 -23.11 22.77 -18.36
CA ILE C 199 -22.70 23.66 -17.30
C ILE C 199 -21.30 24.17 -17.65
N GLU C 200 -20.84 25.22 -16.97
CA GLU C 200 -19.50 25.72 -17.30
C GLU C 200 -18.47 25.35 -16.28
N ILE C 201 -17.42 24.70 -16.76
CA ILE C 201 -16.32 24.27 -15.91
C ILE C 201 -15.29 25.38 -15.86
N LEU C 202 -14.69 25.63 -14.71
CA LEU C 202 -13.71 26.70 -14.63
C LEU C 202 -12.29 26.17 -14.60
N LYS C 203 -11.96 25.41 -13.56
CA LYS C 203 -10.63 24.84 -13.42
C LYS C 203 -10.74 23.34 -13.34
N LEU C 204 -9.61 22.68 -13.43
CA LEU C 204 -9.54 21.24 -13.32
C LEU C 204 -8.26 20.98 -12.55
N GLU C 205 -8.39 20.69 -11.26
CA GLU C 205 -7.23 20.46 -10.41
C GLU C 205 -6.86 18.99 -10.34
N ILE C 206 -5.58 18.73 -10.15
CA ILE C 206 -5.08 17.36 -10.04
C ILE C 206 -3.98 17.27 -9.00
N GLY C 207 -4.29 16.62 -7.90
CA GLY C 207 -3.31 16.52 -6.84
C GLY C 207 -3.09 17.94 -6.33
N GLY C 208 -4.15 18.75 -6.41
CA GLY C 208 -4.07 20.13 -5.95
C GLY C 208 -3.47 21.06 -6.98
N GLN C 209 -2.82 20.48 -8.00
CA GLN C 209 -2.19 21.28 -9.04
C GLN C 209 -3.19 21.55 -10.14
N SER C 210 -3.51 22.82 -10.39
CA SER C 210 -4.47 23.15 -11.44
C SER C 210 -3.79 22.85 -12.77
N LEU C 211 -4.57 22.67 -13.82
CA LEU C 211 -3.99 22.35 -15.11
C LEU C 211 -3.43 23.54 -15.84
N ASN C 212 -3.87 24.74 -15.46
CA ASN C 212 -3.40 25.96 -16.13
C ASN C 212 -3.59 25.84 -17.63
N LEU C 213 -4.84 25.95 -18.05
CA LEU C 213 -5.22 25.89 -19.46
C LEU C 213 -6.33 26.89 -19.66
N ASP C 214 -6.38 27.49 -20.84
CA ASP C 214 -7.44 28.46 -21.13
C ASP C 214 -8.75 27.77 -20.75
N CYS C 215 -9.41 28.26 -19.71
CA CYS C 215 -10.64 27.64 -19.23
C CYS C 215 -11.64 27.36 -20.35
N ARG C 216 -11.50 28.03 -21.49
CA ARG C 216 -12.42 27.77 -22.59
C ARG C 216 -12.16 26.35 -23.12
N GLU C 217 -10.95 25.85 -22.89
CA GLU C 217 -10.56 24.50 -23.29
C GLU C 217 -11.53 23.47 -22.74
N TYR C 218 -11.82 23.58 -21.45
CA TYR C 218 -12.70 22.66 -20.78
C TYR C 218 -14.13 22.79 -21.27
N ASN C 219 -14.48 23.95 -21.80
CA ASN C 219 -15.86 24.13 -22.26
C ASN C 219 -16.01 24.14 -23.76
N ALA C 220 -15.04 23.59 -24.46
CA ALA C 220 -15.14 23.55 -25.91
C ALA C 220 -15.34 22.10 -26.36
N ASP C 221 -16.46 21.87 -27.03
CA ASP C 221 -17.42 22.93 -27.28
C ASP C 221 -18.59 22.84 -26.31
N LYS C 222 -18.47 21.94 -25.33
CA LYS C 222 -19.53 21.73 -24.34
C LYS C 222 -19.10 20.79 -23.20
N ALA C 223 -19.62 21.04 -22.00
CA ALA C 223 -19.36 20.19 -20.84
C ALA C 223 -20.75 19.81 -20.31
N ILE C 224 -21.10 18.53 -20.42
CA ILE C 224 -22.41 18.09 -19.97
C ILE C 224 -22.38 17.06 -18.85
N VAL C 225 -23.46 17.02 -18.07
CA VAL C 225 -23.58 16.03 -17.02
C VAL C 225 -24.33 14.90 -17.71
N ASP C 226 -23.77 13.70 -17.77
CA ASP C 226 -24.43 12.64 -18.53
C ASP C 226 -24.37 11.21 -17.98
N SER C 227 -25.41 10.82 -17.23
CA SER C 227 -25.50 9.48 -16.63
C SER C 227 -25.41 8.39 -17.70
N GLY C 228 -25.78 8.74 -18.93
CA GLY C 228 -25.74 7.80 -20.03
C GLY C 228 -24.36 7.55 -20.57
N THR C 229 -23.34 8.15 -19.96
CA THR C 229 -21.96 7.93 -20.39
C THR C 229 -21.13 7.40 -19.23
N THR C 230 -20.62 6.21 -19.42
CA THR C 230 -19.83 5.51 -18.43
C THR C 230 -18.63 6.23 -17.82
N LEU C 231 -17.76 6.77 -18.67
CA LEU C 231 -16.55 7.43 -18.22
C LEU C 231 -16.57 8.94 -18.15
N LEU C 232 -15.51 9.50 -17.58
CA LEU C 232 -15.36 10.94 -17.50
C LEU C 232 -14.56 11.23 -18.75
N ARG C 233 -15.21 11.79 -19.75
CA ARG C 233 -14.56 12.08 -21.02
C ARG C 233 -14.10 13.52 -21.08
N LEU C 234 -12.83 13.71 -21.44
CA LEU C 234 -12.29 15.05 -21.53
C LEU C 234 -11.74 15.26 -22.93
N PRO C 235 -11.96 16.46 -23.51
CA PRO C 235 -11.45 16.72 -24.85
C PRO C 235 -9.93 16.52 -24.85
N GLN C 236 -9.46 15.84 -25.89
CA GLN C 236 -8.05 15.49 -26.07
C GLN C 236 -6.99 16.28 -25.33
N LYS C 237 -6.76 17.52 -25.77
CA LYS C 237 -5.74 18.35 -25.15
C LYS C 237 -5.79 18.26 -23.62
N VAL C 238 -7.00 18.26 -23.06
CA VAL C 238 -7.15 18.17 -21.60
C VAL C 238 -6.81 16.78 -21.10
N PHE C 239 -7.34 15.78 -21.80
CA PHE C 239 -7.07 14.41 -21.43
C PHE C 239 -5.56 14.23 -21.26
N ASP C 240 -4.81 14.64 -22.27
CA ASP C 240 -3.36 14.52 -22.21
C ASP C 240 -2.82 15.19 -20.95
N ALA C 241 -3.15 16.46 -20.77
CA ALA C 241 -2.69 17.18 -19.60
C ALA C 241 -2.96 16.35 -18.35
N VAL C 242 -4.18 15.86 -18.22
CA VAL C 242 -4.55 15.08 -17.07
C VAL C 242 -3.69 13.83 -16.93
N VAL C 243 -3.68 13.00 -17.98
CA VAL C 243 -2.88 11.78 -17.93
C VAL C 243 -1.46 12.09 -17.50
N GLU C 244 -0.82 13.02 -18.19
CA GLU C 244 0.55 13.39 -17.84
C GLU C 244 0.59 13.64 -16.33
N ALA C 245 -0.34 14.44 -15.85
CA ALA C 245 -0.41 14.78 -14.45
C ALA C 245 -0.55 13.56 -13.57
N VAL C 246 -1.61 12.78 -13.78
CA VAL C 246 -1.84 11.60 -12.98
C VAL C 246 -0.60 10.72 -12.96
N ALA C 247 0.11 10.68 -14.08
CA ALA C 247 1.30 9.88 -14.18
C ALA C 247 2.40 10.46 -13.29
N ARG C 248 2.83 11.68 -13.59
CA ARG C 248 3.88 12.33 -12.80
C ARG C 248 3.74 12.13 -11.29
N ALA C 249 2.50 12.20 -10.80
CA ALA C 249 2.21 12.04 -9.39
C ALA C 249 2.27 10.60 -8.86
N SER C 250 3.05 9.77 -9.54
CA SER C 250 3.22 8.37 -9.14
C SER C 250 3.87 7.60 -10.29
N LEU C 251 4.94 8.18 -10.83
CA LEU C 251 5.66 7.56 -11.95
C LEU C 251 6.18 6.18 -11.54
N ILE C 252 6.19 5.94 -10.22
CA ILE C 252 6.69 4.68 -9.67
C ILE C 252 6.02 3.46 -10.30
N PRO C 253 4.70 3.32 -10.15
CA PRO C 253 3.99 2.17 -10.73
C PRO C 253 4.08 2.10 -12.25
N GLU C 254 3.94 0.89 -12.81
CA GLU C 254 4.00 0.72 -14.25
C GLU C 254 2.63 0.37 -14.87
N PHE C 255 1.97 1.41 -15.35
CA PHE C 255 0.69 1.33 -16.03
C PHE C 255 1.01 1.89 -17.43
N SER C 256 1.09 0.99 -18.41
CA SER C 256 1.43 1.32 -19.80
C SER C 256 0.41 2.21 -20.48
N ASP C 257 0.89 3.03 -21.41
CA ASP C 257 0.01 3.94 -22.13
C ASP C 257 -1.24 3.26 -22.68
N GLY C 258 -1.22 1.94 -22.78
CA GLY C 258 -2.39 1.23 -23.26
C GLY C 258 -3.50 1.32 -22.22
N PHE C 259 -3.09 1.34 -20.95
CA PHE C 259 -4.00 1.44 -19.83
C PHE C 259 -4.79 2.73 -19.92
N TRP C 260 -4.10 3.82 -20.22
CA TRP C 260 -4.73 5.14 -20.34
C TRP C 260 -5.73 5.19 -21.50
N THR C 261 -5.39 4.52 -22.59
CA THR C 261 -6.23 4.47 -23.78
C THR C 261 -7.49 3.67 -23.49
N GLY C 262 -7.39 2.77 -22.52
CA GLY C 262 -8.53 1.93 -22.18
C GLY C 262 -8.46 0.62 -22.95
N SER C 263 -7.42 0.48 -23.75
CA SER C 263 -7.25 -0.74 -24.53
C SER C 263 -7.01 -1.92 -23.59
N GLN C 264 -6.31 -1.66 -22.49
CA GLN C 264 -6.01 -2.72 -21.55
C GLN C 264 -6.43 -2.42 -20.12
N LEU C 265 -6.31 -3.43 -19.27
CA LEU C 265 -6.63 -3.32 -17.85
C LEU C 265 -5.38 -3.76 -17.13
N ALA C 266 -5.12 -3.17 -15.97
CA ALA C 266 -3.94 -3.55 -15.20
C ALA C 266 -4.37 -4.48 -14.08
N CYS C 267 -3.68 -5.60 -13.88
CA CYS C 267 -4.08 -6.51 -12.80
C CYS C 267 -3.09 -6.51 -11.64
N TRP C 268 -3.61 -6.45 -10.43
CA TRP C 268 -2.80 -6.41 -9.23
C TRP C 268 -2.77 -7.80 -8.60
N THR C 269 -1.57 -8.24 -8.20
CA THR C 269 -1.36 -9.54 -7.61
C THR C 269 -1.29 -9.51 -6.08
N ASN C 270 -1.37 -8.32 -5.51
CA ASN C 270 -1.29 -8.17 -4.07
C ASN C 270 -2.61 -7.74 -3.43
N SER C 271 -2.75 -8.01 -2.14
CA SER C 271 -3.97 -7.66 -1.41
C SER C 271 -4.14 -6.16 -1.21
N GLU C 272 -3.06 -5.41 -1.35
CA GLU C 272 -3.08 -3.97 -1.17
C GLU C 272 -3.54 -3.29 -2.45
N THR C 273 -4.49 -2.38 -2.34
CA THR C 273 -4.98 -1.65 -3.50
C THR C 273 -3.97 -0.57 -3.88
N PRO C 274 -3.86 -0.28 -5.16
CA PRO C 274 -2.95 0.72 -5.70
C PRO C 274 -3.52 2.13 -5.64
N TRP C 275 -4.50 2.35 -4.78
CA TRP C 275 -5.11 3.67 -4.72
C TRP C 275 -4.28 4.76 -4.07
N SER C 276 -3.67 4.45 -2.93
CA SER C 276 -2.86 5.44 -2.24
C SER C 276 -1.78 6.12 -3.09
N TYR C 277 -1.54 5.59 -4.30
CA TYR C 277 -0.50 6.14 -5.16
C TYR C 277 -0.96 7.15 -6.22
N PHE C 278 -2.27 7.31 -6.38
CA PHE C 278 -2.82 8.25 -7.34
C PHE C 278 -3.32 9.51 -6.64
N PRO C 279 -3.38 10.62 -7.39
CA PRO C 279 -3.82 11.93 -6.91
C PRO C 279 -5.34 12.07 -6.98
N LYS C 280 -5.88 13.09 -6.30
CA LYS C 280 -7.32 13.36 -6.35
C LYS C 280 -7.53 14.16 -7.61
N ILE C 281 -8.76 14.17 -8.12
CA ILE C 281 -9.06 14.95 -9.31
C ILE C 281 -10.23 15.86 -8.98
N SER C 282 -10.08 17.16 -9.24
CA SER C 282 -11.14 18.09 -8.93
C SER C 282 -11.60 18.93 -10.10
N ILE C 283 -12.89 19.21 -10.13
CA ILE C 283 -13.49 20.03 -11.17
C ILE C 283 -14.18 21.23 -10.55
N TYR C 284 -13.83 22.44 -10.98
CA TYR C 284 -14.46 23.63 -10.43
C TYR C 284 -15.61 24.10 -11.32
N LEU C 285 -16.78 24.30 -10.71
CA LEU C 285 -17.95 24.77 -11.46
C LEU C 285 -18.37 26.14 -10.90
N ARG C 286 -18.80 27.03 -11.79
CA ARG C 286 -19.21 28.35 -11.35
C ARG C 286 -20.48 28.25 -10.52
N ASP C 287 -20.53 28.94 -9.40
CA ASP C 287 -21.73 28.90 -8.58
C ASP C 287 -22.77 29.81 -9.19
N GLU C 288 -24.02 29.76 -8.73
CA GLU C 288 -25.04 30.64 -9.28
C GLU C 288 -24.64 32.11 -9.09
N ASN C 289 -23.75 32.33 -8.13
CA ASN C 289 -23.24 33.66 -7.80
C ASN C 289 -21.87 33.86 -8.47
N SER C 290 -21.90 34.26 -9.73
CA SER C 290 -20.70 34.49 -10.54
C SER C 290 -19.37 34.60 -9.79
N SER C 291 -19.29 35.52 -8.85
CA SER C 291 -18.06 35.74 -8.09
C SER C 291 -17.48 34.52 -7.38
N ARG C 292 -18.30 33.50 -7.13
CA ARG C 292 -17.84 32.31 -6.44
C ARG C 292 -17.97 31.07 -7.31
N SER C 293 -17.39 29.97 -6.83
CA SER C 293 -17.42 28.69 -7.52
C SER C 293 -17.28 27.68 -6.43
N PHE C 294 -17.61 26.43 -6.72
CA PHE C 294 -17.47 25.36 -5.74
C PHE C 294 -16.75 24.27 -6.47
N ARG C 295 -16.28 23.24 -5.77
CA ARG C 295 -15.58 22.20 -6.51
C ARG C 295 -15.95 20.81 -6.04
N ILE C 296 -16.13 19.91 -7.01
CA ILE C 296 -16.45 18.51 -6.76
C ILE C 296 -15.16 17.73 -6.94
N THR C 297 -14.99 16.67 -6.17
CA THR C 297 -13.77 15.90 -6.23
C THR C 297 -13.97 14.40 -6.09
N ILE C 298 -13.20 13.65 -6.85
CA ILE C 298 -13.30 12.21 -6.80
C ILE C 298 -11.93 11.67 -6.42
N LEU C 299 -11.88 10.71 -5.50
CA LEU C 299 -10.59 10.13 -5.14
C LEU C 299 -10.34 9.00 -6.16
N PRO C 300 -9.12 8.45 -6.21
CA PRO C 300 -8.82 7.38 -7.16
C PRO C 300 -9.74 6.16 -7.14
N GLN C 301 -10.40 5.89 -6.02
CA GLN C 301 -11.28 4.74 -6.00
C GLN C 301 -12.35 4.90 -7.07
N LEU C 302 -12.62 6.12 -7.48
CA LEU C 302 -13.64 6.33 -8.48
C LEU C 302 -13.14 6.34 -9.91
N TYR C 303 -11.84 6.57 -10.12
CA TYR C 303 -11.35 6.60 -11.50
C TYR C 303 -10.29 5.55 -11.85
N ILE C 304 -9.95 4.71 -10.88
CA ILE C 304 -9.05 3.60 -11.09
C ILE C 304 -10.00 2.50 -10.62
N GLN C 305 -10.98 2.22 -11.48
CA GLN C 305 -12.06 1.27 -11.21
C GLN C 305 -11.65 -0.18 -11.35
N PRO C 306 -11.98 -1.00 -10.34
CA PRO C 306 -11.67 -2.43 -10.28
C PRO C 306 -12.65 -3.37 -11.00
N MET C 307 -12.11 -4.49 -11.48
CA MET C 307 -12.86 -5.51 -12.19
C MET C 307 -12.60 -6.86 -11.52
N MET C 308 -13.50 -7.81 -11.70
CA MET C 308 -13.39 -9.15 -11.12
C MET C 308 -11.98 -9.67 -11.23
N GLY C 309 -11.50 -10.26 -10.13
CA GLY C 309 -10.16 -10.80 -10.08
C GLY C 309 -9.74 -11.79 -11.16
N ALA C 310 -10.14 -13.05 -10.98
CA ALA C 310 -9.80 -14.12 -11.93
C ALA C 310 -8.31 -14.47 -11.94
N GLY C 311 -8.02 -15.76 -11.83
CA GLY C 311 -6.65 -16.22 -11.83
C GLY C 311 -5.99 -16.06 -10.48
N LEU C 312 -4.75 -15.63 -10.51
CA LEU C 312 -3.95 -15.43 -9.30
C LEU C 312 -3.97 -13.95 -8.94
N ASN C 313 -4.82 -13.19 -9.62
CA ASN C 313 -4.94 -11.75 -9.40
C ASN C 313 -6.09 -11.41 -8.47
N TYR C 314 -5.91 -10.42 -7.61
CA TYR C 314 -6.99 -10.05 -6.72
C TYR C 314 -8.02 -9.34 -7.56
N GLU C 315 -7.56 -8.48 -8.46
CA GLU C 315 -8.44 -7.78 -9.38
C GLU C 315 -7.65 -7.01 -10.43
N CYS C 316 -8.38 -6.51 -11.42
CA CYS C 316 -7.76 -5.75 -12.47
C CYS C 316 -8.47 -4.40 -12.49
N TYR C 317 -7.79 -3.37 -12.95
CA TYR C 317 -8.40 -2.05 -12.95
C TYR C 317 -8.39 -1.41 -14.30
N ARG C 318 -9.45 -0.65 -14.59
CA ARG C 318 -9.54 0.08 -15.85
C ARG C 318 -9.42 1.57 -15.52
N PHE C 319 -8.99 2.37 -16.48
CA PHE C 319 -8.86 3.81 -16.26
C PHE C 319 -10.25 4.43 -16.48
N GLY C 320 -10.75 5.14 -15.48
CA GLY C 320 -12.07 5.74 -15.61
C GLY C 320 -12.14 7.03 -16.38
N ILE C 321 -11.08 7.34 -17.13
CA ILE C 321 -11.08 8.58 -17.90
C ILE C 321 -10.76 8.30 -19.35
N SER C 322 -11.56 8.90 -20.23
CA SER C 322 -11.42 8.70 -21.66
C SER C 322 -11.30 10.04 -22.39
N PRO C 323 -10.58 10.06 -23.51
CA PRO C 323 -10.37 11.26 -24.33
C PRO C 323 -11.52 11.45 -25.29
N SER C 324 -11.94 12.70 -25.49
CA SER C 324 -13.05 13.01 -26.39
C SER C 324 -12.58 13.89 -27.51
N THR C 325 -13.34 13.91 -28.60
CA THR C 325 -13.01 14.75 -29.75
C THR C 325 -13.55 16.16 -29.55
N ASN C 326 -14.84 16.27 -29.27
CA ASN C 326 -15.47 17.56 -29.03
C ASN C 326 -16.52 17.47 -27.95
N ALA C 327 -16.11 17.66 -26.70
CA ALA C 327 -17.02 17.63 -25.54
C ALA C 327 -16.39 17.11 -24.26
N LEU C 328 -16.81 17.69 -23.14
CA LEU C 328 -16.33 17.27 -21.84
C LEU C 328 -17.55 16.62 -21.20
N VAL C 329 -17.52 15.29 -21.08
CA VAL C 329 -18.64 14.58 -20.52
C VAL C 329 -18.44 14.05 -19.12
N ILE C 330 -19.16 14.65 -18.18
CA ILE C 330 -19.08 14.24 -16.79
C ILE C 330 -20.02 13.06 -16.68
N GLY C 331 -19.47 11.86 -16.87
CA GLY C 331 -20.28 10.66 -16.81
C GLY C 331 -20.30 9.97 -15.47
N ALA C 332 -20.63 8.67 -15.51
CA ALA C 332 -20.73 7.83 -14.32
C ALA C 332 -19.54 7.89 -13.39
N THR C 333 -18.33 7.73 -13.91
CA THR C 333 -17.20 7.75 -13.00
C THR C 333 -17.21 8.96 -12.09
N VAL C 334 -17.80 10.07 -12.53
CA VAL C 334 -17.83 11.23 -11.64
C VAL C 334 -19.14 11.31 -10.88
N MET C 335 -20.24 11.05 -11.55
CA MET C 335 -21.52 11.11 -10.86
C MET C 335 -21.65 10.06 -9.76
N GLU C 336 -20.89 8.97 -9.90
CA GLU C 336 -20.97 7.91 -8.92
C GLU C 336 -20.59 8.41 -7.54
N GLY C 337 -20.02 9.60 -7.47
CA GLY C 337 -19.60 10.14 -6.19
C GLY C 337 -20.51 11.19 -5.61
N PHE C 338 -21.55 11.58 -6.35
CA PHE C 338 -22.45 12.60 -5.83
C PHE C 338 -23.89 12.32 -6.07
N TYR C 339 -24.72 13.20 -5.52
CA TYR C 339 -26.16 13.14 -5.67
C TYR C 339 -26.40 14.29 -6.61
N VAL C 340 -26.77 13.99 -7.84
CA VAL C 340 -27.00 15.04 -8.82
C VAL C 340 -28.47 15.45 -8.94
N ILE C 341 -28.70 16.76 -8.87
CA ILE C 341 -30.05 17.29 -8.96
C ILE C 341 -30.26 18.04 -10.24
N PHE C 342 -31.13 17.53 -11.10
CA PHE C 342 -31.42 18.20 -12.38
C PHE C 342 -32.65 19.07 -12.18
N ASP C 343 -32.39 20.30 -11.75
CA ASP C 343 -33.43 21.29 -11.47
C ASP C 343 -33.79 22.03 -12.75
N ARG C 344 -34.49 21.34 -13.64
CA ARG C 344 -34.88 21.93 -14.91
C ARG C 344 -35.72 23.20 -14.72
N ALA C 345 -36.51 23.23 -13.65
CA ALA C 345 -37.35 24.38 -13.36
C ALA C 345 -36.58 25.67 -13.14
N GLN C 346 -35.56 25.61 -12.28
CA GLN C 346 -34.73 26.78 -11.97
C GLN C 346 -33.43 26.82 -12.77
N LYS C 347 -33.44 26.16 -13.91
CA LYS C 347 -32.30 26.12 -14.81
C LYS C 347 -30.96 25.96 -14.10
N ARG C 348 -30.83 24.90 -13.32
CA ARG C 348 -29.58 24.68 -12.61
C ARG C 348 -29.40 23.23 -12.26
N VAL C 349 -28.15 22.85 -12.02
CA VAL C 349 -27.81 21.49 -11.67
C VAL C 349 -27.11 21.53 -10.33
N GLY C 350 -27.54 20.71 -9.38
CA GLY C 350 -26.90 20.73 -8.09
C GLY C 350 -26.18 19.43 -7.76
N PHE C 351 -25.13 19.52 -6.97
CA PHE C 351 -24.39 18.34 -6.55
C PHE C 351 -24.30 18.31 -5.04
N ALA C 352 -24.24 17.11 -4.49
CA ALA C 352 -24.12 16.94 -3.06
C ALA C 352 -23.33 15.67 -2.77
N ALA C 353 -22.53 15.73 -1.72
CA ALA C 353 -21.71 14.59 -1.31
C ALA C 353 -22.63 13.40 -1.15
N SER C 354 -22.35 12.31 -1.86
CA SER C 354 -23.18 11.11 -1.79
C SER C 354 -22.67 10.09 -0.76
N PRO C 355 -23.44 9.86 0.31
CA PRO C 355 -23.11 8.94 1.39
C PRO C 355 -22.75 7.54 0.91
N CYS C 356 -23.63 6.94 0.11
CA CYS C 356 -23.40 5.60 -0.39
C CYS C 356 -22.08 5.46 -1.14
N ALA C 357 -21.45 6.59 -1.45
CA ALA C 357 -20.17 6.60 -2.16
C ALA C 357 -19.02 6.44 -1.19
N GLU C 358 -19.09 5.39 -0.39
CA GLU C 358 -18.06 5.12 0.59
C GLU C 358 -17.36 3.80 0.27
N ILE C 359 -16.16 3.63 0.80
CA ILE C 359 -15.36 2.42 0.60
C ILE C 359 -14.60 2.16 1.89
N ALA C 360 -15.10 1.22 2.69
CA ALA C 360 -14.49 0.88 3.97
C ALA C 360 -14.74 2.00 4.97
N GLY C 361 -15.94 2.57 4.91
CA GLY C 361 -16.30 3.66 5.81
C GLY C 361 -15.57 4.94 5.48
N ALA C 362 -14.98 4.99 4.29
CA ALA C 362 -14.22 6.16 3.86
C ALA C 362 -14.84 6.85 2.66
N ALA C 363 -14.98 8.17 2.76
CA ALA C 363 -15.54 9.00 1.70
C ALA C 363 -14.67 8.86 0.48
N VAL C 364 -15.30 8.76 -0.68
CA VAL C 364 -14.56 8.59 -1.90
C VAL C 364 -14.72 9.81 -2.80
N SER C 365 -15.49 10.78 -2.33
CA SER C 365 -15.73 11.99 -3.09
C SER C 365 -15.87 13.15 -2.12
N GLU C 366 -15.52 14.33 -2.58
CA GLU C 366 -15.62 15.52 -1.75
C GLU C 366 -16.23 16.67 -2.52
N ILE C 367 -16.78 17.62 -1.78
CA ILE C 367 -17.36 18.80 -2.38
C ILE C 367 -17.17 19.91 -1.38
N SER C 368 -16.77 21.09 -1.85
CA SER C 368 -16.56 22.20 -0.95
C SER C 368 -16.58 23.52 -1.69
N GLY C 369 -16.80 24.59 -0.94
CA GLY C 369 -16.84 25.90 -1.53
C GLY C 369 -17.32 26.92 -0.52
N PRO C 370 -17.46 28.18 -0.95
CA PRO C 370 -17.17 28.64 -2.31
C PRO C 370 -15.76 29.17 -2.41
N PHE C 371 -15.19 29.13 -3.61
CA PHE C 371 -13.85 29.65 -3.86
C PHE C 371 -13.99 30.91 -4.70
N SER C 372 -13.00 31.80 -4.69
CA SER C 372 -13.12 33.02 -5.47
C SER C 372 -12.90 32.77 -6.96
N THR C 373 -13.80 33.31 -7.80
CA THR C 373 -13.67 33.16 -9.25
C THR C 373 -13.11 34.45 -9.76
N GLU C 374 -13.42 35.53 -9.06
CA GLU C 374 -12.95 36.86 -9.41
C GLU C 374 -11.44 36.91 -9.33
N ASP C 375 -10.80 36.51 -10.43
CA ASP C 375 -9.34 36.49 -10.54
C ASP C 375 -9.01 35.83 -11.87
N VAL C 376 -9.81 34.83 -12.23
CA VAL C 376 -9.65 34.08 -13.46
C VAL C 376 -11.00 33.71 -14.07
N ALA C 377 -11.10 33.84 -15.40
CA ALA C 377 -12.30 33.52 -16.18
C ALA C 377 -13.16 34.69 -16.64
N SER C 378 -14.46 34.60 -16.36
CA SER C 378 -15.50 35.59 -16.72
C SER C 378 -16.63 34.79 -17.37
N ASN C 379 -16.29 34.05 -18.41
CA ASN C 379 -17.22 33.20 -19.13
C ASN C 379 -16.36 32.23 -19.92
N CYS C 380 -16.33 30.98 -19.46
CA CYS C 380 -15.51 29.98 -20.11
C CYS C 380 -16.17 29.18 -21.23
N VAL C 381 -17.37 29.60 -21.63
CA VAL C 381 -18.09 28.92 -22.71
C VAL C 381 -17.95 29.70 -24.01
N PRO C 382 -16.99 29.30 -24.87
CA PRO C 382 -16.77 30.00 -26.14
C PRO C 382 -18.03 30.10 -27.00
N ALA C 383 -18.18 31.22 -27.68
CA ALA C 383 -19.33 31.44 -28.55
C ALA C 383 -18.86 31.38 -30.01
N LEU D 1 -23.73 -43.26 -9.51
CA LEU D 1 -22.89 -42.23 -10.19
C LEU D 1 -23.76 -41.20 -10.95
N ALA D 2 -24.65 -40.55 -10.23
CA ALA D 2 -25.50 -39.48 -10.77
C ALA D 2 -25.02 -38.26 -9.97
N MET D 3 -23.72 -38.00 -10.13
CA MET D 3 -22.99 -36.93 -9.48
C MET D 3 -22.77 -35.86 -10.55
N VAL D 4 -23.49 -36.00 -11.64
CA VAL D 4 -23.40 -35.05 -12.74
C VAL D 4 -23.83 -33.65 -12.28
N ASP D 5 -23.14 -32.62 -12.78
CA ASP D 5 -23.47 -31.25 -12.41
C ASP D 5 -23.30 -31.00 -10.92
N ASN D 6 -22.47 -31.82 -10.27
CA ASN D 6 -22.24 -31.69 -8.84
C ASN D 6 -21.18 -30.64 -8.51
N LEU D 7 -20.66 -29.96 -9.52
CA LEU D 7 -19.65 -28.93 -9.30
C LEU D 7 -20.10 -27.56 -9.80
N GLN D 8 -19.77 -26.51 -9.06
CA GLN D 8 -20.10 -25.15 -9.47
C GLN D 8 -18.77 -24.43 -9.65
N GLY D 9 -18.74 -23.38 -10.47
CA GLY D 9 -17.50 -22.65 -10.64
C GLY D 9 -17.05 -22.45 -12.08
N ASP D 10 -15.82 -21.97 -12.24
CA ASP D 10 -15.28 -21.71 -13.57
C ASP D 10 -13.75 -21.62 -13.54
N SER D 11 -13.16 -21.53 -14.73
CA SER D 11 -11.71 -21.43 -14.89
C SER D 11 -11.14 -20.29 -14.03
N GLY D 12 -11.94 -19.27 -13.78
CA GLY D 12 -11.50 -18.13 -13.00
C GLY D 12 -11.04 -18.36 -11.57
N ARG D 13 -11.94 -18.84 -10.71
CA ARG D 13 -11.53 -19.07 -9.34
C ARG D 13 -11.64 -20.53 -8.89
N GLY D 14 -11.86 -21.43 -9.84
CA GLY D 14 -11.92 -22.85 -9.51
C GLY D 14 -13.30 -23.47 -9.45
N TYR D 15 -13.33 -24.80 -9.42
CA TYR D 15 -14.56 -25.54 -9.34
C TYR D 15 -14.75 -26.12 -7.95
N TYR D 16 -15.94 -25.97 -7.40
CA TYR D 16 -16.17 -26.47 -6.06
C TYR D 16 -17.35 -27.40 -5.86
N LEU D 17 -17.15 -28.33 -4.95
CA LEU D 17 -18.11 -29.35 -4.60
C LEU D 17 -18.72 -28.96 -3.27
N GLU D 18 -20.01 -29.24 -3.07
CA GLU D 18 -20.65 -28.91 -1.81
C GLU D 18 -20.66 -30.13 -0.91
N MET D 19 -20.13 -30.00 0.31
CA MET D 19 -20.19 -31.11 1.25
C MET D 19 -20.68 -30.64 2.61
N LEU D 20 -21.32 -31.54 3.34
CA LEU D 20 -21.85 -31.25 4.68
C LEU D 20 -20.89 -31.81 5.72
N ILE D 21 -20.52 -30.99 6.69
CA ILE D 21 -19.57 -31.43 7.70
C ILE D 21 -20.06 -31.42 9.13
N GLY D 22 -19.69 -32.46 9.87
CA GLY D 22 -20.03 -32.55 11.29
C GLY D 22 -21.45 -32.90 11.66
N THR D 23 -21.72 -32.86 12.96
CA THR D 23 -23.03 -33.17 13.51
C THR D 23 -23.48 -32.12 14.52
N PRO D 24 -24.57 -31.39 14.22
CA PRO D 24 -25.38 -31.48 13.00
C PRO D 24 -24.52 -31.07 11.81
N PRO D 25 -25.08 -31.14 10.59
CA PRO D 25 -24.32 -30.77 9.40
C PRO D 25 -24.12 -29.27 9.17
N GLN D 26 -22.92 -28.92 8.73
CA GLN D 26 -22.58 -27.55 8.40
C GLN D 26 -22.23 -27.59 6.90
N LYS D 27 -22.93 -26.77 6.13
CA LYS D 27 -22.76 -26.71 4.68
C LYS D 27 -21.51 -25.94 4.27
N LEU D 28 -20.62 -26.60 3.53
CA LEU D 28 -19.40 -25.93 3.07
C LEU D 28 -19.21 -26.09 1.57
N GLN D 29 -18.43 -25.19 0.98
CA GLN D 29 -18.17 -25.24 -0.46
C GLN D 29 -16.70 -25.55 -0.70
N ILE D 30 -16.38 -26.78 -1.06
CA ILE D 30 -14.99 -27.18 -1.26
C ILE D 30 -14.44 -27.09 -2.68
N LEU D 31 -13.24 -26.54 -2.78
CA LEU D 31 -12.57 -26.40 -4.05
C LEU D 31 -11.89 -27.71 -4.41
N VAL D 32 -12.21 -28.27 -5.57
CA VAL D 32 -11.60 -29.54 -5.98
C VAL D 32 -10.19 -29.36 -6.52
N ASP D 33 -9.21 -29.90 -5.82
CA ASP D 33 -7.82 -29.75 -6.23
C ASP D 33 -7.05 -31.04 -6.42
N THR D 34 -6.82 -31.43 -7.67
CA THR D 34 -6.08 -32.66 -7.93
C THR D 34 -4.59 -32.42 -7.78
N GLY D 35 -4.23 -31.20 -7.43
CA GLY D 35 -2.82 -30.88 -7.28
C GLY D 35 -2.26 -30.90 -5.88
N SER D 36 -3.00 -31.46 -4.93
CA SER D 36 -2.50 -31.53 -3.56
C SER D 36 -3.26 -32.60 -2.80
N SER D 37 -2.90 -32.83 -1.54
CA SER D 37 -3.56 -33.88 -0.80
C SER D 37 -4.07 -33.61 0.60
N ASN D 38 -4.62 -32.43 0.86
CA ASN D 38 -5.16 -32.15 2.18
C ASN D 38 -6.57 -31.62 2.13
N PHE D 39 -7.37 -31.97 3.13
CA PHE D 39 -8.74 -31.51 3.20
C PHE D 39 -8.66 -30.40 4.22
N ALA D 40 -9.08 -29.20 3.85
CA ALA D 40 -9.03 -28.10 4.79
C ALA D 40 -10.14 -27.12 4.51
N VAL D 41 -10.69 -26.57 5.58
CA VAL D 41 -11.78 -25.61 5.48
C VAL D 41 -11.52 -24.41 6.37
N ALA D 42 -12.22 -23.32 6.11
CA ALA D 42 -12.04 -22.12 6.91
C ALA D 42 -12.39 -22.47 8.34
N GLY D 43 -11.51 -22.11 9.27
CA GLY D 43 -11.75 -22.38 10.67
C GLY D 43 -12.13 -21.14 11.44
N THR D 44 -12.11 -19.99 10.76
CA THR D 44 -12.45 -18.71 11.36
C THR D 44 -13.02 -17.86 10.26
N PRO D 45 -13.63 -16.71 10.59
CA PRO D 45 -14.19 -15.86 9.54
C PRO D 45 -13.00 -15.32 8.74
N HIS D 46 -13.24 -14.90 7.50
CA HIS D 46 -12.15 -14.35 6.70
C HIS D 46 -12.57 -13.46 5.55
N SER D 47 -11.70 -12.51 5.25
CA SER D 47 -11.92 -11.53 4.22
C SER D 47 -12.82 -11.86 3.04
N TYR D 48 -12.70 -13.05 2.44
CA TYR D 48 -13.56 -13.31 1.29
C TYR D 48 -14.55 -14.47 1.36
N ILE D 49 -14.77 -14.98 2.56
CA ILE D 49 -15.71 -16.09 2.74
C ILE D 49 -16.85 -15.63 3.64
N ASP D 50 -18.03 -16.22 3.48
CA ASP D 50 -19.17 -15.82 4.29
C ASP D 50 -19.58 -16.91 5.28
N THR D 51 -18.72 -17.90 5.45
CA THR D 51 -18.98 -19.00 6.38
C THR D 51 -17.72 -19.81 6.61
N TYR D 52 -17.70 -20.61 7.67
CA TYR D 52 -16.54 -21.43 7.98
C TYR D 52 -17.01 -22.57 8.84
N PHE D 53 -16.18 -23.59 9.00
CA PHE D 53 -16.57 -24.72 9.82
C PHE D 53 -16.21 -24.45 11.27
N ASP D 54 -17.20 -24.53 12.15
CA ASP D 54 -16.96 -24.27 13.57
C ASP D 54 -16.83 -25.60 14.31
N THR D 55 -15.61 -26.04 14.63
CA THR D 55 -15.47 -27.31 15.31
C THR D 55 -16.25 -27.42 16.62
N GLU D 56 -16.39 -26.32 17.35
CA GLU D 56 -17.12 -26.39 18.61
C GLU D 56 -18.60 -26.75 18.51
N ARG D 57 -19.18 -26.70 17.32
CA ARG D 57 -20.60 -27.02 17.18
C ARG D 57 -20.86 -28.42 16.60
N SER D 58 -19.81 -29.23 16.48
CA SER D 58 -19.98 -30.58 15.93
C SER D 58 -19.67 -31.63 16.98
N SER D 59 -20.69 -32.38 17.41
CA SER D 59 -20.49 -33.41 18.43
C SER D 59 -19.68 -34.60 17.94
N THR D 60 -19.45 -34.67 16.63
CA THR D 60 -18.69 -35.77 16.06
C THR D 60 -17.23 -35.43 15.75
N TYR D 61 -16.82 -34.21 16.04
CA TYR D 61 -15.45 -33.78 15.79
C TYR D 61 -14.53 -34.26 16.89
N ARG D 62 -13.38 -34.81 16.52
CA ARG D 62 -12.40 -35.25 17.51
C ARG D 62 -11.12 -34.53 17.11
N SER D 63 -10.40 -33.98 18.07
CA SER D 63 -9.15 -33.29 17.75
C SER D 63 -8.02 -34.31 17.65
N LYS D 64 -7.17 -34.16 16.65
CA LYS D 64 -6.07 -35.11 16.50
C LYS D 64 -4.83 -34.66 17.28
N GLY D 65 -4.91 -33.46 17.85
CA GLY D 65 -3.81 -32.99 18.67
C GLY D 65 -2.66 -32.16 18.11
N PHE D 66 -2.66 -31.89 16.81
CA PHE D 66 -1.57 -31.11 16.24
C PHE D 66 -2.00 -30.21 15.10
N ASP D 67 -1.14 -29.24 14.80
CA ASP D 67 -1.38 -28.30 13.74
C ASP D 67 -0.62 -28.78 12.48
N VAL D 68 -1.03 -28.28 11.32
CA VAL D 68 -0.38 -28.64 10.07
C VAL D 68 -0.39 -27.41 9.19
N THR D 69 0.62 -27.30 8.34
CA THR D 69 0.71 -26.15 7.46
C THR D 69 1.11 -26.55 6.04
N VAL D 70 0.32 -26.12 5.07
CA VAL D 70 0.61 -26.44 3.68
C VAL D 70 0.94 -25.23 2.85
N LYS D 71 1.98 -25.32 2.02
CA LYS D 71 2.29 -24.20 1.15
C LYS D 71 2.20 -24.63 -0.31
N TYR D 72 1.27 -24.01 -1.02
CA TYR D 72 1.06 -24.31 -2.41
C TYR D 72 2.00 -23.45 -3.25
N THR D 73 1.83 -23.50 -4.57
CA THR D 73 2.68 -22.71 -5.46
C THR D 73 2.64 -21.29 -4.96
N GLN D 74 1.46 -20.83 -4.58
CA GLN D 74 1.32 -19.50 -4.04
C GLN D 74 0.13 -19.47 -3.13
N GLY D 75 0.41 -19.16 -1.86
CA GLY D 75 -0.60 -19.13 -0.83
C GLY D 75 -0.28 -20.25 0.14
N SER D 76 -0.85 -20.17 1.33
CA SER D 76 -0.61 -21.20 2.34
C SER D 76 -1.59 -21.00 3.47
N TRP D 77 -1.75 -22.03 4.28
CA TRP D 77 -2.64 -21.94 5.43
C TRP D 77 -2.10 -22.82 6.54
N THR D 78 -2.61 -22.60 7.74
CA THR D 78 -2.19 -23.38 8.90
C THR D 78 -3.46 -23.71 9.65
N GLY D 79 -3.59 -24.95 10.08
CA GLY D 79 -4.79 -25.29 10.80
C GLY D 79 -4.64 -26.45 11.74
N PHE D 80 -5.68 -26.71 12.52
CA PHE D 80 -5.66 -27.81 13.45
C PHE D 80 -6.11 -29.06 12.70
N VAL D 81 -5.41 -30.16 12.94
CA VAL D 81 -5.78 -31.41 12.30
C VAL D 81 -6.78 -32.14 13.19
N GLY D 82 -7.85 -32.64 12.59
CA GLY D 82 -8.87 -33.36 13.34
C GLY D 82 -9.62 -34.34 12.46
N GLU D 83 -10.68 -34.93 13.00
CA GLU D 83 -11.51 -35.89 12.27
C GLU D 83 -12.96 -35.48 12.38
N ASP D 84 -13.76 -35.91 11.43
CA ASP D 84 -15.18 -35.67 11.51
C ASP D 84 -15.89 -36.34 10.37
N LEU D 85 -17.20 -36.47 10.52
CA LEU D 85 -18.02 -37.11 9.51
C LEU D 85 -18.34 -36.14 8.40
N VAL D 86 -18.33 -36.66 7.18
CA VAL D 86 -18.60 -35.86 6.01
C VAL D 86 -19.67 -36.53 5.20
N THR D 87 -20.48 -35.73 4.53
CA THR D 87 -21.54 -36.25 3.69
C THR D 87 -21.49 -35.47 2.40
N ILE D 88 -21.39 -36.15 1.27
CA ILE D 88 -21.38 -35.45 -0.01
C ILE D 88 -22.79 -35.62 -0.52
N PRO D 89 -23.65 -34.61 -0.32
CA PRO D 89 -25.05 -34.58 -0.73
C PRO D 89 -25.35 -35.40 -1.97
N LYS D 90 -24.91 -34.88 -3.11
CA LYS D 90 -25.15 -35.54 -4.39
C LYS D 90 -24.07 -36.58 -4.62
N GLY D 91 -24.40 -37.85 -4.38
CA GLY D 91 -23.42 -38.91 -4.58
C GLY D 91 -23.43 -39.99 -3.52
N PHE D 92 -22.96 -39.64 -2.34
CA PHE D 92 -22.93 -40.59 -1.23
C PHE D 92 -23.69 -39.93 -0.10
N ASN D 93 -24.79 -40.56 0.32
CA ASN D 93 -25.58 -39.98 1.39
C ASN D 93 -25.36 -40.73 2.72
N THR D 94 -24.27 -41.48 2.77
CA THR D 94 -23.88 -42.23 3.96
C THR D 94 -22.51 -41.75 4.43
N SER D 95 -22.54 -40.80 5.36
CA SER D 95 -21.36 -40.15 5.92
C SER D 95 -20.16 -41.03 6.25
N PHE D 96 -18.97 -40.47 6.05
CA PHE D 96 -17.74 -41.19 6.34
C PHE D 96 -16.76 -40.32 7.09
N LEU D 97 -15.88 -40.99 7.82
CA LEU D 97 -14.89 -40.33 8.66
C LEU D 97 -13.64 -39.93 7.91
N VAL D 98 -13.34 -38.64 7.91
CA VAL D 98 -12.16 -38.16 7.21
C VAL D 98 -11.31 -37.20 8.06
N ASN D 99 -10.02 -37.09 7.76
CA ASN D 99 -9.17 -36.16 8.49
C ASN D 99 -9.58 -34.81 8.00
N ILE D 100 -9.34 -33.77 8.78
CA ILE D 100 -9.75 -32.44 8.35
C ILE D 100 -8.93 -31.34 9.00
N ALA D 101 -8.40 -30.45 8.16
CA ALA D 101 -7.60 -29.32 8.61
C ALA D 101 -8.50 -28.11 8.75
N THR D 102 -8.42 -27.44 9.88
CA THR D 102 -9.24 -26.26 10.14
C THR D 102 -8.32 -25.05 10.10
N ILE D 103 -8.43 -24.28 9.03
CA ILE D 103 -7.58 -23.11 8.84
C ILE D 103 -7.78 -21.98 9.81
N PHE D 104 -6.75 -21.69 10.60
CA PHE D 104 -6.85 -20.60 11.54
C PHE D 104 -5.89 -19.47 11.16
N GLU D 105 -5.15 -19.68 10.07
CA GLU D 105 -4.20 -18.70 9.55
C GLU D 105 -3.92 -19.03 8.08
N SER D 106 -4.11 -18.06 7.21
CA SER D 106 -3.86 -18.29 5.80
C SER D 106 -3.20 -17.02 5.27
N GLU D 107 -2.54 -17.14 4.13
CA GLU D 107 -1.90 -16.00 3.49
C GLU D 107 -2.04 -16.25 1.98
N ASN D 108 -2.65 -15.30 1.27
CA ASN D 108 -2.88 -15.42 -0.17
C ASN D 108 -3.57 -16.73 -0.55
N PHE D 109 -4.46 -17.21 0.32
CA PHE D 109 -5.17 -18.44 0.04
C PHE D 109 -6.56 -18.11 -0.47
N PHE D 110 -7.33 -17.38 0.34
CA PHE D 110 -8.67 -17.01 -0.10
C PHE D 110 -8.56 -15.68 -0.86
N LEU D 111 -8.96 -15.68 -2.12
CA LEU D 111 -8.88 -14.47 -2.94
C LEU D 111 -10.27 -13.87 -3.06
N PRO D 112 -10.38 -12.67 -3.63
CA PRO D 112 -11.66 -11.97 -3.81
C PRO D 112 -12.56 -12.67 -4.80
N GLY D 113 -13.84 -12.77 -4.46
CA GLY D 113 -14.79 -13.38 -5.36
C GLY D 113 -14.93 -14.90 -5.40
N ILE D 114 -14.14 -15.63 -4.61
CA ILE D 114 -14.26 -17.08 -4.64
C ILE D 114 -15.56 -17.41 -3.93
N LYS D 115 -16.16 -18.53 -4.27
CA LYS D 115 -17.40 -18.90 -3.60
C LYS D 115 -17.17 -20.09 -2.69
N TRP D 116 -15.94 -20.59 -2.68
CA TRP D 116 -15.59 -21.73 -1.83
C TRP D 116 -14.90 -21.28 -0.56
N ASN D 117 -14.73 -22.19 0.39
CA ASN D 117 -14.07 -21.87 1.64
C ASN D 117 -13.29 -23.05 2.19
N GLY D 118 -12.93 -23.96 1.30
CA GLY D 118 -12.18 -25.13 1.71
C GLY D 118 -11.61 -25.74 0.46
N ILE D 119 -10.59 -26.57 0.61
CA ILE D 119 -9.97 -27.19 -0.54
C ILE D 119 -9.85 -28.69 -0.32
N LEU D 120 -10.17 -29.46 -1.36
CA LEU D 120 -10.12 -30.93 -1.30
C LEU D 120 -8.97 -31.48 -2.14
N GLY D 121 -7.91 -31.94 -1.49
CA GLY D 121 -6.79 -32.47 -2.25
C GLY D 121 -7.05 -33.91 -2.69
N LEU D 122 -7.04 -34.17 -3.99
CA LEU D 122 -7.28 -35.53 -4.48
C LEU D 122 -6.01 -36.21 -5.01
N ALA D 123 -4.85 -35.69 -4.60
CA ALA D 123 -3.58 -36.25 -5.04
C ALA D 123 -3.19 -37.44 -4.18
N TYR D 124 -1.94 -37.87 -4.28
CA TYR D 124 -1.47 -39.03 -3.53
C TYR D 124 -1.06 -38.74 -2.12
N ALA D 125 -1.00 -39.79 -1.30
CA ALA D 125 -0.62 -39.66 0.10
C ALA D 125 0.75 -39.02 0.27
N THR D 126 1.69 -39.38 -0.59
CA THR D 126 3.04 -38.83 -0.49
C THR D 126 3.00 -37.32 -0.30
N LEU D 127 2.17 -36.64 -1.06
CA LEU D 127 2.07 -35.18 -0.99
C LEU D 127 1.42 -34.63 0.28
N ALA D 128 0.74 -35.48 1.02
CA ALA D 128 0.06 -35.03 2.23
C ALA D 128 1.01 -34.53 3.30
N LYS D 129 0.58 -33.44 3.94
CA LYS D 129 1.31 -32.82 5.04
C LYS D 129 0.40 -33.01 6.25
N PRO D 130 0.98 -33.23 7.43
CA PRO D 130 2.41 -33.26 7.72
C PRO D 130 3.16 -34.41 7.06
N SER D 131 2.47 -35.51 6.78
CA SER D 131 3.15 -36.64 6.16
C SER D 131 2.23 -37.65 5.49
N SER D 132 2.83 -38.55 4.74
CA SER D 132 2.09 -39.57 4.01
C SER D 132 1.23 -40.41 4.94
N SER D 133 1.20 -40.08 6.23
CA SER D 133 0.41 -40.88 7.14
C SER D 133 -0.94 -40.27 7.52
N LEU D 134 -1.20 -39.05 7.06
CA LEU D 134 -2.49 -38.41 7.33
C LEU D 134 -3.37 -38.78 6.14
N GLU D 135 -3.97 -39.95 6.20
CA GLU D 135 -4.80 -40.48 5.12
C GLU D 135 -5.62 -39.47 4.32
N THR D 136 -5.49 -39.58 3.00
CA THR D 136 -6.18 -38.75 2.03
C THR D 136 -7.70 -38.83 2.11
N PHE D 137 -8.38 -37.72 1.82
CA PHE D 137 -9.85 -37.71 1.83
C PHE D 137 -10.30 -38.89 0.99
N PHE D 138 -9.86 -38.91 -0.26
CA PHE D 138 -10.24 -39.99 -1.15
C PHE D 138 -9.92 -41.37 -0.59
N ASP D 139 -8.70 -41.54 -0.08
CA ASP D 139 -8.30 -42.84 0.49
C ASP D 139 -9.37 -43.32 1.45
N SER D 140 -9.89 -42.41 2.26
CA SER D 140 -10.93 -42.76 3.20
C SER D 140 -12.16 -43.17 2.43
N LEU D 141 -12.65 -42.24 1.61
CA LEU D 141 -13.85 -42.48 0.82
C LEU D 141 -13.81 -43.83 0.14
N VAL D 142 -12.66 -44.17 -0.44
CA VAL D 142 -12.57 -45.45 -1.09
C VAL D 142 -12.86 -46.58 -0.12
N THR D 143 -12.13 -46.64 0.98
CA THR D 143 -12.34 -47.71 1.95
C THR D 143 -13.74 -47.78 2.51
N GLN D 144 -14.22 -46.66 3.04
CA GLN D 144 -15.52 -46.61 3.65
C GLN D 144 -16.70 -46.75 2.70
N ALA D 145 -16.60 -46.17 1.52
CA ALA D 145 -17.70 -46.28 0.56
C ALA D 145 -17.53 -47.54 -0.27
N ASN D 146 -16.40 -48.21 -0.06
CA ASN D 146 -16.07 -49.43 -0.80
C ASN D 146 -16.35 -49.25 -2.29
N ILE D 147 -15.77 -48.21 -2.88
CA ILE D 147 -15.92 -47.92 -4.30
C ILE D 147 -14.57 -48.15 -4.98
N PRO D 148 -14.55 -48.14 -6.33
CA PRO D 148 -13.31 -48.34 -7.09
C PRO D 148 -12.36 -47.19 -6.86
N ASN D 149 -11.06 -47.48 -6.80
CA ASN D 149 -10.05 -46.45 -6.57
C ASN D 149 -9.85 -45.62 -7.83
N VAL D 150 -10.93 -44.92 -8.21
CA VAL D 150 -10.94 -44.10 -9.40
C VAL D 150 -11.84 -42.89 -9.23
N PHE D 151 -11.60 -41.84 -10.02
CA PHE D 151 -12.46 -40.67 -10.00
C PHE D 151 -12.19 -39.87 -11.25
N SER D 152 -13.21 -39.27 -11.83
CA SER D 152 -13.03 -38.49 -13.06
C SER D 152 -13.61 -37.11 -12.88
N MET D 153 -13.13 -36.16 -13.67
CA MET D 153 -13.61 -34.79 -13.54
C MET D 153 -13.88 -34.15 -14.89
N GLN D 154 -14.90 -33.29 -14.92
CA GLN D 154 -15.26 -32.59 -16.14
C GLN D 154 -15.64 -31.17 -15.81
N MET D 155 -14.87 -30.21 -16.32
CA MET D 155 -15.16 -28.80 -16.07
C MET D 155 -15.81 -28.18 -17.29
N CYS D 156 -16.86 -27.40 -17.07
CA CYS D 156 -17.54 -26.72 -18.17
C CYS D 156 -17.52 -25.22 -17.90
N GLY D 157 -17.05 -24.45 -18.87
CA GLY D 157 -16.97 -23.01 -18.69
C GLY D 157 -16.27 -22.41 -19.90
N ALA D 158 -16.80 -21.32 -20.42
CA ALA D 158 -16.21 -20.69 -21.59
C ALA D 158 -16.94 -19.40 -21.96
N ASN D 168 -22.81 -22.42 -15.80
CA ASN D 168 -22.62 -23.87 -15.77
C ASN D 168 -21.40 -24.21 -14.93
N GLY D 169 -21.30 -25.48 -14.51
CA GLY D 169 -20.19 -25.89 -13.67
C GLY D 169 -19.44 -27.12 -14.14
N GLY D 170 -19.56 -28.21 -13.40
CA GLY D 170 -18.86 -29.42 -13.78
C GLY D 170 -19.29 -30.64 -13.00
N SER D 171 -18.50 -31.71 -13.11
CA SER D 171 -18.85 -32.94 -12.41
C SER D 171 -17.65 -33.64 -11.82
N LEU D 172 -17.74 -34.03 -10.56
CA LEU D 172 -16.67 -34.76 -9.92
C LEU D 172 -17.23 -36.14 -9.65
N VAL D 173 -17.07 -37.06 -10.59
CA VAL D 173 -17.57 -38.42 -10.43
C VAL D 173 -16.57 -39.22 -9.59
N LEU D 174 -16.90 -39.45 -8.33
CA LEU D 174 -16.02 -40.17 -7.43
C LEU D 174 -16.18 -41.68 -7.43
N GLY D 175 -15.19 -42.38 -7.98
CA GLY D 175 -15.25 -43.83 -8.00
C GLY D 175 -15.65 -44.47 -9.32
N GLY D 176 -15.57 -43.73 -10.42
CA GLY D 176 -15.95 -44.31 -11.69
C GLY D 176 -15.92 -43.34 -12.85
N ILE D 177 -16.46 -43.78 -13.98
CA ILE D 177 -16.51 -42.96 -15.18
C ILE D 177 -17.94 -42.83 -15.67
N GLU D 178 -18.44 -41.61 -15.83
CA GLU D 178 -19.80 -41.43 -16.30
C GLU D 178 -19.82 -41.28 -17.81
N PRO D 179 -20.22 -42.33 -18.52
CA PRO D 179 -20.26 -42.33 -19.99
C PRO D 179 -21.10 -41.24 -20.65
N SER D 180 -22.04 -40.65 -19.94
CA SER D 180 -22.86 -39.62 -20.56
C SER D 180 -22.11 -38.29 -20.65
N LEU D 181 -20.92 -38.25 -20.06
CA LEU D 181 -20.11 -37.03 -20.04
C LEU D 181 -19.09 -36.95 -21.16
N TYR D 182 -19.00 -37.97 -22.00
CA TYR D 182 -18.01 -37.90 -23.07
C TYR D 182 -18.37 -38.73 -24.29
N LYS D 183 -18.08 -38.18 -25.45
CA LYS D 183 -18.34 -38.89 -26.68
C LYS D 183 -16.98 -39.19 -27.26
N GLY D 184 -16.89 -40.28 -28.01
CA GLY D 184 -15.62 -40.62 -28.61
C GLY D 184 -14.84 -41.58 -27.72
N ASP D 185 -13.61 -41.90 -28.14
CA ASP D 185 -12.76 -42.79 -27.39
C ASP D 185 -12.07 -42.01 -26.29
N ILE D 186 -11.61 -42.72 -25.27
CA ILE D 186 -10.91 -42.11 -24.15
C ILE D 186 -9.50 -42.66 -24.14
N TRP D 187 -8.52 -41.79 -24.31
CA TRP D 187 -7.13 -42.20 -24.34
C TRP D 187 -6.50 -42.13 -22.97
N TYR D 188 -5.61 -43.07 -22.69
CA TYR D 188 -4.94 -43.12 -21.40
C TYR D 188 -3.44 -42.95 -21.50
N THR D 189 -2.88 -42.31 -20.50
CA THR D 189 -1.44 -42.12 -20.44
C THR D 189 -1.05 -42.59 -19.04
N PRO D 190 0.07 -43.29 -18.94
CA PRO D 190 0.55 -43.81 -17.67
C PRO D 190 0.97 -42.73 -16.69
N ILE D 191 0.71 -42.97 -15.41
CA ILE D 191 1.09 -42.03 -14.38
C ILE D 191 2.54 -42.38 -14.03
N LYS D 192 3.47 -41.48 -14.30
CA LYS D 192 4.88 -41.73 -14.04
C LYS D 192 5.26 -41.86 -12.57
N GLU D 193 4.96 -40.84 -11.77
CA GLU D 193 5.29 -40.89 -10.34
C GLU D 193 4.02 -40.63 -9.56
N GLU D 194 3.75 -41.42 -8.52
CA GLU D 194 2.53 -41.23 -7.75
C GLU D 194 2.66 -40.27 -6.57
N TRP D 195 2.54 -38.98 -6.87
CA TRP D 195 2.59 -37.89 -5.90
C TRP D 195 1.58 -36.91 -6.49
N TYR D 196 2.00 -36.18 -7.53
CA TYR D 196 1.12 -35.30 -8.25
C TYR D 196 0.70 -36.29 -9.33
N TYR D 197 -0.27 -35.96 -10.15
CA TYR D 197 -0.61 -36.89 -11.21
C TYR D 197 0.34 -36.55 -12.33
N GLN D 198 1.51 -37.17 -12.30
CA GLN D 198 2.53 -36.90 -13.31
C GLN D 198 2.47 -37.80 -14.54
N ILE D 199 2.59 -37.18 -15.70
CA ILE D 199 2.57 -37.92 -16.95
C ILE D 199 3.70 -37.40 -17.82
N GLU D 200 4.05 -38.12 -18.89
CA GLU D 200 5.14 -37.63 -19.72
C GLU D 200 4.65 -37.03 -21.02
N ILE D 201 5.06 -35.79 -21.25
CA ILE D 201 4.71 -35.06 -22.44
C ILE D 201 5.78 -35.32 -23.50
N LEU D 202 5.37 -35.50 -24.75
CA LEU D 202 6.37 -35.75 -25.77
C LEU D 202 6.66 -34.54 -26.63
N LYS D 203 5.64 -34.05 -27.33
CA LYS D 203 5.78 -32.88 -28.19
C LYS D 203 4.80 -31.83 -27.75
N LEU D 204 4.95 -30.64 -28.30
CA LEU D 204 4.07 -29.53 -28.01
C LEU D 204 3.94 -28.82 -29.34
N GLU D 205 2.84 -29.03 -30.02
CA GLU D 205 2.61 -28.42 -31.33
C GLU D 205 1.86 -27.11 -31.22
N ILE D 206 2.13 -26.21 -32.16
CA ILE D 206 1.47 -24.92 -32.19
C ILE D 206 1.17 -24.50 -33.62
N GLY D 207 -0.11 -24.51 -33.98
CA GLY D 207 -0.46 -24.16 -35.32
C GLY D 207 0.11 -25.25 -36.21
N GLY D 208 0.19 -26.46 -35.65
CA GLY D 208 0.72 -27.59 -36.39
C GLY D 208 2.23 -27.65 -36.38
N GLN D 209 2.86 -26.56 -35.99
CA GLN D 209 4.32 -26.50 -35.95
C GLN D 209 4.80 -26.98 -34.59
N SER D 210 5.58 -28.05 -34.56
CA SER D 210 6.08 -28.57 -33.29
C SER D 210 7.10 -27.57 -32.79
N LEU D 211 7.38 -27.59 -31.49
CA LEU D 211 8.34 -26.65 -30.94
C LEU D 211 9.79 -27.01 -31.17
N ASN D 212 10.03 -28.28 -31.44
CA ASN D 212 11.39 -28.75 -31.67
C ASN D 212 12.29 -28.35 -30.50
N LEU D 213 12.10 -29.05 -29.38
CA LEU D 213 12.88 -28.82 -28.17
C LEU D 213 13.11 -30.17 -27.55
N ASP D 214 14.25 -30.32 -26.89
CA ASP D 214 14.56 -31.59 -26.23
C ASP D 214 13.34 -31.94 -25.39
N CYS D 215 12.62 -33.00 -25.78
CA CYS D 215 11.42 -33.38 -25.07
C CYS D 215 11.57 -33.42 -23.56
N ARG D 216 12.80 -33.53 -23.07
CA ARG D 216 13.03 -33.55 -21.63
C ARG D 216 12.66 -32.17 -21.07
N GLU D 217 12.73 -31.15 -21.92
CA GLU D 217 12.39 -29.78 -21.55
C GLU D 217 10.98 -29.72 -20.96
N TYR D 218 10.04 -30.34 -21.65
CA TYR D 218 8.65 -30.35 -21.23
C TYR D 218 8.45 -31.14 -19.95
N ASN D 219 9.35 -32.08 -19.67
CA ASN D 219 9.18 -32.88 -18.48
C ASN D 219 10.15 -32.55 -17.37
N ALA D 220 10.73 -31.37 -17.41
CA ALA D 220 11.66 -30.98 -16.37
C ALA D 220 11.04 -29.87 -15.52
N ASP D 221 10.87 -30.16 -14.23
CA ASP D 221 11.25 -31.46 -13.70
C ASP D 221 10.03 -32.34 -13.52
N LYS D 222 8.88 -31.87 -14.01
CA LYS D 222 7.63 -32.61 -13.89
C LYS D 222 6.49 -31.97 -14.69
N ALA D 223 5.58 -32.80 -15.19
CA ALA D 223 4.39 -32.33 -15.91
C ALA D 223 3.21 -32.99 -15.21
N ILE D 224 2.38 -32.21 -14.54
CA ILE D 224 1.25 -32.77 -13.81
C ILE D 224 -0.11 -32.29 -14.29
N VAL D 225 -1.13 -33.09 -14.06
CA VAL D 225 -2.50 -32.72 -14.41
C VAL D 225 -2.99 -32.10 -13.11
N ASP D 226 -3.42 -30.84 -13.13
CA ASP D 226 -3.80 -30.19 -11.87
C ASP D 226 -5.00 -29.22 -11.88
N SER D 227 -6.18 -29.74 -11.56
CA SER D 227 -7.42 -28.96 -11.52
C SER D 227 -7.28 -27.77 -10.56
N GLY D 228 -6.39 -27.91 -9.60
CA GLY D 228 -6.17 -26.85 -8.61
C GLY D 228 -5.35 -25.70 -9.14
N THR D 229 -4.99 -25.74 -10.42
CA THR D 229 -4.21 -24.65 -11.02
C THR D 229 -4.97 -24.09 -12.21
N THR D 230 -5.32 -22.82 -12.11
CA THR D 230 -6.06 -22.11 -13.12
C THR D 230 -5.55 -22.14 -14.56
N LEU D 231 -4.27 -21.80 -14.74
CA LEU D 231 -3.67 -21.72 -16.05
C LEU D 231 -2.85 -22.91 -16.50
N LEU D 232 -2.44 -22.87 -17.77
CA LEU D 232 -1.60 -23.91 -18.34
C LEU D 232 -0.22 -23.30 -18.13
N ARG D 233 0.50 -23.83 -17.16
CA ARG D 233 1.82 -23.31 -16.85
C ARG D 233 2.91 -24.11 -17.52
N LEU D 234 3.81 -23.42 -18.20
CA LEU D 234 4.89 -24.09 -18.90
C LEU D 234 6.22 -23.55 -18.39
N PRO D 235 7.22 -24.42 -18.20
CA PRO D 235 8.52 -23.94 -17.71
C PRO D 235 9.05 -22.90 -18.70
N GLN D 236 9.57 -21.82 -18.14
CA GLN D 236 10.09 -20.66 -18.90
C GLN D 236 10.51 -20.88 -20.34
N LYS D 237 11.64 -21.55 -20.55
CA LYS D 237 12.13 -21.76 -21.90
C LYS D 237 11.01 -22.16 -22.86
N VAL D 238 10.10 -23.02 -22.41
CA VAL D 238 8.99 -23.46 -23.26
C VAL D 238 7.97 -22.34 -23.44
N PHE D 239 7.64 -21.70 -22.33
CA PHE D 239 6.70 -20.59 -22.38
C PHE D 239 7.13 -19.63 -23.48
N ASP D 240 8.39 -19.22 -23.44
CA ASP D 240 8.90 -18.30 -24.44
C ASP D 240 8.66 -18.85 -25.84
N ALA D 241 9.14 -20.06 -26.08
CA ALA D 241 8.96 -20.67 -27.40
C ALA D 241 7.51 -20.56 -27.82
N VAL D 242 6.60 -20.92 -26.91
CA VAL D 242 5.18 -20.87 -27.22
C VAL D 242 4.72 -19.46 -27.55
N VAL D 243 4.97 -18.53 -26.64
CA VAL D 243 4.57 -17.14 -26.88
C VAL D 243 5.06 -16.68 -28.23
N GLU D 244 6.36 -16.80 -28.47
CA GLU D 244 6.92 -16.40 -29.75
C GLU D 244 6.05 -16.99 -30.86
N ALA D 245 5.79 -18.29 -30.76
CA ALA D 245 5.00 -18.98 -31.74
C ALA D 245 3.61 -18.37 -31.90
N VAL D 246 2.84 -18.35 -30.81
CA VAL D 246 1.50 -17.80 -30.86
C VAL D 246 1.51 -16.42 -31.47
N ALA D 247 2.56 -15.67 -31.21
CA ALA D 247 2.67 -14.32 -31.74
C ALA D 247 2.87 -14.38 -33.25
N ARG D 248 3.98 -14.97 -33.70
CA ARG D 248 4.27 -15.08 -35.12
C ARG D 248 3.05 -15.44 -35.98
N ALA D 249 2.22 -16.35 -35.47
CA ALA D 249 1.03 -16.81 -36.17
C ALA D 249 -0.13 -15.82 -36.18
N SER D 250 0.17 -14.54 -36.02
CA SER D 250 -0.85 -13.49 -36.01
C SER D 250 -0.22 -12.20 -35.48
N LEU D 251 0.95 -11.86 -36.01
CA LEU D 251 1.66 -10.66 -35.58
C LEU D 251 0.79 -9.42 -35.84
N ILE D 252 -0.25 -9.59 -36.66
CA ILE D 252 -1.15 -8.50 -37.03
C ILE D 252 -1.72 -7.78 -35.81
N PRO D 253 -2.48 -8.50 -34.95
CA PRO D 253 -3.06 -7.87 -33.76
C PRO D 253 -2.01 -7.34 -32.77
N GLU D 254 -2.40 -6.34 -31.98
CA GLU D 254 -1.48 -5.76 -31.00
C GLU D 254 -1.84 -6.11 -29.55
N PHE D 255 -1.19 -7.16 -29.06
CA PHE D 255 -1.33 -7.65 -27.70
C PHE D 255 0.09 -7.50 -27.14
N SER D 256 0.27 -6.48 -26.30
CA SER D 256 1.57 -6.14 -25.69
C SER D 256 2.13 -7.22 -24.78
N ASP D 257 3.45 -7.30 -24.71
CA ASP D 257 4.11 -8.30 -23.88
C ASP D 257 3.54 -8.36 -22.46
N GLY D 258 2.84 -7.31 -22.04
CA GLY D 258 2.25 -7.31 -20.71
C GLY D 258 1.11 -8.33 -20.67
N PHE D 259 0.43 -8.46 -21.80
CA PHE D 259 -0.67 -9.39 -21.95
C PHE D 259 -0.20 -10.81 -21.71
N TRP D 260 0.95 -11.15 -22.29
CA TRP D 260 1.54 -12.48 -22.14
C TRP D 260 1.92 -12.78 -20.69
N THR D 261 2.43 -11.76 -20.01
CA THR D 261 2.85 -11.88 -18.63
C THR D 261 1.65 -12.08 -17.73
N GLY D 262 0.49 -11.62 -18.19
CA GLY D 262 -0.72 -11.74 -17.40
C GLY D 262 -0.94 -10.50 -16.57
N SER D 263 -0.03 -9.54 -16.71
CA SER D 263 -0.13 -8.28 -15.96
C SER D 263 -1.36 -7.52 -16.43
N GLN D 264 -1.66 -7.61 -17.72
CA GLN D 264 -2.79 -6.90 -18.27
C GLN D 264 -3.78 -7.79 -19.01
N LEU D 265 -4.91 -7.18 -19.39
CA LEU D 265 -5.95 -7.86 -20.15
C LEU D 265 -6.17 -7.01 -21.38
N ALA D 266 -6.51 -7.62 -22.50
CA ALA D 266 -6.74 -6.87 -23.71
C ALA D 266 -8.25 -6.74 -23.90
N CYS D 267 -8.75 -5.53 -24.20
CA CYS D 267 -10.19 -5.38 -24.41
C CYS D 267 -10.56 -5.14 -25.86
N TRP D 268 -11.59 -5.83 -26.32
CA TRP D 268 -12.04 -5.72 -27.70
C TRP D 268 -13.27 -4.82 -27.76
N THR D 269 -13.27 -3.91 -28.72
CA THR D 269 -14.37 -2.96 -28.90
C THR D 269 -15.36 -3.39 -29.98
N ASN D 270 -15.09 -4.50 -30.64
CA ASN D 270 -15.97 -4.98 -31.70
C ASN D 270 -16.72 -6.24 -31.33
N SER D 271 -17.81 -6.49 -32.03
CA SER D 271 -18.65 -7.68 -31.78
C SER D 271 -17.97 -8.98 -32.21
N GLU D 272 -16.97 -8.87 -33.07
CA GLU D 272 -16.27 -10.04 -33.57
C GLU D 272 -15.18 -10.45 -32.60
N THR D 273 -15.14 -11.74 -32.27
CA THR D 273 -14.12 -12.25 -31.36
C THR D 273 -12.79 -12.37 -32.10
N PRO D 274 -11.69 -12.16 -31.39
CA PRO D 274 -10.33 -12.24 -31.95
C PRO D 274 -9.80 -13.66 -31.98
N TRP D 275 -10.69 -14.65 -31.94
CA TRP D 275 -10.22 -16.03 -31.93
C TRP D 275 -9.67 -16.56 -33.24
N SER D 276 -10.37 -16.28 -34.33
CA SER D 276 -9.92 -16.77 -35.63
C SER D 276 -8.48 -16.40 -35.98
N TYR D 277 -7.86 -15.53 -35.20
CA TYR D 277 -6.49 -15.09 -35.48
C TYR D 277 -5.37 -15.82 -34.75
N PHE D 278 -5.73 -16.67 -33.79
CA PHE D 278 -4.76 -17.43 -33.02
C PHE D 278 -4.71 -18.88 -33.49
N PRO D 279 -3.57 -19.55 -33.27
CA PRO D 279 -3.33 -20.94 -33.64
C PRO D 279 -3.83 -21.92 -32.59
N LYS D 280 -3.95 -23.19 -32.95
CA LYS D 280 -4.37 -24.22 -32.01
C LYS D 280 -3.13 -24.61 -31.24
N ILE D 281 -3.30 -25.18 -30.06
CA ILE D 281 -2.15 -25.61 -29.27
C ILE D 281 -2.36 -27.08 -28.94
N SER D 282 -1.35 -27.90 -29.23
CA SER D 282 -1.48 -29.32 -28.95
C SER D 282 -0.37 -29.89 -28.11
N ILE D 283 -0.74 -30.86 -27.26
CA ILE D 283 0.20 -31.53 -26.38
C ILE D 283 0.16 -33.02 -26.67
N TYR D 284 1.32 -33.61 -26.95
CA TYR D 284 1.37 -35.05 -27.22
C TYR D 284 1.76 -35.82 -25.96
N LEU D 285 0.96 -36.83 -25.61
CA LEU D 285 1.24 -37.67 -24.44
C LEU D 285 1.48 -39.10 -24.90
N ARG D 286 2.43 -39.78 -24.26
CA ARG D 286 2.73 -41.16 -24.64
C ARG D 286 1.55 -42.05 -24.29
N ASP D 287 1.17 -42.93 -25.20
CA ASP D 287 0.05 -43.83 -24.92
C ASP D 287 0.57 -44.96 -24.04
N GLU D 288 -0.32 -45.77 -23.47
CA GLU D 288 0.13 -46.89 -22.64
C GLU D 288 1.03 -47.81 -23.45
N ASN D 289 0.88 -47.74 -24.77
CA ASN D 289 1.66 -48.55 -25.71
C ASN D 289 2.83 -47.72 -26.26
N SER D 290 3.91 -47.68 -25.51
CA SER D 290 5.13 -46.92 -25.86
C SER D 290 5.24 -46.44 -27.31
N SER D 291 5.17 -47.36 -28.25
CA SER D 291 5.30 -47.03 -29.66
C SER D 291 4.35 -45.96 -30.20
N ARG D 292 3.23 -45.74 -29.52
CA ARG D 292 2.26 -44.76 -29.97
C ARG D 292 2.08 -43.64 -28.95
N SER D 293 1.35 -42.61 -29.37
CA SER D 293 1.07 -41.45 -28.53
C SER D 293 -0.22 -40.91 -29.07
N PHE D 294 -0.89 -40.07 -28.31
CA PHE D 294 -2.13 -39.46 -28.76
C PHE D 294 -1.96 -38.00 -28.47
N ARG D 295 -2.84 -37.14 -28.97
CA ARG D 295 -2.65 -35.73 -28.68
C ARG D 295 -3.93 -35.02 -28.34
N ILE D 296 -3.87 -34.17 -27.31
CA ILE D 296 -5.01 -33.35 -26.87
C ILE D 296 -4.78 -31.95 -27.42
N THR D 297 -5.86 -31.27 -27.76
CA THR D 297 -5.75 -29.95 -28.35
C THR D 297 -6.81 -28.97 -27.89
N ILE D 298 -6.39 -27.73 -27.70
CA ILE D 298 -7.32 -26.71 -27.28
C ILE D 298 -7.30 -25.61 -28.32
N LEU D 299 -8.48 -25.11 -28.70
CA LEU D 299 -8.51 -24.02 -29.66
C LEU D 299 -8.35 -22.72 -28.84
N PRO D 300 -8.12 -21.58 -29.50
CA PRO D 300 -7.96 -20.32 -28.76
C PRO D 300 -9.10 -19.93 -27.81
N GLN D 301 -10.31 -20.43 -28.03
CA GLN D 301 -11.37 -20.07 -27.12
C GLN D 301 -11.01 -20.51 -25.70
N LEU D 302 -10.12 -21.49 -25.59
CA LEU D 302 -9.76 -21.95 -24.26
C LEU D 302 -8.55 -21.26 -23.66
N TYR D 303 -7.71 -20.62 -24.48
CA TYR D 303 -6.53 -19.96 -23.91
C TYR D 303 -6.46 -18.45 -24.12
N ILE D 304 -7.47 -17.90 -24.76
CA ILE D 304 -7.59 -16.45 -24.93
C ILE D 304 -8.95 -16.31 -24.29
N GLN D 305 -8.96 -16.42 -22.96
CA GLN D 305 -10.16 -16.40 -22.13
C GLN D 305 -10.74 -15.02 -21.92
N PRO D 306 -12.06 -14.88 -22.14
CA PRO D 306 -12.81 -13.63 -21.98
C PRO D 306 -13.28 -13.29 -20.58
N MET D 307 -13.38 -11.99 -20.31
CA MET D 307 -13.81 -11.43 -19.03
C MET D 307 -14.94 -10.45 -19.30
N MET D 308 -15.77 -10.20 -18.27
CA MET D 308 -16.90 -9.28 -18.37
C MET D 308 -16.52 -8.02 -19.12
N GLY D 309 -17.41 -7.61 -20.03
CA GLY D 309 -17.19 -6.43 -20.84
C GLY D 309 -16.86 -5.13 -20.13
N ALA D 310 -17.88 -4.45 -19.62
CA ALA D 310 -17.71 -3.17 -18.92
C ALA D 310 -17.26 -2.03 -19.85
N GLY D 311 -17.98 -0.91 -19.76
CA GLY D 311 -17.65 0.24 -20.58
C GLY D 311 -18.21 0.11 -21.98
N LEU D 312 -17.40 0.53 -22.94
CA LEU D 312 -17.76 0.49 -24.35
C LEU D 312 -17.15 -0.75 -24.99
N ASN D 313 -16.61 -1.63 -24.16
CA ASN D 313 -15.96 -2.86 -24.63
C ASN D 313 -16.90 -4.05 -24.54
N TYR D 314 -16.83 -4.94 -25.53
CA TYR D 314 -17.68 -6.11 -25.47
C TYR D 314 -17.15 -7.02 -24.40
N GLU D 315 -15.82 -7.14 -24.36
CA GLU D 315 -15.16 -7.93 -23.33
C GLU D 315 -13.66 -7.76 -23.38
N CYS D 316 -13.00 -8.29 -22.36
CA CYS D 316 -11.55 -8.20 -22.29
C CYS D 316 -11.07 -9.63 -22.17
N TYR D 317 -9.84 -9.89 -22.62
CA TYR D 317 -9.34 -11.25 -22.57
C TYR D 317 -8.03 -11.35 -21.84
N ARG D 318 -7.84 -12.46 -21.13
CA ARG D 318 -6.59 -12.72 -20.42
C ARG D 318 -5.90 -13.87 -21.14
N PHE D 319 -4.58 -13.95 -21.02
CA PHE D 319 -3.84 -15.04 -21.65
C PHE D 319 -3.92 -16.25 -20.73
N GLY D 320 -4.40 -17.38 -21.24
CA GLY D 320 -4.53 -18.57 -20.42
C GLY D 320 -3.27 -19.38 -20.22
N ILE D 321 -2.12 -18.78 -20.53
CA ILE D 321 -0.86 -19.50 -20.36
C ILE D 321 0.10 -18.69 -19.53
N SER D 322 0.71 -19.36 -18.56
CA SER D 322 1.64 -18.73 -17.65
C SER D 322 2.98 -19.47 -17.61
N PRO D 323 4.07 -18.74 -17.37
CA PRO D 323 5.43 -19.29 -17.28
C PRO D 323 5.71 -19.84 -15.90
N SER D 324 6.39 -20.98 -15.83
CA SER D 324 6.71 -21.61 -14.55
C SER D 324 8.20 -21.69 -14.37
N THR D 325 8.64 -21.84 -13.13
CA THR D 325 10.05 -21.96 -12.81
C THR D 325 10.51 -23.40 -12.97
N ASN D 326 9.83 -24.31 -12.30
CA ASN D 326 10.15 -25.73 -12.38
C ASN D 326 8.91 -26.59 -12.35
N ALA D 327 8.33 -26.85 -13.53
CA ALA D 327 7.12 -27.69 -13.67
C ALA D 327 6.21 -27.29 -14.82
N LEU D 328 5.60 -28.29 -15.43
CA LEU D 328 4.67 -28.06 -16.52
C LEU D 328 3.32 -28.46 -15.94
N VAL D 329 2.48 -27.47 -15.66
CA VAL D 329 1.19 -27.73 -15.06
C VAL D 329 0.01 -27.61 -16.00
N ILE D 330 -0.60 -28.76 -16.29
CA ILE D 330 -1.75 -28.79 -17.16
C ILE D 330 -2.92 -28.47 -16.26
N GLY D 331 -3.26 -27.19 -16.18
CA GLY D 331 -4.35 -26.76 -15.34
C GLY D 331 -5.69 -26.62 -16.02
N ALA D 332 -6.56 -25.82 -15.41
CA ALA D 332 -7.92 -25.57 -15.89
C ALA D 332 -8.02 -25.19 -17.36
N THR D 333 -7.23 -24.22 -17.80
CA THR D 333 -7.34 -23.83 -19.19
C THR D 333 -7.27 -25.02 -20.12
N VAL D 334 -6.58 -26.08 -19.74
CA VAL D 334 -6.51 -27.23 -20.63
C VAL D 334 -7.55 -28.28 -20.27
N MET D 335 -7.73 -28.52 -18.98
CA MET D 335 -8.71 -29.51 -18.57
C MET D 335 -10.13 -29.10 -18.94
N GLU D 336 -10.35 -27.79 -19.06
CA GLU D 336 -11.68 -27.30 -19.37
C GLU D 336 -12.17 -27.86 -20.70
N GLY D 337 -11.27 -28.45 -21.46
CA GLY D 337 -11.66 -28.97 -22.76
C GLY D 337 -11.84 -30.47 -22.81
N PHE D 338 -11.54 -31.16 -21.71
CA PHE D 338 -11.69 -32.61 -21.73
C PHE D 338 -12.32 -33.18 -20.49
N TYR D 339 -12.53 -34.48 -20.53
CA TYR D 339 -13.08 -35.23 -19.42
C TYR D 339 -11.88 -35.98 -18.95
N VAL D 340 -11.35 -35.62 -17.79
CA VAL D 340 -10.17 -36.29 -17.26
C VAL D 340 -10.48 -37.41 -16.29
N ILE D 341 -9.86 -38.56 -16.54
CA ILE D 341 -10.06 -39.73 -15.69
C ILE D 341 -8.83 -40.06 -14.90
N PHE D 342 -8.92 -39.94 -13.59
CA PHE D 342 -7.78 -40.26 -12.72
C PHE D 342 -7.93 -41.69 -12.24
N ASP D 343 -7.39 -42.59 -13.05
CA ASP D 343 -7.45 -44.03 -12.79
C ASP D 343 -6.30 -44.45 -11.89
N ARG D 344 -6.39 -44.07 -10.62
CA ARG D 344 -5.34 -44.39 -9.67
C ARG D 344 -5.09 -45.90 -9.58
N ALA D 345 -6.15 -46.69 -9.75
CA ALA D 345 -6.04 -48.14 -9.69
C ALA D 345 -5.10 -48.73 -10.74
N GLN D 346 -5.28 -48.33 -11.99
CA GLN D 346 -4.46 -48.83 -13.10
C GLN D 346 -3.33 -47.88 -13.47
N LYS D 347 -2.93 -47.05 -12.51
CA LYS D 347 -1.84 -46.11 -12.69
C LYS D 347 -1.85 -45.41 -14.04
N ARG D 348 -2.95 -44.73 -14.36
CA ARG D 348 -3.02 -44.04 -15.63
C ARG D 348 -4.04 -42.93 -15.58
N VAL D 349 -3.89 -41.98 -16.50
CA VAL D 349 -4.79 -40.85 -16.59
C VAL D 349 -5.37 -40.85 -17.98
N GLY D 350 -6.69 -40.75 -18.09
CA GLY D 350 -7.29 -40.75 -19.41
C GLY D 350 -7.97 -39.45 -19.75
N PHE D 351 -8.01 -39.11 -21.04
CA PHE D 351 -8.67 -37.91 -21.50
C PHE D 351 -9.68 -38.26 -22.55
N ALA D 352 -10.73 -37.47 -22.64
CA ALA D 352 -11.77 -37.67 -23.64
C ALA D 352 -12.38 -36.33 -24.02
N ALA D 353 -12.71 -36.20 -25.29
CA ALA D 353 -13.31 -34.98 -25.80
C ALA D 353 -14.51 -34.67 -24.94
N SER D 354 -14.54 -33.47 -24.38
CA SER D 354 -15.65 -33.06 -23.51
C SER D 354 -16.74 -32.27 -24.27
N PRO D 355 -17.94 -32.86 -24.39
CA PRO D 355 -19.08 -32.27 -25.08
C PRO D 355 -19.42 -30.85 -24.62
N CYS D 356 -19.59 -30.69 -23.31
CA CYS D 356 -19.94 -29.38 -22.75
C CYS D 356 -18.94 -28.29 -23.13
N ALA D 357 -17.78 -28.70 -23.67
CA ALA D 357 -16.75 -27.77 -24.07
C ALA D 357 -17.01 -27.25 -25.47
N GLU D 358 -18.21 -26.71 -25.68
CA GLU D 358 -18.60 -26.18 -26.97
C GLU D 358 -18.85 -24.68 -26.86
N ILE D 359 -18.79 -24.00 -28.00
CA ILE D 359 -19.02 -22.56 -28.08
C ILE D 359 -19.73 -22.29 -29.40
N ALA D 360 -21.04 -22.08 -29.33
CA ALA D 360 -21.86 -21.84 -30.51
C ALA D 360 -21.99 -23.13 -31.32
N GLY D 361 -22.14 -24.24 -30.60
CA GLY D 361 -22.28 -25.52 -31.26
C GLY D 361 -20.98 -25.99 -31.90
N ALA D 362 -19.88 -25.34 -31.52
CA ALA D 362 -18.57 -25.66 -32.09
C ALA D 362 -17.61 -26.21 -31.04
N ALA D 363 -16.98 -27.34 -31.39
CA ALA D 363 -16.01 -27.98 -30.51
C ALA D 363 -14.86 -27.02 -30.26
N VAL D 364 -14.41 -26.99 -29.02
CA VAL D 364 -13.35 -26.08 -28.67
C VAL D 364 -12.08 -26.84 -28.29
N SER D 365 -12.17 -28.17 -28.35
CA SER D 365 -11.04 -29.01 -28.01
C SER D 365 -11.08 -30.25 -28.89
N GLU D 366 -9.92 -30.83 -29.15
CA GLU D 366 -9.85 -32.01 -29.98
C GLU D 366 -8.90 -33.04 -29.36
N ILE D 367 -9.09 -34.29 -29.74
CA ILE D 367 -8.23 -35.34 -29.26
C ILE D 367 -8.19 -36.36 -30.38
N SER D 368 -7.01 -36.89 -30.67
CA SER D 368 -6.88 -37.88 -31.72
C SER D 368 -5.61 -38.68 -31.57
N GLY D 369 -5.59 -39.84 -32.22
CA GLY D 369 -4.44 -40.70 -32.17
C GLY D 369 -4.74 -42.03 -32.79
N PRO D 370 -3.77 -42.96 -32.76
CA PRO D 370 -2.45 -42.74 -32.17
C PRO D 370 -1.45 -42.30 -33.23
N PHE D 371 -0.40 -41.60 -32.80
CA PHE D 371 0.65 -41.13 -33.71
C PHE D 371 1.90 -41.95 -33.40
N SER D 372 2.84 -42.04 -34.33
CA SER D 372 4.04 -42.82 -34.07
C SER D 372 5.01 -42.09 -33.15
N THR D 373 5.51 -42.77 -32.12
CA THR D 373 6.47 -42.18 -31.20
C THR D 373 7.83 -42.69 -31.60
N GLU D 374 7.84 -43.89 -32.16
CA GLU D 374 9.07 -44.53 -32.61
C GLU D 374 9.69 -43.70 -33.73
N ASP D 375 10.50 -42.72 -33.32
CA ASP D 375 11.18 -41.82 -34.25
C ASP D 375 11.85 -40.75 -33.40
N VAL D 376 11.16 -40.35 -32.34
CA VAL D 376 11.64 -39.33 -31.41
C VAL D 376 11.27 -39.67 -29.96
N ALA D 377 12.21 -39.46 -29.04
CA ALA D 377 12.04 -39.68 -27.60
C ALA D 377 12.68 -40.94 -27.03
N SER D 378 11.87 -41.72 -26.30
CA SER D 378 12.25 -42.97 -25.61
C SER D 378 11.73 -42.85 -24.18
N ASN D 379 12.17 -41.79 -23.52
CA ASN D 379 11.76 -41.48 -22.15
C ASN D 379 12.10 -40.01 -21.93
N CYS D 380 11.07 -39.17 -21.94
CA CYS D 380 11.28 -37.74 -21.78
C CYS D 380 11.30 -37.21 -20.36
N VAL D 381 11.30 -38.11 -19.37
CA VAL D 381 11.33 -37.70 -17.96
C VAL D 381 12.75 -37.85 -17.41
N PRO D 382 13.51 -36.75 -17.39
CA PRO D 382 14.89 -36.79 -16.88
C PRO D 382 15.00 -37.35 -15.47
N ALA D 383 16.05 -38.10 -15.22
CA ALA D 383 16.29 -38.69 -13.91
C ALA D 383 17.46 -37.96 -13.22
N1 DBO E . 7.90 23.99 1.56
C3 DBO E . 6.92 25.14 1.63
C5 DBO E . 7.53 26.46 1.14
O7 DBO E . 6.63 27.48 1.22
C9 DBO E . 7.97 26.38 -0.31
N12 DBO E . 8.54 27.64 -0.76
C14 DBO E . 8.36 27.99 -2.19
C17 DBO E . 6.96 27.75 -2.82
C18 DBO E . 5.69 28.47 -2.36
C20 DBO E . 4.34 28.21 -3.01
C21 DBO E . 4.26 27.20 -4.15
C23 DBO E . 5.53 26.48 -4.63
C25 DBO E . 6.86 26.75 -3.96
C27 DBO E . 3.08 28.97 -2.49
C31 DBO E . 6.46 25.17 3.08
C34 DBO E . 5.82 23.86 3.59
C35 DBO E . 6.19 23.36 4.94
C37 DBO E . 5.58 22.07 5.49
C39 DBO E . 4.60 21.32 4.64
C41 DBO E . 4.22 21.82 3.28
C43 DBO E . 4.82 23.06 2.76
C45 DBO E . 7.94 23.01 0.57
O46 DBO E . 7.17 22.96 -0.42
C47 DBO E . 8.93 21.95 0.63
C48 DBO E . 9.74 21.78 -0.50
C50 DBO E . 10.82 20.75 -0.68
C51 DBO E . 11.73 20.32 0.50
C52 DBO E . 12.78 19.32 0.30
C54 DBO E . 12.97 18.74 -1.04
C56 DBO E . 12.09 19.16 -2.19
C58 DBO E . 11.02 20.18 -1.99
O60 DBO E . 11.55 20.89 1.79
C61 DBO E . 10.41 20.54 2.47
C62 DBO E . 9.04 21.03 1.96
C63 DBO E . 7.85 20.61 2.78
C65 DBO E . 8.00 19.75 4.03
C67 DBO E . 9.37 19.29 4.49
C69 DBO E . 10.57 19.70 3.69
N1 DBO F . 25.59 -7.24 22.33
C3 DBO F . 26.01 -7.75 23.69
C5 DBO F . 25.48 -9.16 23.97
O7 DBO F . 25.89 -9.58 25.21
C9 DBO F . 26.00 -10.17 22.99
N12 DBO F . 25.51 -11.51 23.28
C14 DBO F . 26.37 -12.65 22.92
C17 DBO F . 27.89 -12.54 23.27
C18 DBO F . 28.42 -12.41 24.70
C20 DBO F . 29.90 -12.31 25.00
C21 DBO F . 30.89 -12.33 23.83
C23 DBO F . 30.37 -12.46 22.38
C25 DBO F . 28.87 -12.57 22.12
C27 DBO F . 30.39 -12.17 26.47
C31 DBO F . 25.52 -6.69 24.67
C34 DBO F . 26.07 -5.27 24.42
C35 DBO F . 25.13 -4.11 24.51
C37 DBO F . 25.62 -2.69 24.28
C39 DBO F . 27.06 -2.47 23.93
C41 DBO F . 28.01 -3.63 23.83
C43 DBO F . 27.53 -4.99 24.07
C45 DBO F . 26.38 -7.21 21.18
O46 DBO F . 27.57 -7.63 21.14
C47 DBO F . 25.85 -6.68 19.94
C48 DBO F . 25.92 -7.52 18.82
C50 DBO F . 25.45 -7.21 17.43
C51 DBO F . 24.18 -6.36 17.18
C52 DBO F . 23.74 -6.06 15.82
C54 DBO F . 24.52 -6.58 14.69
C56 DBO F . 25.75 -7.41 14.92
C58 DBO F . 26.21 -7.72 16.31
O60 DBO F . 23.42 -5.86 18.27
C61 DBO F . 24.00 -4.87 19.04
C62 DBO F . 25.23 -5.20 19.91
C63 DBO F . 25.79 -4.04 20.71
C65 DBO F . 25.18 -2.65 20.64
C67 DBO F . 23.97 -2.37 19.77
C69 DBO F . 23.39 -3.51 18.97
N1 DBO G . -24.03 7.11 -24.30
C3 DBO G . -25.38 7.67 -24.64
C5 DBO G . -25.56 9.11 -24.16
O7 DBO G . -26.82 9.57 -24.48
C9 DBO G . -24.58 10.05 -24.79
N12 DBO G . -24.78 11.42 -24.34
C14 DBO G . -24.44 12.51 -25.28
C17 DBO G . -24.90 12.35 -26.76
C18 DBO G . -26.37 12.26 -27.18
C20 DBO G . -26.77 12.11 -28.64
C21 DBO G . -25.68 12.04 -29.70
C23 DBO G . -24.20 12.12 -29.29
C25 DBO G . -23.82 12.28 -27.83
C27 DBO G . -28.28 12.02 -29.01
C31 DBO G . -26.37 6.68 -24.03
C34 DBO G . -26.21 5.22 -24.53
C35 DBO G . -26.29 4.11 -23.53
C37 DBO G . -26.15 2.66 -23.97
C39 DBO G . -25.92 2.35 -25.43
C41 DBO G . -25.83 3.47 -26.42
C43 DBO G . -25.98 4.86 -26.00
C45 DBO G . -22.93 7.01 -25.15
O46 DBO G . -22.95 7.37 -26.36
C47 DBO G . -21.68 6.45 -24.69
C48 DBO G . -20.53 7.23 -24.88
C50 DBO G . -19.13 6.87 -24.49
C51 DBO G . -18.83 6.07 -23.20
C52 DBO G . -17.45 5.73 -22.85
C54 DBO G . -16.35 6.16 -23.73
C56 DBO G . -16.65 6.95 -24.98
C58 DBO G . -18.04 7.30 -25.36
O60 DBO G . -19.89 5.65 -22.36
C61 DBO G . -20.72 4.67 -22.84
C62 DBO G . -21.67 4.98 -24.01
C63 DBO G . -22.55 3.84 -24.46
C65 DBO G . -22.50 2.47 -23.78
C67 DBO G . -21.55 2.22 -22.64
C69 DBO G . -20.66 3.33 -22.16
N1 DBO H . -2.91 -24.12 -6.75
C3 DBO H . -2.93 -25.23 -5.74
C5 DBO H . -2.50 -26.57 -6.33
O7 DBO H . -2.53 -27.56 -5.38
C9 DBO H . -1.08 -26.55 -6.85
N12 DBO H . -0.68 -27.82 -7.40
C14 DBO H . 0.75 -28.19 -7.30
C17 DBO H . 1.47 -27.91 -5.95
C18 DBO H . 1.08 -28.58 -4.64
C20 DBO H . 1.81 -28.29 -3.33
C21 DBO H . 2.97 -27.29 -3.37
C23 DBO H . 3.38 -26.61 -4.68
C25 DBO H . 2.63 -26.93 -5.96
C27 DBO H . 1.37 -28.99 -2.03
C31 DBO H . -4.35 -25.22 -5.18
C34 DBO H . -4.80 -23.88 -4.56
C35 DBO H . -6.17 -23.36 -4.86
C37 DBO H . -6.65 -22.05 -4.27
C39 DBO H . -5.73 -21.28 -3.36
C41 DBO H . -4.35 -21.79 -3.06
C43 DBO H . -3.90 -23.06 -3.64
C45 DBO H . -1.91 -23.16 -6.90
O46 DBO H . -0.87 -23.09 -6.18
C47 DBO H . -2.01 -22.13 -7.92
C48 DBO H . -0.94 -22.00 -8.80
C50 DBO H . -0.80 -21.02 -9.93
C51 DBO H . -2.03 -20.60 -10.77
C52 DBO H . -1.88 -19.64 -11.87
C54 DBO H . -0.55 -19.08 -12.16
C56 DBO H . 0.64 -19.49 -11.33
C58 DBO H . 0.50 -20.47 -10.21
O60 DBO H . -3.32 -21.14 -10.50
C61 DBO H . -3.91 -20.75 -9.33
C62 DBO H . -3.33 -21.20 -7.98
C63 DBO H . -4.07 -20.72 -6.74
C65 DBO H . -5.31 -19.83 -6.86
C67 DBO H . -5.85 -19.42 -8.21
C69 DBO H . -5.14 -19.88 -9.44
#